data_7NJ1
#
_entry.id   7NJ1
#
_cell.length_a   1.00
_cell.length_b   1.00
_cell.length_c   1.00
_cell.angle_alpha   90.00
_cell.angle_beta   90.00
_cell.angle_gamma   90.00
#
_symmetry.space_group_name_H-M   'P 1'
#
loop_
_entity.id
_entity.type
_entity.pdbx_description
1 polymer Separin
2 polymer Securin
#
loop_
_entity_poly.entity_id
_entity_poly.type
_entity_poly.pdbx_seq_one_letter_code
_entity_poly.pdbx_strand_id
1 'polypeptide(L)'
;MRSFKRVNFGTLLSSQKEAEELLPDLKEFLSNPPAGFPSSRSDAERRQACDAILRACNQQLTAKLACPRHLGSLLELAEL
ACDGYLVSTPQRPPLYLERILFVLLRNAAAQGSPEVTLRLAQPLHACLVQCSREAAPQDYEAVARGSFSLLWKGAEALLE
RRAAFAARLKALSFLVLLEDESTPCEVPHFASPTACRAVAAHQLFDASGHGLNEADADFLDDLLSRHVIRALVGERGSSS
GLLSPQRALCLLELTLEHCRRFCWSRHHDKAISAVEKAHSYLRNTNLAPSLQLCQLGVKLLQVGEEGPQAVAKLLIKASA
VLSKSMEAPSPPLRALYESCQFFLSGLERGTKRRYRLDAILSLFAFLGGYCSLLQQLRDDGVYGGSSKQQQSFLQMYFQG
LHLYTVVVYDFAQGCQIVDLADLTQLVDSCKSTVVWMLEALEGLSGQELTDHMGMTASYTSNLAYSFYSHKLYAEACAIS
EPLCQHLGLVKPGTYPEVPPEKLHRCFRLQVESLKKLGKQAQGCKMVILWLAALQPCSPEHMAEPVTFWVRVKMDAARAG
DKELQLKTLRDSLSGWDPETLALLLREELQAYKAVRADTGQERFNIICDLLELSPEETPAGAWARATHLVELAQVLCYHD
FTQQTNCSALDAIREALQLLDSVRPEAQARDQLLDDKAQALLWLYICTLEAKIQEGIERDRRAQAPGNLEEFEVNDLNYE
DKLQEDRFLYSNIAFNLAADAAQSKCLDQALALWKELLTKGQAPAVRCLQQTAASLQILAALYQLVAKPMQALEVLLLLR
IVSERLKDHSKAAGSSCHITQLLLTLGCPSYAQLHLEEAASSLKHLDQTTDTYLLLSLTCDLLRSQLYWTHQKVTKGVSL
LLSVLRDPALQKSSKAWYLLRVQVLQLVAAYLSLPSNNLSHSLWEQLCAQGWQTPEIALIDSHKLLRSIILLLMGSDILS
TQKAAVETSFLDYGENLVQKWQVLSEVLSCSEKLVCHLGRLGSVSEAKAFCLEALKLTTKLQIPRQCALFLVLKGELELA
RNDIDLCQSDLQQVLFLLESCTEFGGVTQHLDSVKKVHLQKGKQQAQVPCPPQLPEEELFLRGPALELVATVAKEPGPIA
PSTNSSPVLKTKPQPIPNFLSHSPTCDCSLCASPVLTAVCLRWVLVTAGVRLAMGHQAQGLDLLQVVLKGCPEAAERLTQ
ALQASLNHKTPPSLVPSLLDEILAQAYTLLALEGLNQPSNESLQKVLQSGLKFVAARIPHLEPWRASLLLIWALTKLGGL
SCCTTQLFASSWGWQPPLIKSVPGSEPSKTQGQKRSGRGRQKLASAPLSLNNTSQKGLEGRGLPCTPKPPDRIRQAGPHV
PFTVFEEVCPTESKPEVPQAPRVQQRVQTRLKVNFSDDSDLEDPVSAEAWLAEEPKRRGTASRGRGRARKGLSLKTDAVV
APGSAPGNPGLNGRSRRAKKVASRHCEERRPQRASDQARPGPEIMRTIPEEELTDNWRKMSFEILRGSDGEDSASGGKTP
APGPEAASGEWELLRLDSSKKKLPSPCPDKESDKDLGPRLQLPSAPVATGLSTLDSICDSLSVAFRGISHCPPSGLYAHL
CRFLALCLGHRDPYATAFLVTESVSITCRHQLLTHLHRQLSKAQKHRGSLEIADQLQGLSLQEMPGDVPLARIQRLFSFR
ALESGHFPQPEKESFQERLALIPSGVTVCVLALATLQPGTVGNTLLLTRLEKDSPPVSVQIPTGQNKLHLRSVLNEFDAI
QKAQKENSSCTDKREWWTGRLALDHRMEVLIASLEKSVLGCWKGLLLPSSEEPGPAQEASRLQELLQDCGWKYPDRTLLK
IMLSGAGALTPQDIQALAYGLCPTQPERAQELLNEAVGRLQGLTVPSNSHLVLVLDKDLQKLPWESMPSLQALPVTRLPS
FRFLLSYSIIKEYGASPVLSQGVDPRSTFYVLNPHNNLSSTEEQFRANFSSEAGWRGVVGEVPRPEQVQEALTKHDLYIY
AGHGAGARFLDGQAVLRLSCRAVALLFGCSSAALAVHGNLEGAGIVLKYIMAGCPLFLGNLWDVTDRDIDRYTEALLQGW
LGAGPGAPLLYYVNQARQAPRLKYLIGAAPIAYGLPVSLRSSLAEENLYFQSWSHPQFEKGGGSGGGSGGGSWSHPQFEK
;
A
2 'polypeptide(L)'
;MATLIYVDKENGEPGTRVVAKDGLKLGSGPSIKALDGRSQVSTPRFGKTFDAPPALPKATRKALGTVNRATEKSVKTKGP
LKQKQPSFSAKKMTEKTVKAKSSVPASDDAYPEIEKFFPFNPLDFESFDLPEEHQIAHLPLSGVPLMILDEERELEKLFQ
LGPPSPVKMPSPPWESNLLQSPSSILSTLDVELPPVCCDIDI
;
B
#
# COMPACT_ATOMS: atom_id res chain seq x y z
N LEU A 243 99.98 -10.38 -2.61
CA LEU A 243 99.59 -11.50 -1.70
C LEU A 243 99.50 -12.80 -2.52
N SER A 244 99.98 -13.92 -1.94
CA SER A 244 99.91 -15.23 -2.64
C SER A 244 98.44 -15.65 -2.82
N PRO A 245 98.12 -16.60 -3.72
CA PRO A 245 96.72 -16.92 -3.94
C PRO A 245 95.97 -17.11 -2.63
N GLN A 246 96.52 -17.94 -1.74
CA GLN A 246 95.86 -18.19 -0.43
C GLN A 246 95.83 -16.87 0.37
N ARG A 247 96.95 -16.14 0.39
CA ARG A 247 97.01 -14.85 1.12
C ARG A 247 96.00 -13.88 0.50
N ALA A 248 95.88 -13.87 -0.84
CA ALA A 248 94.90 -12.99 -1.51
C ALA A 248 93.48 -13.40 -1.09
N LEU A 249 93.22 -14.70 -1.00
CA LEU A 249 91.88 -15.18 -0.56
C LEU A 249 91.65 -14.71 0.88
N CYS A 250 92.65 -14.86 1.75
CA CYS A 250 92.54 -14.39 3.15
C CYS A 250 92.40 -12.86 3.15
N LEU A 251 93.11 -12.18 2.24
CA LEU A 251 93.02 -10.70 2.15
C LEU A 251 91.59 -10.30 1.79
N LEU A 252 90.97 -11.02 0.85
CA LEU A 252 89.55 -10.75 0.49
C LEU A 252 88.69 -10.89 1.75
N GLU A 253 88.88 -11.99 2.49
CA GLU A 253 88.09 -12.21 3.74
C GLU A 253 88.36 -11.06 4.71
N LEU A 254 89.64 -10.70 4.88
CA LEU A 254 90.02 -9.59 5.81
C LEU A 254 89.42 -8.27 5.31
N THR A 255 89.50 -8.02 4.00
CA THR A 255 88.95 -6.78 3.42
C THR A 255 87.45 -6.77 3.63
N LEU A 256 86.81 -7.90 3.38
CA LEU A 256 85.34 -8.01 3.62
C LEU A 256 85.09 -7.77 5.11
N GLU A 257 85.93 -8.35 5.96
CA GLU A 257 85.78 -8.15 7.43
C GLU A 257 85.97 -6.67 7.77
N HIS A 258 86.94 -6.02 7.12
CA HIS A 258 87.17 -4.57 7.36
C HIS A 258 85.92 -3.79 6.94
N CYS A 259 85.37 -4.12 5.77
CA CYS A 259 84.13 -3.46 5.31
C CYS A 259 83.00 -3.82 6.29
N ARG A 260 82.94 -5.08 6.71
CA ARG A 260 81.91 -5.52 7.69
C ARG A 260 82.15 -4.78 9.02
N ARG A 261 83.42 -4.59 9.38
CA ARG A 261 83.75 -3.85 10.63
C ARG A 261 83.25 -2.41 10.49
N PHE A 262 83.48 -1.79 9.32
CA PHE A 262 82.97 -0.42 9.08
C PHE A 262 81.46 -0.46 9.26
N CYS A 263 80.82 -1.49 8.69
CA CYS A 263 79.34 -1.63 8.82
C CYS A 263 78.97 -1.94 10.28
N TRP A 264 79.81 -2.70 10.98
CA TRP A 264 79.51 -3.09 12.38
C TRP A 264 79.24 -1.83 13.21
N SER A 265 80.02 -0.77 12.97
CA SER A 265 79.76 0.52 13.67
C SER A 265 79.17 1.53 12.68
N ARG A 266 78.82 1.08 11.47
CA ARG A 266 78.29 2.01 10.44
C ARG A 266 79.24 3.21 10.32
N HIS A 267 80.55 2.96 10.30
CA HIS A 267 81.55 4.06 10.27
C HIS A 267 81.93 4.38 8.82
N HIS A 268 82.56 5.55 8.61
CA HIS A 268 82.97 5.97 7.24
C HIS A 268 84.46 6.28 7.24
N ASP A 269 84.95 6.98 8.27
CA ASP A 269 86.40 7.27 8.38
C ASP A 269 87.15 5.95 8.54
N LYS A 270 86.61 5.03 9.34
CA LYS A 270 87.24 3.69 9.49
C LYS A 270 87.18 2.98 8.13
N ALA A 271 86.06 3.12 7.42
CA ALA A 271 85.96 2.52 6.07
C ALA A 271 87.02 3.14 5.16
N ILE A 272 87.25 4.46 5.32
CA ILE A 272 88.29 5.15 4.51
C ILE A 272 89.66 4.55 4.85
N SER A 273 89.90 4.27 6.14
CA SER A 273 91.18 3.62 6.54
C SER A 273 91.25 2.22 5.90
N ALA A 274 90.15 1.48 5.92
CA ALA A 274 90.12 0.15 5.27
C ALA A 274 90.32 0.34 3.76
N VAL A 275 89.74 1.42 3.20
CA VAL A 275 89.93 1.72 1.75
C VAL A 275 91.42 1.98 1.50
N GLU A 276 92.08 2.69 2.41
CA GLU A 276 93.54 2.94 2.28
C GLU A 276 94.27 1.60 2.35
N LYS A 277 93.86 0.72 3.26
CA LYS A 277 94.48 -0.62 3.37
C LYS A 277 94.23 -1.39 2.07
N ALA A 278 93.02 -1.27 1.51
CA ALA A 278 92.71 -1.94 0.22
C ALA A 278 93.55 -1.30 -0.88
N HIS A 279 93.70 0.03 -0.84
CA HIS A 279 94.53 0.75 -1.85
C HIS A 279 95.97 0.21 -1.74
N SER A 280 96.42 -0.06 -0.51
CA SER A 280 97.77 -0.65 -0.33
C SER A 280 97.80 -2.05 -0.96
N TYR A 281 96.71 -2.81 -0.82
CA TYR A 281 96.64 -4.18 -1.38
C TYR A 281 96.40 -4.12 -2.89
N LEU A 282 96.03 -2.94 -3.40
CA LEU A 282 95.73 -2.80 -4.85
C LEU A 282 96.93 -3.33 -5.65
N ARG A 283 96.69 -4.25 -6.58
CA ARG A 283 97.80 -4.85 -7.37
C ARG A 283 97.22 -5.51 -8.64
N THR A 285 93.92 -7.68 -8.24
CA THR A 285 93.63 -9.12 -8.04
C THR A 285 92.16 -9.38 -8.33
N ASN A 286 91.71 -10.62 -8.16
CA ASN A 286 90.27 -10.93 -8.34
C ASN A 286 89.50 -10.32 -7.18
N LEU A 287 90.06 -10.39 -5.96
CA LEU A 287 89.41 -9.82 -4.76
C LEU A 287 89.45 -8.28 -4.83
N ALA A 288 90.37 -7.73 -5.62
CA ALA A 288 90.49 -6.25 -5.72
C ALA A 288 89.19 -5.67 -6.28
N PRO A 289 88.63 -6.25 -7.36
CA PRO A 289 87.35 -5.76 -7.86
C PRO A 289 86.31 -5.89 -6.76
N SER A 290 86.35 -7.01 -6.03
CA SER A 290 85.39 -7.22 -4.92
C SER A 290 85.57 -6.13 -3.86
N LEU A 291 86.81 -5.87 -3.45
CA LEU A 291 87.09 -4.80 -2.46
C LEU A 291 86.62 -3.46 -3.05
N GLN A 292 86.86 -3.25 -4.34
CA GLN A 292 86.43 -1.98 -5.00
C GLN A 292 84.91 -1.85 -4.90
N LEU A 293 84.18 -2.95 -5.12
CA LEU A 293 82.70 -2.93 -5.02
C LEU A 293 82.29 -2.55 -3.59
N CYS A 294 82.98 -3.10 -2.60
CA CYS A 294 82.69 -2.76 -1.18
C CYS A 294 82.97 -1.28 -0.95
N GLN A 295 84.09 -0.77 -1.47
CA GLN A 295 84.41 0.67 -1.34
C GLN A 295 83.34 1.48 -2.07
N LEU A 296 82.93 1.03 -3.26
CA LEU A 296 81.87 1.72 -4.03
C LEU A 296 80.58 1.70 -3.19
N GLY A 297 80.28 0.57 -2.55
CA GLY A 297 79.09 0.46 -1.70
C GLY A 297 79.17 1.46 -0.56
N VAL A 298 80.35 1.63 0.02
CA VAL A 298 80.54 2.63 1.12
C VAL A 298 80.28 4.03 0.56
N LYS A 299 80.81 4.33 -0.63
CA LYS A 299 80.59 5.65 -1.27
C LYS A 299 79.09 5.82 -1.55
N LEU A 300 78.44 4.75 -2.03
CA LEU A 300 76.98 4.81 -2.31
C LEU A 300 76.23 5.04 -0.99
N LEU A 301 76.67 4.36 0.08
CA LEU A 301 76.03 4.56 1.41
C LEU A 301 76.21 6.03 1.81
N GLN A 302 77.42 6.58 1.60
CA GLN A 302 77.69 8.00 1.94
C GLN A 302 76.71 8.88 1.16
N VAL A 303 76.53 8.59 -0.13
CA VAL A 303 75.58 9.38 -0.97
C VAL A 303 74.17 9.23 -0.37
N GLY A 304 73.81 8.01 0.07
CA GLY A 304 72.48 7.77 0.66
C GLY A 304 71.40 8.49 -0.12
N PRO A 308 72.63 11.05 -6.72
CA PRO A 308 71.53 11.12 -7.67
C PRO A 308 71.91 10.45 -8.99
N GLN A 309 72.13 11.25 -10.03
CA GLN A 309 72.56 10.69 -11.34
C GLN A 309 73.90 9.97 -11.14
N ALA A 310 74.81 10.59 -10.39
CA ALA A 310 76.12 9.96 -10.10
C ALA A 310 75.89 8.66 -9.31
N VAL A 311 74.96 8.70 -8.35
CA VAL A 311 74.63 7.49 -7.55
C VAL A 311 74.12 6.41 -8.52
N ALA A 312 73.23 6.80 -9.44
CA ALA A 312 72.71 5.83 -10.45
C ALA A 312 73.86 5.30 -11.28
N LYS A 313 74.76 6.19 -11.72
CA LYS A 313 75.93 5.78 -12.52
C LYS A 313 76.80 4.82 -11.68
N LEU A 314 76.97 5.13 -10.40
CA LEU A 314 77.80 4.29 -9.51
C LEU A 314 77.19 2.89 -9.41
N LEU A 315 75.86 2.82 -9.27
CA LEU A 315 75.17 1.51 -9.19
C LEU A 315 75.41 0.74 -10.49
N ILE A 316 75.24 1.41 -11.63
CA ILE A 316 75.49 0.76 -12.96
C ILE A 316 76.97 0.36 -13.03
N LYS A 317 77.87 1.23 -12.58
CA LYS A 317 79.32 0.94 -12.63
C LYS A 317 79.60 -0.31 -11.79
N ALA A 318 78.99 -0.39 -10.60
CA ALA A 318 79.18 -1.57 -9.73
C ALA A 318 78.72 -2.81 -10.49
N SER A 319 77.52 -2.75 -11.07
CA SER A 319 76.98 -3.91 -11.82
C SER A 319 77.92 -4.28 -12.98
N ALA A 320 78.45 -3.27 -13.69
CA ALA A 320 79.31 -3.53 -14.86
C ALA A 320 80.56 -4.31 -14.43
N VAL A 321 81.25 -3.82 -13.40
CA VAL A 321 82.49 -4.50 -12.92
C VAL A 321 82.10 -5.89 -12.41
N LEU A 322 80.98 -5.97 -11.68
CA LEU A 322 80.51 -7.28 -11.15
C LEU A 322 80.24 -8.22 -12.33
N SER A 323 79.66 -7.69 -13.41
CA SER A 323 79.34 -8.53 -14.59
C SER A 323 80.63 -9.17 -15.11
N LYS A 324 81.68 -8.37 -15.29
CA LYS A 324 82.97 -8.93 -15.77
C LYS A 324 83.49 -9.95 -14.76
N SER A 325 83.40 -9.64 -13.46
CA SER A 325 83.90 -10.56 -12.40
C SER A 325 83.06 -11.85 -12.41
N MET A 326 81.75 -11.72 -12.60
CA MET A 326 80.84 -12.89 -12.63
C MET A 326 80.61 -13.34 -14.07
N PRO A 331 85.83 -17.80 -8.06
CA PRO A 331 87.00 -16.96 -7.86
C PRO A 331 86.62 -15.48 -7.81
N PRO A 332 86.77 -14.73 -8.92
CA PRO A 332 86.34 -13.34 -8.93
C PRO A 332 84.85 -13.26 -8.64
N LEU A 333 84.07 -14.13 -9.27
CA LEU A 333 82.59 -14.15 -9.03
C LEU A 333 82.32 -14.50 -7.57
N ARG A 334 83.05 -15.47 -7.01
CA ARG A 334 82.88 -15.84 -5.59
C ARG A 334 83.17 -14.62 -4.71
N ALA A 335 84.28 -13.92 -4.99
CA ALA A 335 84.62 -12.69 -4.24
C ALA A 335 83.55 -11.63 -4.52
N LEU A 336 83.09 -11.56 -5.77
CA LEU A 336 82.07 -10.55 -6.17
C LEU A 336 80.80 -10.73 -5.33
N TYR A 337 80.48 -11.97 -4.93
CA TYR A 337 79.29 -12.22 -4.08
C TYR A 337 79.43 -11.44 -2.78
N GLU A 338 80.47 -11.73 -2.00
CA GLU A 338 80.72 -11.01 -0.73
C GLU A 338 80.71 -9.51 -1.04
N SER A 339 81.30 -9.13 -2.17
CA SER A 339 81.31 -7.70 -2.57
C SER A 339 79.89 -7.24 -2.88
N CYS A 340 79.13 -8.06 -3.62
CA CYS A 340 77.73 -7.72 -3.97
C CYS A 340 76.92 -7.61 -2.68
N GLN A 341 77.20 -8.48 -1.70
CA GLN A 341 76.51 -8.40 -0.40
C GLN A 341 76.78 -7.03 0.21
N PHE A 342 78.04 -6.58 0.19
CA PHE A 342 78.41 -5.24 0.73
C PHE A 342 77.69 -4.18 -0.10
N PHE A 343 77.70 -4.34 -1.42
CA PHE A 343 77.03 -3.35 -2.32
C PHE A 343 75.55 -3.33 -2.00
N LEU A 344 74.95 -4.51 -1.84
CA LEU A 344 73.51 -4.62 -1.51
C LEU A 344 73.28 -4.02 -0.11
N SER A 345 74.25 -4.17 0.79
CA SER A 345 74.14 -3.57 2.14
C SER A 345 74.01 -2.05 2.00
N GLY A 346 74.84 -1.43 1.15
CA GLY A 346 74.73 0.01 0.91
C GLY A 346 73.37 0.33 0.33
N LEU A 347 72.90 -0.50 -0.61
CA LEU A 347 71.57 -0.31 -1.22
C LEU A 347 70.49 -0.43 -0.14
N GLU A 348 70.67 -1.37 0.80
CA GLU A 348 69.68 -1.59 1.88
C GLU A 348 69.53 -0.28 2.67
N ARG A 349 70.64 0.44 2.87
CA ARG A 349 70.59 1.72 3.63
C ARG A 349 70.32 2.88 2.64
N GLY A 350 70.05 2.55 1.38
CA GLY A 350 69.82 3.60 0.36
C GLY A 350 68.37 3.67 -0.07
N THR A 351 67.45 3.18 0.77
CA THR A 351 66.01 3.19 0.43
C THR A 351 65.47 4.59 0.62
N LYS A 352 65.92 5.55 -0.20
CA LYS A 352 65.47 6.95 -0.10
C LYS A 352 64.06 7.08 -0.66
N ARG A 353 63.47 5.97 -1.13
CA ARG A 353 62.10 5.97 -1.68
C ARG A 353 62.06 6.87 -2.93
N ARG A 354 62.93 7.89 -2.97
CA ARG A 354 63.00 8.78 -4.15
C ARG A 354 63.77 8.03 -5.26
N TYR A 355 63.20 6.93 -5.76
CA TYR A 355 63.88 6.11 -6.79
C TYR A 355 63.14 6.26 -8.11
N ARG A 356 63.89 6.31 -9.22
CA ARG A 356 63.27 6.40 -10.56
C ARG A 356 63.50 5.07 -11.29
N LEU A 357 62.66 4.76 -12.28
CA LEU A 357 62.81 3.50 -13.05
C LEU A 357 64.30 3.31 -13.38
N ASP A 358 65.02 4.39 -13.65
CA ASP A 358 66.44 4.27 -14.03
C ASP A 358 67.21 3.65 -12.87
N ALA A 359 67.00 4.17 -11.65
CA ALA A 359 67.66 3.61 -10.45
C ALA A 359 67.21 2.16 -10.26
N ILE A 360 65.91 1.91 -10.45
CA ILE A 360 65.36 0.53 -10.29
C ILE A 360 65.98 -0.37 -11.38
N LEU A 361 66.09 0.14 -12.60
CA LEU A 361 66.72 -0.65 -13.70
C LEU A 361 68.18 -0.93 -13.32
N SER A 362 68.88 0.08 -12.80
CA SER A 362 70.28 -0.12 -12.35
C SER A 362 70.31 -1.16 -11.23
N LEU A 363 69.38 -1.06 -10.27
CA LEU A 363 69.30 -2.06 -9.18
C LEU A 363 68.97 -3.42 -9.81
N PHE A 364 68.06 -3.44 -10.78
CA PHE A 364 67.69 -4.71 -11.46
C PHE A 364 68.93 -5.29 -12.12
N ALA A 365 69.74 -4.43 -12.74
CA ALA A 365 70.99 -4.89 -13.39
C ALA A 365 71.88 -5.54 -12.33
N PHE A 366 72.11 -4.83 -11.22
CA PHE A 366 72.99 -5.36 -10.15
C PHE A 366 72.36 -6.63 -9.58
N LEU A 367 71.05 -6.58 -9.29
CA LEU A 367 70.35 -7.75 -8.69
C LEU A 367 70.44 -8.94 -9.67
N GLY A 368 70.17 -8.68 -10.96
CA GLY A 368 70.26 -9.76 -11.96
C GLY A 368 71.66 -10.32 -12.04
N GLY A 369 72.67 -9.45 -12.03
CA GLY A 369 74.06 -9.92 -12.04
C GLY A 369 74.35 -10.75 -10.81
N TYR A 370 73.98 -10.25 -9.63
CA TYR A 370 74.18 -11.02 -8.38
C TYR A 370 73.40 -12.32 -8.49
N CYS A 371 72.15 -12.24 -8.96
CA CYS A 371 71.30 -13.44 -9.08
C CYS A 371 72.00 -14.46 -9.98
N SER A 372 72.51 -14.02 -11.14
CA SER A 372 73.18 -14.95 -12.08
C SER A 372 74.34 -15.63 -11.37
N LEU A 373 75.22 -14.83 -10.75
CA LEU A 373 76.39 -15.39 -10.03
C LEU A 373 75.90 -16.29 -8.88
N LEU A 374 74.94 -15.80 -8.10
CA LEU A 374 74.44 -16.57 -6.93
C LEU A 374 73.85 -17.90 -7.42
N GLN A 375 73.05 -17.85 -8.50
CA GLN A 375 72.41 -19.08 -9.03
C GLN A 375 73.51 -20.05 -9.48
N GLN A 376 74.51 -19.53 -10.21
CA GLN A 376 75.64 -20.39 -10.68
C GLN A 376 76.34 -20.99 -9.45
N LEU A 377 76.59 -20.15 -8.43
CA LEU A 377 77.27 -20.65 -7.20
C LEU A 377 76.40 -21.73 -6.56
N ARG A 378 75.09 -21.47 -6.43
CA ARG A 378 74.16 -22.46 -5.83
C ARG A 378 74.12 -23.71 -6.71
N ASP A 379 74.11 -23.51 -8.03
CA ASP A 379 74.08 -24.67 -8.97
C ASP A 379 75.31 -25.55 -8.73
N ASP A 380 76.45 -24.92 -8.42
CA ASP A 380 77.70 -25.68 -8.18
C ASP A 380 77.40 -26.81 -7.18
N GLY A 381 77.73 -28.05 -7.54
CA GLY A 381 77.42 -29.21 -6.68
C GLY A 381 77.77 -28.94 -5.23
N VAL A 382 78.88 -28.25 -4.97
CA VAL A 382 79.33 -28.00 -3.57
C VAL A 382 78.21 -27.27 -2.81
N TYR A 383 77.65 -26.21 -3.40
CA TYR A 383 76.58 -25.43 -2.73
C TYR A 383 75.42 -26.36 -2.42
N GLY A 384 74.96 -27.11 -3.43
CA GLY A 384 73.86 -28.06 -3.22
C GLY A 384 74.26 -29.15 -2.25
N GLY A 385 75.53 -29.59 -2.31
CA GLY A 385 75.99 -30.68 -1.43
C GLY A 385 75.74 -30.35 0.03
N SER A 386 76.09 -29.14 0.45
CA SER A 386 75.81 -28.72 1.85
C SER A 386 74.35 -28.24 1.95
N SER A 387 73.50 -29.01 2.64
CA SER A 387 72.07 -28.65 2.72
C SER A 387 71.92 -27.18 3.16
N LYS A 388 72.59 -26.81 4.25
CA LYS A 388 72.48 -25.42 4.78
C LYS A 388 73.08 -24.45 3.75
N GLN A 389 74.19 -24.81 3.10
CA GLN A 389 74.86 -23.90 2.15
C GLN A 389 73.91 -23.61 0.97
N GLN A 390 73.31 -24.66 0.39
CA GLN A 390 72.34 -24.44 -0.70
C GLN A 390 71.19 -23.59 -0.15
N GLN A 391 70.70 -23.93 1.05
CA GLN A 391 69.62 -23.15 1.68
C GLN A 391 70.08 -21.70 1.83
N SER A 392 71.33 -21.50 2.28
CA SER A 392 71.85 -20.12 2.50
C SER A 392 71.79 -19.31 1.19
N PHE A 393 72.31 -19.89 0.11
CA PHE A 393 72.27 -19.20 -1.21
C PHE A 393 70.82 -19.03 -1.63
N LEU A 394 70.01 -20.07 -1.40
CA LEU A 394 68.56 -20.01 -1.75
C LEU A 394 67.91 -18.87 -0.96
N GLN A 395 68.19 -18.79 0.34
CA GLN A 395 67.64 -17.68 1.17
C GLN A 395 68.15 -16.35 0.60
N MET A 396 69.43 -16.30 0.24
CA MET A 396 70.02 -15.04 -0.29
C MET A 396 69.24 -14.60 -1.53
N TYR A 397 68.98 -15.53 -2.46
CA TYR A 397 68.25 -15.19 -3.71
C TYR A 397 66.89 -14.65 -3.34
N PHE A 398 66.15 -15.38 -2.51
CA PHE A 398 64.77 -14.97 -2.13
C PHE A 398 64.82 -13.67 -1.33
N GLN A 399 65.80 -13.55 -0.43
CA GLN A 399 65.97 -12.29 0.34
C GLN A 399 66.12 -11.13 -0.65
N GLY A 400 67.01 -11.30 -1.64
CA GLY A 400 67.22 -10.25 -2.65
C GLY A 400 65.92 -9.94 -3.37
N LEU A 401 65.17 -10.97 -3.76
CA LEU A 401 63.90 -10.75 -4.51
C LEU A 401 62.91 -10.00 -3.60
N HIS A 402 62.83 -10.38 -2.33
CA HIS A 402 61.91 -9.67 -1.39
C HIS A 402 62.28 -8.18 -1.37
N LEU A 403 63.58 -7.89 -1.29
CA LEU A 403 64.03 -6.48 -1.30
C LEU A 403 63.61 -5.85 -2.64
N TYR A 404 63.80 -6.58 -3.74
CA TYR A 404 63.48 -6.02 -5.08
C TYR A 404 62.02 -5.60 -5.14
N THR A 405 61.10 -6.49 -4.74
CA THR A 405 59.67 -6.17 -4.86
C THR A 405 59.35 -5.00 -3.93
N VAL A 406 60.01 -4.95 -2.77
CA VAL A 406 59.82 -3.78 -1.86
C VAL A 406 60.16 -2.51 -2.66
N VAL A 407 61.33 -2.49 -3.31
CA VAL A 407 61.72 -1.32 -4.14
C VAL A 407 60.65 -1.10 -5.21
N VAL A 408 60.20 -2.17 -5.85
CA VAL A 408 59.16 -2.06 -6.92
C VAL A 408 57.90 -1.42 -6.32
N TYR A 409 57.44 -1.92 -5.17
CA TYR A 409 56.19 -1.39 -4.59
C TYR A 409 56.43 0.05 -4.12
N ASP A 410 57.61 0.31 -3.56
CA ASP A 410 57.96 1.71 -3.16
C ASP A 410 57.90 2.57 -4.41
N PHE A 411 58.51 2.11 -5.50
CA PHE A 411 58.49 2.87 -6.79
C PHE A 411 57.07 2.95 -7.32
N ALA A 412 56.29 1.87 -7.16
CA ALA A 412 54.88 1.86 -7.60
C ALA A 412 54.09 2.86 -6.76
N GLN A 413 54.33 2.89 -5.46
CA GLN A 413 53.66 3.90 -4.59
C GLN A 413 54.07 5.28 -5.09
N GLY A 414 55.38 5.48 -5.34
CA GLY A 414 55.84 6.77 -5.88
C GLY A 414 55.28 6.99 -7.26
N CYS A 415 55.06 5.90 -8.01
CA CYS A 415 54.45 6.01 -9.35
C CYS A 415 53.06 6.63 -9.23
N GLN A 416 52.83 7.77 -9.89
CA GLN A 416 51.50 8.42 -9.87
C GLN A 416 50.91 8.35 -11.28
N ILE A 417 49.84 9.12 -11.53
CA ILE A 417 49.18 9.11 -12.87
C ILE A 417 50.26 9.40 -13.94
N VAL A 418 51.10 10.40 -13.69
CA VAL A 418 52.19 10.74 -14.65
C VAL A 418 53.26 9.64 -14.60
N ASP A 419 53.54 9.11 -13.41
CA ASP A 419 54.65 8.12 -13.28
C ASP A 419 54.17 6.73 -13.71
N LEU A 420 52.95 6.63 -14.23
CA LEU A 420 52.47 5.33 -14.76
C LEU A 420 53.45 4.88 -15.86
N ALA A 421 53.92 5.81 -16.69
CA ALA A 421 54.91 5.47 -17.73
C ALA A 421 56.12 4.78 -17.08
N ASP A 422 56.53 5.28 -15.90
CA ASP A 422 57.70 4.68 -15.19
C ASP A 422 57.35 3.26 -14.75
N LEU A 423 56.11 3.05 -14.29
CA LEU A 423 55.67 1.69 -13.89
C LEU A 423 55.74 0.78 -15.13
N THR A 424 55.31 1.29 -16.28
CA THR A 424 55.37 0.49 -17.53
C THR A 424 56.81 0.24 -17.89
N GLN A 425 57.73 1.08 -17.42
CA GLN A 425 59.18 0.83 -17.66
C GLN A 425 59.62 -0.37 -16.80
N LEU A 426 59.24 -0.40 -15.52
CA LEU A 426 59.68 -1.49 -14.60
C LEU A 426 59.05 -2.82 -15.05
N VAL A 427 58.04 -2.75 -15.93
CA VAL A 427 57.34 -3.98 -16.41
C VAL A 427 58.34 -5.09 -16.72
N ASP A 428 59.38 -4.79 -17.52
CA ASP A 428 60.34 -5.84 -17.96
C ASP A 428 60.90 -6.60 -16.75
N SER A 429 61.62 -5.91 -15.87
CA SER A 429 62.28 -6.61 -14.74
C SER A 429 61.24 -7.43 -13.95
N CYS A 430 60.03 -6.88 -13.76
CA CYS A 430 59.02 -7.57 -12.92
C CYS A 430 58.72 -8.97 -13.49
N LYS A 431 58.37 -9.06 -14.77
CA LYS A 431 58.01 -10.37 -15.38
C LYS A 431 59.24 -11.29 -15.34
N SER A 432 60.42 -10.74 -15.66
CA SER A 432 61.66 -11.55 -15.62
C SER A 432 61.87 -12.07 -14.20
N THR A 433 61.54 -11.25 -13.19
CA THR A 433 61.72 -11.66 -11.79
C THR A 433 60.92 -12.92 -11.54
N VAL A 434 59.66 -12.95 -12.01
CA VAL A 434 58.78 -14.13 -11.76
C VAL A 434 59.45 -15.37 -12.36
N VAL A 435 60.01 -15.23 -13.56
CA VAL A 435 60.68 -16.40 -14.23
C VAL A 435 61.75 -16.94 -13.26
N TRP A 436 62.62 -16.06 -12.76
CA TRP A 436 63.72 -16.49 -11.86
C TRP A 436 63.13 -17.20 -10.65
N MET A 437 62.11 -16.61 -10.04
CA MET A 437 61.52 -17.20 -8.81
C MET A 437 61.07 -18.64 -9.07
N LEU A 438 60.35 -18.87 -10.18
CA LEU A 438 59.82 -20.24 -10.44
C LEU A 438 61.01 -21.20 -10.59
N GLU A 439 62.02 -20.81 -11.38
CA GLU A 439 63.22 -21.68 -11.58
C GLU A 439 63.84 -21.99 -10.21
N ALA A 440 63.75 -21.06 -9.26
CA ALA A 440 64.34 -21.26 -7.91
C ALA A 440 63.61 -22.38 -7.18
N LEU A 441 62.37 -22.67 -7.59
CA LEU A 441 61.56 -23.71 -6.89
C LEU A 441 61.82 -25.09 -7.51
N GLU A 442 62.64 -25.16 -8.56
CA GLU A 442 62.87 -26.45 -9.27
C GLU A 442 63.52 -27.48 -8.33
N GLY A 443 63.20 -28.77 -8.52
CA GLY A 443 63.83 -29.85 -7.74
C GLY A 443 64.09 -29.44 -6.31
N LEU A 444 63.03 -29.12 -5.56
CA LEU A 444 63.20 -28.63 -4.17
C LEU A 444 62.55 -29.64 -3.19
N SER A 445 63.07 -29.72 -1.97
CA SER A 445 62.49 -30.64 -0.96
C SER A 445 61.09 -30.15 -0.58
N GLY A 446 60.16 -31.08 -0.33
CA GLY A 446 58.77 -30.69 -0.05
C GLY A 446 58.66 -29.48 0.86
N GLN A 447 59.20 -29.57 2.09
CA GLN A 447 59.02 -28.46 3.05
C GLN A 447 59.68 -27.20 2.46
N GLU A 448 60.90 -27.33 1.95
CA GLU A 448 61.61 -26.15 1.41
C GLU A 448 60.79 -25.58 0.25
N LEU A 449 60.31 -26.44 -0.64
CA LEU A 449 59.52 -25.99 -1.82
C LEU A 449 58.25 -25.28 -1.35
N THR A 450 57.52 -25.87 -0.39
CA THR A 450 56.22 -25.26 0.01
C THR A 450 56.46 -23.90 0.63
N ASP A 451 57.46 -23.77 1.51
CA ASP A 451 57.67 -22.47 2.19
C ASP A 451 58.09 -21.45 1.14
N HIS A 452 58.99 -21.86 0.25
CA HIS A 452 59.45 -20.96 -0.84
C HIS A 452 58.28 -20.66 -1.78
N MET A 453 57.41 -21.65 -2.01
CA MET A 453 56.22 -21.42 -2.87
C MET A 453 55.40 -20.28 -2.23
N GLY A 454 55.23 -20.31 -0.91
CA GLY A 454 54.43 -19.27 -0.24
C GLY A 454 54.99 -17.90 -0.53
N MET A 455 56.28 -17.70 -0.26
CA MET A 455 56.92 -16.38 -0.49
C MET A 455 56.92 -16.09 -2.00
N THR A 456 57.15 -17.12 -2.82
CA THR A 456 57.19 -16.94 -4.29
C THR A 456 55.88 -16.34 -4.74
N ALA A 457 54.76 -16.96 -4.34
CA ALA A 457 53.43 -16.45 -4.72
C ALA A 457 53.22 -15.07 -4.08
N SER A 458 53.56 -14.95 -2.81
CA SER A 458 53.41 -13.65 -2.11
C SER A 458 54.16 -12.56 -2.90
N TYR A 459 55.40 -12.83 -3.32
CA TYR A 459 56.19 -11.79 -4.02
C TYR A 459 55.43 -11.34 -5.25
N THR A 460 55.01 -12.28 -6.10
CA THR A 460 54.35 -11.89 -7.36
C THR A 460 53.00 -11.28 -7.07
N SER A 461 52.32 -11.73 -6.00
CA SER A 461 51.03 -11.10 -5.62
C SER A 461 51.29 -9.61 -5.33
N ASN A 462 52.34 -9.30 -4.57
CA ASN A 462 52.69 -7.88 -4.32
C ASN A 462 53.11 -7.23 -5.64
N LEU A 463 53.90 -7.94 -6.45
CA LEU A 463 54.42 -7.39 -7.74
C LEU A 463 53.26 -7.13 -8.70
N ALA A 464 52.35 -8.11 -8.87
CA ALA A 464 51.21 -7.97 -9.80
C ALA A 464 50.23 -6.93 -9.26
N TYR A 465 49.98 -6.95 -7.95
CA TYR A 465 48.98 -6.02 -7.36
C TYR A 465 49.34 -4.60 -7.76
N SER A 466 50.62 -4.23 -7.74
CA SER A 466 50.98 -2.82 -8.02
C SER A 466 50.34 -2.36 -9.34
N PHE A 467 50.53 -3.13 -10.42
CA PHE A 467 49.99 -2.72 -11.75
C PHE A 467 48.46 -2.72 -11.71
N TYR A 468 47.89 -3.78 -11.13
CA TYR A 468 46.42 -3.89 -11.00
C TYR A 468 45.91 -2.68 -10.22
N SER A 469 46.71 -2.22 -9.25
CA SER A 469 46.31 -1.06 -8.42
C SER A 469 46.50 0.24 -9.21
N HIS A 470 46.96 0.13 -10.46
CA HIS A 470 47.16 1.32 -11.34
C HIS A 470 46.62 1.01 -12.74
N LYS A 471 45.66 0.09 -12.85
CA LYS A 471 45.02 -0.22 -14.16
C LYS A 471 46.07 -0.67 -15.20
N LEU A 472 46.87 -1.69 -14.89
CA LEU A 472 47.85 -2.25 -15.88
C LEU A 472 47.73 -3.77 -15.84
N TYR A 473 46.56 -4.31 -16.17
CA TYR A 473 46.30 -5.78 -16.09
C TYR A 473 47.21 -6.56 -17.04
N ALA A 474 47.33 -6.14 -18.30
CA ALA A 474 48.13 -6.91 -19.29
C ALA A 474 49.42 -7.41 -18.67
N GLU A 475 50.25 -6.50 -18.15
CA GLU A 475 51.57 -6.86 -17.57
C GLU A 475 51.34 -7.53 -16.21
N ALA A 476 50.34 -7.08 -15.45
CA ALA A 476 50.02 -7.77 -14.17
C ALA A 476 49.73 -9.23 -14.50
N CYS A 477 48.96 -9.47 -15.56
CA CYS A 477 48.67 -10.87 -15.98
C CYS A 477 49.97 -11.54 -16.44
N ALA A 478 50.79 -10.83 -17.22
CA ALA A 478 52.08 -11.39 -17.69
C ALA A 478 52.95 -11.75 -16.49
N ILE A 479 52.88 -10.95 -15.42
CA ILE A 479 53.64 -11.24 -14.18
C ILE A 479 53.14 -12.55 -13.56
N SER A 480 51.82 -12.69 -13.40
CA SER A 480 51.27 -13.88 -12.68
C SER A 480 51.06 -15.07 -13.62
N GLU A 481 51.07 -14.85 -14.93
CA GLU A 481 50.76 -15.95 -15.89
C GLU A 481 51.64 -17.18 -15.59
N PRO A 482 52.99 -17.06 -15.53
CA PRO A 482 53.83 -18.24 -15.33
C PRO A 482 53.45 -19.01 -14.09
N LEU A 483 53.32 -18.32 -12.95
CA LEU A 483 53.02 -19.02 -11.67
C LEU A 483 51.66 -19.71 -11.80
N CYS A 484 50.62 -18.98 -12.22
CA CYS A 484 49.26 -19.56 -12.29
C CYS A 484 49.30 -20.84 -13.15
N GLN A 485 49.93 -20.76 -14.32
CA GLN A 485 50.00 -21.94 -15.21
C GLN A 485 50.74 -23.07 -14.49
N HIS A 486 51.94 -22.79 -13.99
CA HIS A 486 52.75 -23.86 -13.33
C HIS A 486 51.95 -24.45 -12.16
N LEU A 487 51.42 -23.59 -11.30
CA LEU A 487 50.68 -24.06 -10.10
C LEU A 487 49.47 -24.89 -10.56
N GLY A 488 48.75 -24.41 -11.57
CA GLY A 488 47.54 -25.11 -12.05
C GLY A 488 47.88 -26.40 -12.75
N LEU A 489 48.95 -26.40 -13.57
CA LEU A 489 49.28 -27.60 -14.38
C LEU A 489 49.59 -28.79 -13.45
N VAL A 490 50.45 -28.57 -12.45
CA VAL A 490 50.83 -29.68 -11.51
C VAL A 490 49.56 -30.12 -10.77
N LYS A 491 48.77 -30.99 -11.40
CA LYS A 491 47.51 -31.47 -10.79
C LYS A 491 47.84 -32.18 -9.46
N PRO A 492 48.82 -33.10 -9.39
CA PRO A 492 49.16 -33.71 -8.11
C PRO A 492 49.24 -32.65 -7.03
N GLY A 493 48.55 -32.89 -5.92
CA GLY A 493 48.59 -31.93 -4.78
C GLY A 493 49.92 -32.03 -4.06
N THR A 494 50.98 -31.48 -4.66
CA THR A 494 52.32 -31.57 -4.05
C THR A 494 52.54 -30.39 -3.14
N TYR A 495 51.54 -29.51 -3.03
CA TYR A 495 51.65 -28.32 -2.15
C TYR A 495 50.44 -28.27 -1.21
N PRO A 496 50.25 -29.26 -0.31
CA PRO A 496 49.08 -29.27 0.55
C PRO A 496 49.22 -28.18 1.58
N GLU A 497 50.44 -27.96 2.07
CA GLU A 497 50.67 -26.96 3.14
C GLU A 497 50.56 -25.54 2.58
N VAL A 498 51.11 -25.29 1.38
CA VAL A 498 51.14 -23.88 0.87
C VAL A 498 49.78 -23.22 1.20
N PRO A 499 49.77 -22.10 1.95
CA PRO A 499 48.52 -21.48 2.35
C PRO A 499 47.60 -21.28 1.16
N PRO A 500 46.36 -21.76 1.23
CA PRO A 500 45.40 -21.52 0.15
C PRO A 500 45.23 -20.02 0.06
N GLU A 501 45.30 -19.33 1.20
CA GLU A 501 45.08 -17.86 1.24
C GLU A 501 45.99 -17.13 0.24
N LYS A 502 47.23 -17.60 0.10
CA LYS A 502 48.19 -16.95 -0.84
C LYS A 502 47.82 -17.34 -2.27
N LEU A 503 47.87 -18.64 -2.58
CA LEU A 503 47.51 -19.13 -3.94
C LEU A 503 46.27 -18.37 -4.42
N HIS A 504 45.26 -18.20 -3.55
CA HIS A 504 44.04 -17.45 -3.92
C HIS A 504 44.45 -16.08 -4.50
N ARG A 505 45.13 -15.26 -3.70
CA ARG A 505 45.49 -13.89 -4.17
C ARG A 505 46.02 -13.91 -5.61
N CYS A 506 47.05 -14.70 -5.90
CA CYS A 506 47.66 -14.64 -7.25
C CYS A 506 46.59 -14.94 -8.33
N PHE A 507 45.83 -16.02 -8.14
CA PHE A 507 44.81 -16.39 -9.15
C PHE A 507 43.78 -15.28 -9.20
N ARG A 508 43.22 -14.95 -8.04
CA ARG A 508 42.22 -13.85 -7.94
C ARG A 508 42.68 -12.66 -8.80
N LEU A 509 43.94 -12.23 -8.65
CA LEU A 509 44.44 -11.06 -9.40
C LEU A 509 44.35 -11.35 -10.91
N GLN A 510 44.89 -12.48 -11.38
CA GLN A 510 44.89 -12.70 -12.85
C GLN A 510 43.43 -12.78 -13.35
N VAL A 511 42.56 -13.48 -12.62
CA VAL A 511 41.16 -13.65 -13.13
C VAL A 511 40.52 -12.26 -13.25
N GLU A 512 40.73 -11.39 -12.26
CA GLU A 512 40.14 -10.03 -12.29
C GLU A 512 40.77 -9.23 -13.44
N SER A 513 42.09 -9.30 -13.58
CA SER A 513 42.79 -8.55 -14.65
C SER A 513 42.15 -8.91 -16.01
N LEU A 514 41.97 -10.21 -16.26
CA LEU A 514 41.35 -10.65 -17.53
C LEU A 514 39.88 -10.22 -17.57
N LYS A 515 39.12 -10.47 -16.50
CA LYS A 515 37.66 -10.17 -16.51
C LYS A 515 37.43 -8.66 -16.60
N LYS A 516 38.25 -7.85 -15.92
CA LYS A 516 38.12 -6.37 -16.03
C LYS A 516 38.52 -5.96 -17.45
N LEU A 517 39.22 -6.83 -18.17
CA LEU A 517 39.57 -6.52 -19.59
C LEU A 517 38.80 -7.47 -20.51
N GLY A 518 37.59 -7.86 -20.11
CA GLY A 518 36.80 -8.82 -20.90
C GLY A 518 37.41 -10.21 -20.79
N LYS A 519 37.93 -10.75 -21.89
CA LYS A 519 38.61 -12.06 -21.85
C LYS A 519 37.88 -13.01 -20.88
N GLN A 520 36.55 -13.06 -20.93
CA GLN A 520 35.78 -13.91 -19.99
C GLN A 520 36.19 -15.37 -20.19
N ALA A 521 36.47 -15.75 -21.44
CA ALA A 521 36.86 -17.14 -21.74
C ALA A 521 38.14 -17.48 -20.98
N GLN A 522 39.15 -16.62 -21.10
CA GLN A 522 40.45 -16.87 -20.41
C GLN A 522 40.20 -16.89 -18.89
N GLY A 523 39.37 -15.98 -18.39
CA GLY A 523 39.07 -15.91 -16.94
C GLY A 523 38.45 -17.21 -16.47
N CYS A 524 37.54 -17.78 -17.28
CA CYS A 524 36.90 -19.06 -16.93
C CYS A 524 37.99 -20.14 -16.78
N LYS A 525 38.90 -20.22 -17.75
CA LYS A 525 39.98 -21.22 -17.71
C LYS A 525 40.85 -20.97 -16.46
N MET A 526 41.04 -19.70 -16.11
CA MET A 526 41.85 -19.36 -14.90
C MET A 526 41.12 -19.84 -13.64
N VAL A 527 39.79 -19.73 -13.60
CA VAL A 527 39.04 -20.27 -12.42
C VAL A 527 39.17 -21.80 -12.44
N ILE A 528 39.12 -22.42 -13.62
CA ILE A 528 39.32 -23.89 -13.73
C ILE A 528 40.73 -24.22 -13.19
N LEU A 529 41.74 -23.45 -13.61
CA LEU A 529 43.12 -23.64 -13.10
C LEU A 529 43.17 -23.35 -11.60
N TRP A 530 42.41 -22.36 -11.13
CA TRP A 530 42.36 -22.03 -9.68
C TRP A 530 41.89 -23.25 -8.89
N LEU A 531 40.76 -23.82 -9.29
CA LEU A 531 40.20 -24.99 -8.56
C LEU A 531 41.14 -26.19 -8.76
N ALA A 532 41.81 -26.26 -9.92
CA ALA A 532 42.80 -27.35 -10.14
C ALA A 532 43.87 -27.29 -9.06
N ALA A 533 44.32 -26.08 -8.72
CA ALA A 533 45.36 -25.91 -7.68
C ALA A 533 44.80 -26.32 -6.32
N LEU A 534 43.56 -25.96 -6.02
CA LEU A 534 42.93 -26.30 -4.73
C LEU A 534 42.19 -27.64 -4.86
N GLN A 535 42.75 -28.58 -5.64
CA GLN A 535 42.07 -29.88 -5.90
C GLN A 535 41.68 -30.56 -4.58
N PRO A 536 42.62 -30.90 -3.65
CA PRO A 536 42.27 -31.64 -2.45
C PRO A 536 41.96 -30.75 -1.27
N CYS A 537 41.37 -29.58 -1.53
CA CYS A 537 41.08 -28.60 -0.44
C CYS A 537 39.78 -28.95 0.28
N SER A 538 39.40 -28.15 1.28
CA SER A 538 38.18 -28.42 2.08
C SER A 538 36.95 -27.83 1.36
N PRO A 539 35.70 -28.26 1.67
CA PRO A 539 34.52 -27.67 1.06
C PRO A 539 34.36 -26.22 1.47
N GLU A 540 35.46 -25.51 1.67
CA GLU A 540 35.40 -24.10 2.13
C GLU A 540 36.21 -23.21 1.19
N HIS A 541 37.49 -23.56 0.97
CA HIS A 541 38.37 -22.70 0.13
C HIS A 541 37.86 -22.66 -1.31
N MET A 542 37.06 -23.65 -1.71
CA MET A 542 36.57 -23.74 -3.11
C MET A 542 35.49 -22.69 -3.39
N ALA A 543 34.95 -22.05 -2.35
CA ALA A 543 33.82 -21.09 -2.53
C ALA A 543 34.25 -19.85 -3.32
N GLU A 544 35.40 -19.26 -3.00
CA GLU A 544 35.81 -17.99 -3.66
C GLU A 544 36.01 -18.21 -5.17
N PRO A 545 36.70 -19.27 -5.65
CA PRO A 545 36.81 -19.50 -7.09
C PRO A 545 35.42 -19.57 -7.71
N VAL A 546 34.49 -20.26 -7.05
CA VAL A 546 33.11 -20.44 -7.62
C VAL A 546 32.41 -19.08 -7.73
N THR A 547 32.59 -18.20 -6.74
CA THR A 547 31.99 -16.85 -6.83
C THR A 547 32.58 -16.12 -8.02
N PHE A 548 33.89 -16.26 -8.23
CA PHE A 548 34.56 -15.60 -9.39
C PHE A 548 34.04 -16.22 -10.69
N TRP A 549 33.73 -17.52 -10.66
CA TRP A 549 33.12 -18.18 -11.84
C TRP A 549 31.81 -17.48 -12.17
N VAL A 550 30.93 -17.36 -11.20
CA VAL A 550 29.58 -16.77 -11.46
C VAL A 550 29.75 -15.31 -11.88
N ARG A 551 30.73 -14.61 -11.28
CA ARG A 551 30.99 -13.20 -11.65
C ARG A 551 31.41 -13.13 -13.12
N VAL A 552 32.32 -14.01 -13.54
CA VAL A 552 32.78 -14.03 -14.97
C VAL A 552 31.61 -14.47 -15.85
N LYS A 553 30.78 -15.40 -15.38
CA LYS A 553 29.62 -15.90 -16.16
C LYS A 553 28.58 -14.78 -16.32
N MET A 554 28.23 -14.09 -15.24
CA MET A 554 27.18 -13.06 -15.33
C MET A 554 27.68 -11.89 -16.20
N ASP A 555 28.95 -11.53 -16.06
CA ASP A 555 29.53 -10.43 -16.88
C ASP A 555 29.50 -10.86 -18.36
N ALA A 556 29.72 -12.15 -18.62
CA ALA A 556 29.66 -12.66 -20.00
C ALA A 556 28.29 -12.35 -20.59
N ALA A 557 27.23 -12.62 -19.83
CA ALA A 557 25.85 -12.39 -20.32
C ALA A 557 25.70 -10.92 -20.70
N ARG A 558 26.23 -10.02 -19.89
CA ARG A 558 26.11 -8.56 -20.17
C ARG A 558 26.73 -8.27 -21.55
N ALA A 559 27.79 -8.98 -21.92
CA ALA A 559 28.50 -8.73 -23.20
C ALA A 559 27.97 -9.65 -24.30
N GLY A 560 26.87 -10.35 -24.02
CA GLY A 560 26.27 -11.26 -25.03
C GLY A 560 27.08 -12.53 -25.16
N ASP A 561 28.01 -12.76 -24.23
CA ASP A 561 28.86 -13.98 -24.28
C ASP A 561 28.03 -15.18 -23.85
N LYS A 562 26.87 -15.39 -24.51
CA LYS A 562 25.97 -16.50 -24.13
C LYS A 562 26.75 -17.82 -24.17
N GLU A 563 27.79 -17.89 -25.01
CA GLU A 563 28.57 -19.15 -25.16
C GLU A 563 29.31 -19.49 -23.85
N LEU A 564 29.53 -18.49 -22.98
CA LEU A 564 30.16 -18.80 -21.67
C LEU A 564 29.20 -19.69 -20.87
N GLN A 565 27.89 -19.37 -20.92
CA GLN A 565 26.90 -20.23 -20.24
C GLN A 565 26.99 -21.65 -20.85
N LEU A 566 27.21 -21.73 -22.16
CA LEU A 566 27.38 -23.05 -22.83
C LEU A 566 28.54 -23.80 -22.16
N LYS A 567 29.62 -23.10 -21.80
CA LYS A 567 30.76 -23.76 -21.11
C LYS A 567 30.41 -23.95 -19.64
N THR A 568 29.90 -25.13 -19.26
CA THR A 568 29.46 -25.32 -17.87
C THR A 568 30.55 -26.00 -17.07
N LEU A 569 30.44 -26.02 -15.74
CA LEU A 569 31.49 -26.59 -14.86
C LEU A 569 31.61 -28.10 -15.11
N ARG A 570 30.49 -28.82 -15.07
CA ARG A 570 30.53 -30.29 -15.26
C ARG A 570 31.27 -30.58 -16.57
N ASP A 571 30.99 -29.78 -17.60
CA ASP A 571 31.67 -29.95 -18.91
C ASP A 571 33.16 -29.60 -18.77
N SER A 572 33.45 -28.44 -18.16
CA SER A 572 34.87 -27.99 -18.04
C SER A 572 35.67 -28.92 -17.12
N LEU A 573 35.19 -29.15 -15.89
CA LEU A 573 35.90 -30.05 -14.94
C LEU A 573 35.50 -31.49 -15.28
N SER A 574 35.95 -32.00 -16.42
CA SER A 574 35.52 -33.34 -16.89
C SER A 574 35.84 -34.43 -15.86
N GLY A 575 37.12 -34.65 -15.56
CA GLY A 575 37.47 -35.76 -14.65
C GLY A 575 37.57 -35.28 -13.22
N TRP A 576 36.46 -35.27 -12.49
CA TRP A 576 36.50 -34.89 -11.06
C TRP A 576 35.65 -35.87 -10.25
N ASP A 577 36.12 -36.21 -9.05
CA ASP A 577 35.37 -37.16 -8.18
C ASP A 577 33.92 -36.69 -8.11
N PRO A 578 32.92 -37.57 -8.33
CA PRO A 578 31.53 -37.15 -8.33
C PRO A 578 31.20 -36.23 -7.18
N GLU A 579 31.40 -36.68 -5.95
CA GLU A 579 31.03 -35.88 -4.79
C GLU A 579 31.61 -34.47 -4.89
N THR A 580 32.84 -34.34 -5.35
CA THR A 580 33.46 -33.03 -5.47
C THR A 580 32.75 -32.17 -6.51
N LEU A 581 32.41 -32.76 -7.65
CA LEU A 581 31.69 -32.00 -8.66
C LEU A 581 30.28 -31.63 -8.19
N ALA A 582 29.63 -32.51 -7.43
CA ALA A 582 28.32 -32.20 -6.89
C ALA A 582 28.39 -31.03 -5.91
N LEU A 583 29.41 -31.02 -5.04
CA LEU A 583 29.58 -29.91 -4.12
C LEU A 583 29.89 -28.62 -4.87
N LEU A 584 30.70 -28.70 -5.93
CA LEU A 584 31.01 -27.49 -6.69
C LEU A 584 29.78 -26.94 -7.39
N LEU A 585 28.92 -27.83 -7.90
CA LEU A 585 27.70 -27.35 -8.51
C LEU A 585 26.72 -26.81 -7.48
N ARG A 586 26.73 -27.35 -6.26
CA ARG A 586 25.97 -26.73 -5.17
C ARG A 586 26.45 -25.30 -4.94
N GLU A 587 27.77 -25.12 -4.90
CA GLU A 587 28.32 -23.79 -4.67
C GLU A 587 27.97 -22.83 -5.82
N GLU A 588 28.00 -23.33 -7.04
CA GLU A 588 27.58 -22.51 -8.17
C GLU A 588 26.11 -22.14 -8.08
N LEU A 589 25.27 -23.07 -7.62
CA LEU A 589 23.86 -22.79 -7.43
C LEU A 589 23.66 -21.67 -6.41
N GLN A 590 24.37 -21.74 -5.29
CA GLN A 590 24.25 -20.68 -4.29
C GLN A 590 24.74 -19.35 -4.83
N ALA A 591 25.87 -19.35 -5.54
CA ALA A 591 26.40 -18.10 -6.06
C ALA A 591 25.47 -17.48 -7.10
N TYR A 592 24.78 -18.35 -7.86
CA TYR A 592 23.75 -17.85 -8.81
C TYR A 592 22.60 -17.27 -7.99
N LYS A 593 22.23 -17.92 -6.88
CA LYS A 593 21.21 -17.37 -6.01
C LYS A 593 21.62 -16.02 -5.45
N ALA A 594 22.90 -15.70 -5.46
CA ALA A 594 23.38 -14.41 -4.95
C ALA A 594 23.28 -13.27 -5.95
N VAL A 595 23.19 -13.55 -7.24
CA VAL A 595 23.17 -12.47 -8.24
C VAL A 595 21.75 -11.98 -8.43
N ARG A 596 21.59 -10.85 -9.15
CA ARG A 596 20.31 -10.18 -9.33
C ARG A 596 20.12 -9.83 -10.81
N ALA A 597 19.94 -10.86 -11.65
CA ALA A 597 19.75 -10.62 -13.08
C ALA A 597 19.19 -11.84 -13.80
N ASP A 598 17.93 -12.18 -13.52
CA ASP A 598 17.18 -13.28 -14.15
C ASP A 598 18.04 -14.51 -14.49
N THR A 599 18.40 -15.28 -13.47
CA THR A 599 19.22 -16.47 -13.64
C THR A 599 18.41 -17.76 -13.45
N GLY A 600 17.12 -17.71 -13.74
CA GLY A 600 16.28 -18.89 -13.55
C GLY A 600 16.71 -20.05 -14.43
N GLN A 601 17.03 -19.78 -15.70
CA GLN A 601 17.45 -20.86 -16.59
C GLN A 601 18.78 -21.45 -16.17
N GLU A 602 19.71 -20.60 -15.73
CA GLU A 602 21.00 -21.10 -15.25
C GLU A 602 20.83 -21.97 -14.02
N ARG A 603 20.00 -21.53 -13.07
CA ARG A 603 19.72 -22.36 -11.91
C ARG A 603 19.09 -23.67 -12.32
N PHE A 604 18.20 -23.63 -13.32
CA PHE A 604 17.57 -24.85 -13.81
C PHE A 604 18.61 -25.80 -14.40
N ASN A 605 19.56 -25.27 -15.16
CA ASN A 605 20.61 -26.12 -15.72
C ASN A 605 21.44 -26.76 -14.62
N ILE A 606 21.83 -25.97 -13.62
CA ILE A 606 22.63 -26.51 -12.53
C ILE A 606 21.85 -27.60 -11.79
N ILE A 607 20.55 -27.38 -11.58
CA ILE A 607 19.75 -28.35 -10.84
C ILE A 607 19.56 -29.62 -11.66
N CYS A 608 19.39 -29.49 -12.97
CA CYS A 608 19.27 -30.66 -13.82
C CYS A 608 20.55 -31.49 -13.80
N ASP A 609 21.70 -30.81 -13.91
CA ASP A 609 22.97 -31.52 -13.86
C ASP A 609 23.21 -32.16 -12.50
N LEU A 610 22.78 -31.48 -11.43
CA LEU A 610 22.93 -32.06 -10.10
C LEU A 610 22.02 -33.26 -9.90
N LEU A 611 20.85 -33.26 -10.52
CA LEU A 611 19.99 -34.44 -10.47
C LEU A 611 20.61 -35.60 -11.25
N GLU A 612 21.21 -35.29 -12.40
CA GLU A 612 21.83 -36.33 -13.20
C GLU A 612 23.08 -36.89 -12.52
N LEU A 613 23.78 -36.06 -11.74
CA LEU A 613 25.03 -36.49 -11.13
C LEU A 613 24.81 -37.22 -9.82
N SER A 614 23.81 -36.83 -9.05
CA SER A 614 23.56 -37.48 -7.76
C SER A 614 22.97 -38.85 -7.98
N PRO A 615 23.66 -39.93 -7.59
CA PRO A 615 23.12 -41.28 -7.80
C PRO A 615 22.02 -41.58 -6.79
N GLU A 616 20.80 -41.81 -7.30
CA GLU A 616 19.68 -42.14 -6.44
C GLU A 616 19.91 -43.43 -5.65
N GLU A 617 20.87 -44.25 -6.07
CA GLU A 617 21.05 -45.57 -5.46
C GLU A 617 21.57 -45.45 -4.03
N THR A 618 22.57 -44.60 -3.81
CA THR A 618 23.21 -44.50 -2.51
C THR A 618 22.24 -43.89 -1.50
N PRO A 619 22.21 -44.41 -0.27
CA PRO A 619 21.43 -43.74 0.79
C PRO A 619 21.85 -42.30 1.02
N ALA A 620 23.11 -41.98 0.76
CA ALA A 620 23.58 -40.60 0.77
C ALA A 620 23.34 -39.90 -0.57
N GLY A 621 22.67 -40.57 -1.50
CA GLY A 621 22.29 -39.95 -2.75
C GLY A 621 20.82 -39.60 -2.77
N ALA A 622 20.04 -40.27 -1.93
CA ALA A 622 18.64 -39.89 -1.76
C ALA A 622 18.52 -38.50 -1.15
N TRP A 623 19.42 -38.17 -0.22
CA TRP A 623 19.44 -36.84 0.37
C TRP A 623 19.69 -35.77 -0.69
N ALA A 624 20.73 -35.97 -1.49
CA ALA A 624 21.04 -34.99 -2.53
C ALA A 624 19.93 -34.93 -3.57
N ARG A 625 19.32 -36.08 -3.85
CA ARG A 625 18.17 -36.12 -4.74
C ARG A 625 17.04 -35.22 -4.23
N ALA A 626 16.70 -35.37 -2.95
CA ALA A 626 15.63 -34.59 -2.37
C ALA A 626 15.95 -33.10 -2.34
N THR A 627 17.20 -32.75 -2.02
CA THR A 627 17.57 -31.34 -1.95
C THR A 627 17.52 -30.69 -3.33
N HIS A 628 18.10 -31.35 -4.32
CA HIS A 628 18.00 -30.83 -5.68
C HIS A 628 16.58 -30.82 -6.18
N LEU A 629 15.72 -31.70 -5.66
CA LEU A 629 14.33 -31.68 -6.07
C LEU A 629 13.57 -30.49 -5.48
N VAL A 630 13.83 -30.15 -4.22
CA VAL A 630 13.18 -28.95 -3.68
C VAL A 630 13.72 -27.70 -4.37
N GLU A 631 14.98 -27.71 -4.80
CA GLU A 631 15.47 -26.58 -5.58
C GLU A 631 14.82 -26.53 -6.95
N LEU A 632 14.57 -27.69 -7.56
CA LEU A 632 13.85 -27.73 -8.83
C LEU A 632 12.43 -27.24 -8.66
N ALA A 633 11.78 -27.59 -7.54
CA ALA A 633 10.46 -27.06 -7.26
C ALA A 633 10.51 -25.54 -7.18
N GLN A 634 11.50 -24.99 -6.47
CA GLN A 634 11.66 -23.55 -6.41
C GLN A 634 11.78 -22.95 -7.80
N VAL A 635 12.56 -23.58 -8.67
CA VAL A 635 12.77 -22.99 -10.00
C VAL A 635 11.58 -23.21 -10.92
N LEU A 636 10.69 -24.17 -10.59
CA LEU A 636 9.54 -24.47 -11.44
C LEU A 636 8.30 -23.67 -11.03
N CYS A 637 8.08 -23.46 -9.73
CA CYS A 637 7.01 -22.58 -9.30
C CYS A 637 7.25 -21.13 -9.74
N TYR A 638 8.38 -20.85 -10.37
CA TYR A 638 8.70 -19.51 -10.88
C TYR A 638 8.31 -19.38 -12.34
N HIS A 639 9.00 -20.11 -13.21
CA HIS A 639 8.71 -20.13 -14.65
C HIS A 639 8.78 -21.59 -15.09
N ASP A 640 7.65 -22.28 -15.05
CA ASP A 640 7.62 -23.70 -15.33
C ASP A 640 8.17 -23.99 -16.72
N PHE A 641 8.99 -25.03 -16.81
CA PHE A 641 9.64 -25.40 -18.06
C PHE A 641 8.94 -26.63 -18.62
N THR A 642 8.16 -26.42 -19.68
CA THR A 642 7.45 -27.50 -20.36
C THR A 642 8.27 -28.12 -21.48
N GLN A 643 9.43 -27.54 -21.82
CA GLN A 643 10.30 -28.09 -22.84
C GLN A 643 11.37 -29.02 -22.26
N GLN A 644 11.41 -29.19 -20.95
CA GLN A 644 12.41 -30.05 -20.32
C GLN A 644 11.74 -30.86 -19.20
N THR A 645 12.54 -31.73 -18.58
CA THR A 645 12.19 -32.51 -17.39
C THR A 645 11.00 -33.43 -17.59
N ASN A 646 9.86 -32.87 -18.02
CA ASN A 646 8.58 -33.56 -18.07
C ASN A 646 8.07 -33.94 -16.69
N CYS A 647 8.58 -33.29 -15.65
CA CYS A 647 8.08 -33.44 -14.29
C CYS A 647 7.44 -32.15 -13.84
N SER A 648 6.27 -32.26 -13.19
CA SER A 648 5.61 -31.10 -12.65
C SER A 648 6.28 -30.68 -11.34
N ALA A 649 6.01 -29.44 -10.94
CA ALA A 649 6.61 -28.92 -9.71
C ALA A 649 6.01 -29.60 -8.49
N LEU A 650 4.70 -29.77 -8.46
CA LEU A 650 4.07 -30.45 -7.35
C LEU A 650 4.36 -31.94 -7.35
N ASP A 651 4.92 -32.48 -8.43
CA ASP A 651 5.43 -33.84 -8.46
C ASP A 651 6.86 -33.92 -7.95
N ALA A 652 7.71 -32.99 -8.39
CA ALA A 652 9.08 -32.93 -7.90
C ALA A 652 9.12 -32.76 -6.40
N ILE A 653 8.31 -31.85 -5.85
CA ILE A 653 8.37 -31.59 -4.42
C ILE A 653 7.87 -32.79 -3.63
N ARG A 654 6.88 -33.52 -4.14
CA ARG A 654 6.39 -34.68 -3.42
C ARG A 654 7.39 -35.82 -3.46
N GLU A 655 8.05 -36.01 -4.61
CA GLU A 655 9.14 -36.97 -4.67
C GLU A 655 10.22 -36.62 -3.67
N ALA A 656 10.54 -35.33 -3.55
CA ALA A 656 11.54 -34.88 -2.58
C ALA A 656 11.11 -35.19 -1.16
N LEU A 657 9.84 -34.93 -0.85
CA LEU A 657 9.35 -35.20 0.51
C LEU A 657 9.39 -36.69 0.82
N GLN A 658 9.09 -37.54 -0.15
CA GLN A 658 9.18 -38.97 0.11
C GLN A 658 10.63 -39.41 0.32
N LEU A 659 11.54 -38.93 -0.53
CA LEU A 659 12.95 -39.22 -0.32
C LEU A 659 13.41 -38.79 1.07
N LEU A 660 12.99 -37.61 1.51
CA LEU A 660 13.40 -37.14 2.84
C LEU A 660 12.81 -38.00 3.94
N ASP A 661 11.55 -38.42 3.79
CA ASP A 661 10.98 -39.35 4.76
C ASP A 661 11.71 -40.67 4.78
N SER A 662 12.41 -41.03 3.70
CA SER A 662 13.18 -42.26 3.67
C SER A 662 14.58 -42.13 4.24
N VAL A 663 15.06 -40.91 4.50
CA VAL A 663 16.42 -40.68 4.97
C VAL A 663 16.48 -40.84 6.48
N ARG A 664 17.62 -41.34 6.97
CA ARG A 664 17.88 -41.41 8.41
C ARG A 664 19.24 -40.77 8.69
N PRO A 665 19.31 -39.74 9.53
CA PRO A 665 20.60 -39.14 9.85
C PRO A 665 21.24 -39.77 11.07
N GLU A 666 22.45 -39.34 11.42
CA GLU A 666 23.16 -39.89 12.57
C GLU A 666 23.05 -38.96 13.77
N ALA A 667 23.77 -37.85 13.75
CA ALA A 667 23.73 -36.87 14.84
C ALA A 667 24.24 -35.53 14.35
N GLN A 668 25.21 -35.55 13.43
CA GLN A 668 25.78 -34.32 12.90
C GLN A 668 24.94 -33.72 11.78
N ALA A 669 24.11 -34.52 11.12
CA ALA A 669 23.33 -34.07 9.97
C ALA A 669 21.84 -33.93 10.27
N ARG A 670 21.42 -34.18 11.51
CA ARG A 670 20.01 -34.03 11.85
C ARG A 670 19.54 -32.60 11.66
N ASP A 671 20.43 -31.62 11.88
CA ASP A 671 20.08 -30.23 11.65
C ASP A 671 19.81 -29.96 10.17
N GLN A 672 20.69 -30.43 9.30
CA GLN A 672 20.45 -30.30 7.86
C GLN A 672 19.15 -30.99 7.47
N LEU A 673 18.86 -32.13 8.10
CA LEU A 673 17.63 -32.85 7.78
C LEU A 673 16.40 -32.02 8.14
N LEU A 674 16.36 -31.48 9.35
CA LEU A 674 15.23 -30.63 9.74
C LEU A 674 15.09 -29.45 8.80
N ASP A 675 16.21 -28.82 8.46
CA ASP A 675 16.17 -27.68 7.54
C ASP A 675 15.53 -28.05 6.22
N ASP A 676 16.06 -29.09 5.56
CA ASP A 676 15.58 -29.40 4.22
C ASP A 676 14.14 -29.93 4.25
N LYS A 677 13.76 -30.65 5.31
CA LYS A 677 12.38 -31.10 5.43
C LYS A 677 11.42 -29.93 5.56
N ALA A 678 11.74 -28.98 6.44
CA ALA A 678 10.87 -27.81 6.60
C ALA A 678 10.79 -27.01 5.32
N GLN A 679 11.91 -26.87 4.62
CA GLN A 679 11.91 -26.11 3.37
C GLN A 679 11.08 -26.82 2.31
N ALA A 680 11.14 -28.15 2.27
CA ALA A 680 10.31 -28.91 1.35
C ALA A 680 8.83 -28.72 1.67
N LEU A 681 8.47 -28.70 2.94
CA LEU A 681 7.05 -28.51 3.29
C LEU A 681 6.57 -27.12 2.91
N LEU A 682 7.40 -26.11 3.16
CA LEU A 682 7.05 -24.75 2.76
C LEU A 682 6.81 -24.67 1.26
N TRP A 683 7.72 -25.23 0.46
CA TRP A 683 7.53 -25.12 -0.98
C TRP A 683 6.43 -26.04 -1.49
N LEU A 684 6.11 -27.12 -0.76
CA LEU A 684 4.92 -27.90 -1.06
C LEU A 684 3.68 -27.03 -0.97
N TYR A 685 3.54 -26.28 0.13
CA TYR A 685 2.43 -25.34 0.24
C TYR A 685 2.44 -24.34 -0.90
N ILE A 686 3.61 -23.76 -1.18
CA ILE A 686 3.69 -22.69 -2.18
C ILE A 686 3.21 -23.20 -3.53
N CYS A 687 3.65 -24.38 -3.93
CA CYS A 687 3.29 -24.84 -5.26
C CYS A 687 1.91 -25.48 -5.32
N THR A 688 1.36 -25.97 -4.20
CA THR A 688 -0.08 -26.26 -4.19
C THR A 688 -0.89 -25.00 -4.41
N LEU A 689 -0.46 -23.89 -3.80
CA LEU A 689 -1.19 -22.64 -4.00
C LEU A 689 -1.07 -22.15 -5.44
N GLU A 690 0.11 -22.29 -6.05
CA GLU A 690 0.25 -21.97 -7.46
C GLU A 690 -0.62 -22.87 -8.34
N ALA A 691 -0.76 -24.14 -7.97
CA ALA A 691 -1.66 -25.03 -8.68
C ALA A 691 -3.10 -24.55 -8.59
N LYS A 692 -3.53 -24.16 -7.39
CA LYS A 692 -4.86 -23.58 -7.22
C LYS A 692 -5.05 -22.35 -8.09
N ILE A 693 -4.03 -21.51 -8.16
CA ILE A 693 -4.13 -20.28 -8.95
C ILE A 693 -4.32 -20.61 -10.42
N GLN A 694 -3.50 -21.50 -10.97
CA GLN A 694 -3.66 -21.83 -12.39
C GLN A 694 -4.95 -22.60 -12.65
N GLU A 695 -5.43 -23.38 -11.69
CA GLU A 695 -6.72 -24.05 -11.85
C GLU A 695 -7.85 -23.02 -11.95
N GLY A 696 -7.84 -22.03 -11.06
CA GLY A 696 -8.82 -20.96 -11.16
C GLY A 696 -8.70 -20.18 -12.44
N ILE A 697 -7.47 -19.97 -12.91
CA ILE A 697 -7.26 -19.27 -14.17
C ILE A 697 -7.88 -20.05 -15.31
N GLU A 698 -7.73 -21.38 -15.29
CA GLU A 698 -8.34 -22.20 -16.34
C GLU A 698 -9.87 -22.16 -16.26
N ARG A 699 -10.41 -22.23 -15.04
CA ARG A 699 -11.86 -22.11 -14.88
C ARG A 699 -12.37 -20.80 -15.47
N ASP A 700 -11.70 -19.69 -15.17
CA ASP A 700 -12.16 -18.39 -15.65
C ASP A 700 -11.89 -18.21 -17.15
N ARG A 701 -10.87 -18.86 -17.68
CA ARG A 701 -10.60 -18.80 -19.12
C ARG A 701 -11.61 -19.63 -19.90
N ARG A 702 -12.17 -20.66 -19.28
CA ARG A 702 -13.19 -21.46 -19.95
C ARG A 702 -14.43 -20.61 -20.22
N ALA A 703 -14.49 -20.03 -21.43
CA ALA A 703 -15.62 -19.20 -21.84
C ALA A 703 -16.31 -19.68 -23.11
N GLN A 704 -15.63 -20.48 -23.93
CA GLN A 704 -16.20 -21.01 -25.17
C GLN A 704 -16.67 -19.89 -26.09
N ALA A 705 -17.98 -19.83 -26.32
CA ALA A 705 -18.56 -18.80 -27.18
C ALA A 705 -19.57 -17.96 -26.42
N PHE A 728 -23.21 -17.26 -5.11
CA PHE A 728 -21.88 -17.84 -5.07
C PHE A 728 -21.71 -18.79 -3.88
N LEU A 729 -22.84 -19.14 -3.25
CA LEU A 729 -22.80 -20.11 -2.16
C LEU A 729 -22.26 -21.45 -2.64
N TYR A 730 -22.69 -21.89 -3.82
CA TYR A 730 -22.17 -23.13 -4.39
C TYR A 730 -20.68 -23.02 -4.64
N SER A 731 -20.23 -21.87 -5.15
CA SER A 731 -18.81 -21.67 -5.38
C SER A 731 -18.02 -21.73 -4.09
N ASN A 732 -18.58 -21.20 -3.00
CA ASN A 732 -17.89 -21.23 -1.71
C ASN A 732 -17.81 -22.65 -1.17
N ILE A 733 -18.94 -23.37 -1.15
CA ILE A 733 -18.91 -24.74 -0.63
C ILE A 733 -18.10 -25.65 -1.53
N ALA A 734 -17.89 -25.27 -2.80
CA ALA A 734 -17.01 -26.05 -3.67
C ALA A 734 -15.54 -25.74 -3.43
N PHE A 735 -15.20 -24.45 -3.31
CA PHE A 735 -13.82 -24.08 -3.08
C PHE A 735 -13.32 -24.56 -1.73
N ASN A 736 -14.22 -24.65 -0.74
CA ASN A 736 -13.82 -25.16 0.58
C ASN A 736 -13.15 -26.52 0.45
N LEU A 737 -13.88 -27.50 -0.09
CA LEU A 737 -13.31 -28.77 -0.54
C LEU A 737 -12.65 -29.56 0.58
N ALA A 738 -12.69 -29.04 1.81
CA ALA A 738 -12.04 -29.67 2.96
C ALA A 738 -10.56 -29.91 2.69
N ALA A 739 -9.92 -28.94 2.03
CA ALA A 739 -8.50 -29.01 1.71
C ALA A 739 -7.64 -28.14 2.61
N ASP A 740 -8.24 -27.44 3.56
CA ASP A 740 -7.47 -26.59 4.47
C ASP A 740 -6.59 -27.44 5.39
N ALA A 741 -7.10 -28.59 5.84
CA ALA A 741 -6.33 -29.45 6.71
C ALA A 741 -5.08 -29.98 6.01
N ALA A 742 -5.13 -30.15 4.69
CA ALA A 742 -3.99 -30.70 3.97
C ALA A 742 -2.87 -29.68 3.85
N GLN A 743 -3.19 -28.43 3.53
CA GLN A 743 -2.17 -27.45 3.20
C GLN A 743 -1.61 -26.73 4.44
N SER A 744 -2.49 -26.28 5.34
CA SER A 744 -2.02 -25.57 6.52
C SER A 744 -1.18 -26.45 7.43
N LYS A 745 -1.45 -27.76 7.44
CA LYS A 745 -0.68 -28.67 8.27
C LYS A 745 0.80 -28.66 7.88
N CYS A 746 1.09 -28.55 6.58
CA CYS A 746 2.50 -28.60 6.12
C CYS A 746 3.26 -27.37 6.64
N LEU A 747 2.64 -26.18 6.64
CA LEU A 747 3.30 -25.02 7.22
C LEU A 747 3.40 -25.13 8.74
N ASP A 748 2.37 -25.70 9.37
CA ASP A 748 2.42 -25.89 10.82
C ASP A 748 3.56 -26.83 11.21
N GLN A 749 3.93 -27.75 10.32
CA GLN A 749 5.06 -28.63 10.60
C GLN A 749 6.41 -28.02 10.20
N ALA A 750 6.44 -27.23 9.12
CA ALA A 750 7.66 -26.51 8.79
C ALA A 750 8.07 -25.57 9.92
N LEU A 751 7.08 -24.91 10.54
CA LEU A 751 7.37 -24.04 11.67
C LEU A 751 8.01 -24.82 12.81
N ALA A 752 7.45 -25.99 13.14
CA ALA A 752 7.99 -26.78 14.24
C ALA A 752 9.40 -27.27 13.93
N LEU A 753 9.67 -27.62 12.67
CA LEU A 753 11.01 -28.06 12.31
C LEU A 753 12.01 -26.92 12.45
N TRP A 754 11.68 -25.74 11.90
CA TRP A 754 12.56 -24.58 12.07
C TRP A 754 12.75 -24.26 13.55
N LYS A 755 11.72 -24.46 14.35
CA LYS A 755 11.80 -24.10 15.77
C LYS A 755 12.72 -25.05 16.52
N GLU A 756 12.57 -26.36 16.30
CA GLU A 756 13.49 -27.30 16.92
C GLU A 756 14.91 -27.12 16.41
N LEU A 757 15.06 -26.57 15.20
CA LEU A 757 16.41 -26.31 14.70
C LEU A 757 17.05 -25.11 15.39
N LEU A 758 16.29 -24.02 15.54
CA LEU A 758 16.87 -22.74 15.94
C LEU A 758 16.70 -22.41 17.42
N THR A 759 15.91 -23.17 18.17
CA THR A 759 15.65 -22.81 19.57
C THR A 759 16.69 -23.37 20.53
N LYS A 760 17.52 -24.32 20.08
CA LYS A 760 18.47 -24.98 20.98
C LYS A 760 19.53 -24.02 21.50
N GLY A 761 19.77 -22.90 20.82
CA GLY A 761 20.81 -21.97 21.20
C GLY A 761 22.19 -22.34 20.70
N GLN A 762 22.45 -23.61 20.43
CA GLN A 762 23.72 -24.02 19.86
C GLN A 762 23.79 -23.55 18.41
N ALA A 763 24.95 -23.75 17.80
CA ALA A 763 25.12 -23.38 16.41
C ALA A 763 24.23 -24.25 15.52
N PRO A 764 23.69 -23.70 14.45
CA PRO A 764 22.75 -24.45 13.62
C PRO A 764 23.42 -25.56 12.82
N ALA A 765 24.53 -25.23 12.15
CA ALA A 765 25.25 -26.16 11.28
C ALA A 765 24.36 -26.66 10.15
N VAL A 766 23.88 -25.71 9.35
CA VAL A 766 23.10 -26.00 8.16
C VAL A 766 23.91 -25.57 6.95
N ARG A 767 23.41 -25.83 5.74
CA ARG A 767 24.15 -25.46 4.55
C ARG A 767 24.29 -23.94 4.46
N CYS A 768 23.22 -23.26 4.07
CA CYS A 768 23.19 -21.80 4.03
C CYS A 768 22.17 -21.33 5.05
N LEU A 769 22.63 -20.68 6.11
CA LEU A 769 21.71 -20.09 7.07
C LEU A 769 20.94 -18.94 6.44
N GLN A 770 21.52 -18.30 5.42
CA GLN A 770 20.79 -17.27 4.68
C GLN A 770 19.54 -17.85 4.05
N GLN A 771 19.61 -19.10 3.59
CA GLN A 771 18.43 -19.74 3.02
C GLN A 771 17.37 -19.99 4.09
N THR A 772 17.80 -20.35 5.30
CA THR A 772 16.86 -20.48 6.40
C THR A 772 16.19 -19.14 6.70
N ALA A 773 16.97 -18.05 6.64
CA ALA A 773 16.41 -16.73 6.89
C ALA A 773 15.37 -16.37 5.82
N ALA A 774 15.70 -16.58 4.56
CA ALA A 774 14.76 -16.27 3.48
C ALA A 774 13.50 -17.12 3.58
N SER A 775 13.65 -18.40 3.92
CA SER A 775 12.49 -19.26 4.05
C SER A 775 11.62 -18.86 5.23
N LEU A 776 12.24 -18.42 6.33
CA LEU A 776 11.46 -17.93 7.45
C LEU A 776 10.71 -16.65 7.07
N GLN A 777 11.34 -15.78 6.28
CA GLN A 777 10.62 -14.59 5.81
C GLN A 777 9.40 -14.98 4.99
N ILE A 778 9.58 -15.90 4.04
CA ILE A 778 8.45 -16.34 3.22
C ILE A 778 7.37 -16.98 4.09
N LEU A 779 7.79 -17.71 5.12
CA LEU A 779 6.81 -18.39 5.96
C LEU A 779 6.02 -17.40 6.80
N ALA A 780 6.68 -16.35 7.32
CA ALA A 780 5.96 -15.29 8.02
C ALA A 780 4.97 -14.59 7.09
N ALA A 781 5.41 -14.30 5.86
CA ALA A 781 4.53 -13.64 4.86
C ALA A 781 3.33 -14.55 4.57
N LEU A 782 3.58 -15.85 4.35
CA LEU A 782 2.49 -16.79 4.01
C LEU A 782 1.49 -16.87 5.18
N TYR A 783 1.99 -16.95 6.42
CA TYR A 783 1.09 -17.03 7.61
C TYR A 783 0.26 -15.75 7.68
N GLN A 784 0.88 -14.60 7.45
CA GLN A 784 0.13 -13.31 7.45
C GLN A 784 -0.99 -13.38 6.42
N LEU A 785 -0.76 -14.06 5.28
CA LEU A 785 -1.76 -14.08 4.23
C LEU A 785 -2.91 -15.05 4.55
N VAL A 786 -2.60 -16.19 5.16
CA VAL A 786 -3.59 -17.19 5.53
C VAL A 786 -4.33 -16.72 6.77
N ALA A 787 -4.00 -15.52 7.25
CA ALA A 787 -4.62 -14.92 8.43
C ALA A 787 -4.36 -15.78 9.67
N LYS A 788 -3.08 -16.07 9.91
CA LYS A 788 -2.62 -16.72 11.14
C LYS A 788 -1.53 -15.82 11.72
N PRO A 789 -1.90 -14.78 12.46
CA PRO A 789 -0.93 -13.76 12.85
C PRO A 789 0.02 -14.20 13.95
N MET A 790 -0.46 -15.03 14.87
CA MET A 790 0.38 -15.48 15.97
C MET A 790 1.49 -16.40 15.47
N GLN A 791 1.19 -17.23 14.48
CA GLN A 791 2.22 -18.08 13.88
C GLN A 791 3.26 -17.22 13.17
N ALA A 792 2.82 -16.18 12.46
CA ALA A 792 3.76 -15.26 11.84
C ALA A 792 4.63 -14.59 12.89
N LEU A 793 4.05 -14.30 14.06
CA LEU A 793 4.82 -13.72 15.16
C LEU A 793 5.92 -14.67 15.61
N GLU A 794 5.59 -15.94 15.81
CA GLU A 794 6.61 -16.92 16.20
C GLU A 794 7.70 -17.04 15.13
N VAL A 795 7.28 -17.06 13.85
CA VAL A 795 8.25 -17.15 12.77
C VAL A 795 9.17 -15.95 12.76
N LEU A 796 8.63 -14.76 13.04
CA LEU A 796 9.46 -13.56 13.08
C LEU A 796 10.41 -13.58 14.28
N LEU A 797 9.98 -14.15 15.40
CA LEU A 797 10.90 -14.33 16.52
C LEU A 797 12.06 -15.22 16.14
N LEU A 798 11.78 -16.33 15.45
CA LEU A 798 12.86 -17.21 15.01
C LEU A 798 13.74 -16.52 13.98
N LEU A 799 13.17 -15.67 13.12
CA LEU A 799 13.97 -14.93 12.16
C LEU A 799 14.89 -13.94 12.86
N ARG A 800 14.41 -13.34 13.96
CA ARG A 800 15.27 -12.46 14.75
C ARG A 800 16.38 -13.24 15.43
N ILE A 801 16.07 -14.45 15.92
CA ILE A 801 17.09 -15.31 16.51
C ILE A 801 18.18 -15.62 15.49
N VAL A 802 17.77 -16.04 14.29
CA VAL A 802 18.73 -16.40 13.26
C VAL A 802 19.51 -15.17 12.79
N SER A 803 18.87 -14.00 12.78
CA SER A 803 19.50 -12.80 12.26
C SER A 803 20.63 -12.31 13.16
N GLU A 804 20.50 -12.52 14.48
CA GLU A 804 21.60 -12.22 15.38
C GLU A 804 22.73 -13.23 15.21
N ARG A 805 22.38 -14.49 14.96
CA ARG A 805 23.38 -15.53 14.75
C ARG A 805 24.21 -15.29 13.50
N LEU A 806 23.72 -14.50 12.55
CA LEU A 806 24.38 -14.27 11.28
C LEU A 806 25.02 -12.90 11.16
N LYS A 807 24.88 -12.06 12.20
CA LYS A 807 25.44 -10.71 12.21
C LYS A 807 24.95 -9.89 11.01
N ASP A 808 23.64 -9.93 10.79
CA ASP A 808 22.98 -9.12 9.78
C ASP A 808 21.95 -8.27 10.50
N HIS A 809 22.29 -7.01 10.77
CA HIS A 809 21.42 -6.15 11.55
C HIS A 809 20.30 -5.53 10.74
N SER A 810 20.44 -5.48 9.41
CA SER A 810 19.32 -5.12 8.56
C SER A 810 18.14 -6.05 8.81
N LYS A 811 18.39 -7.36 8.83
CA LYS A 811 17.31 -8.32 9.02
C LYS A 811 16.79 -8.31 10.44
N ALA A 812 17.65 -8.08 11.43
CA ALA A 812 17.16 -7.98 12.80
C ALA A 812 16.25 -6.77 12.97
N ALA A 813 16.64 -5.64 12.40
CA ALA A 813 15.80 -4.45 12.46
C ALA A 813 14.48 -4.67 11.73
N GLY A 814 14.53 -5.29 10.55
CA GLY A 814 13.30 -5.58 9.83
C GLY A 814 12.39 -6.52 10.58
N SER A 815 12.96 -7.54 11.23
CA SER A 815 12.15 -8.48 11.99
C SER A 815 11.50 -7.79 13.18
N SER A 816 12.24 -6.91 13.85
CA SER A 816 11.64 -6.18 14.97
C SER A 816 10.55 -5.23 14.50
N CYS A 817 10.78 -4.55 13.37
CA CYS A 817 9.75 -3.69 12.81
C CYS A 817 8.48 -4.46 12.49
N HIS A 818 8.64 -5.66 11.92
CA HIS A 818 7.47 -6.47 11.59
C HIS A 818 6.77 -6.98 12.84
N ILE A 819 7.52 -7.40 13.85
CA ILE A 819 6.91 -7.83 15.10
C ILE A 819 6.13 -6.68 15.71
N THR A 820 6.66 -5.46 15.64
CA THR A 820 5.97 -4.30 16.21
C THR A 820 4.70 -3.99 15.42
N GLN A 821 4.77 -4.02 14.09
CA GLN A 821 3.59 -3.76 13.28
C GLN A 821 2.50 -4.80 13.52
N LEU A 822 2.90 -6.06 13.70
CA LEU A 822 1.93 -7.11 13.95
C LEU A 822 1.36 -7.05 15.35
N LEU A 823 2.13 -6.58 16.33
CA LEU A 823 1.60 -6.40 17.67
C LEU A 823 0.68 -5.20 17.75
N LEU A 824 0.94 -4.16 16.95
CA LEU A 824 0.03 -3.02 16.90
C LEU A 824 -1.24 -3.35 16.13
N THR A 825 -1.17 -4.21 15.12
CA THR A 825 -2.38 -4.67 14.46
C THR A 825 -3.28 -5.41 15.43
N LEU A 826 -2.70 -6.12 16.39
CA LEU A 826 -3.47 -6.70 17.47
C LEU A 826 -3.67 -5.65 18.56
N GLY A 827 -4.12 -6.08 19.74
CA GLY A 827 -4.49 -5.12 20.76
C GLY A 827 -3.29 -4.51 21.45
N CYS A 828 -2.37 -5.33 21.92
CA CYS A 828 -1.31 -4.93 22.85
C CYS A 828 -0.33 -3.94 22.25
N PRO A 829 -0.30 -2.68 22.71
CA PRO A 829 0.76 -1.76 22.30
C PRO A 829 1.94 -1.72 23.24
N SER A 830 1.87 -2.42 24.38
CA SER A 830 2.98 -2.45 25.31
C SER A 830 4.14 -3.25 24.75
N TYR A 831 3.86 -4.46 24.24
CA TYR A 831 4.91 -5.30 23.68
C TYR A 831 5.49 -4.73 22.39
N ALA A 832 4.78 -3.82 21.72
CA ALA A 832 5.33 -3.21 20.52
C ALA A 832 6.46 -2.27 20.85
N GLN A 833 6.44 -1.67 22.05
CA GLN A 833 7.47 -0.70 22.41
C GLN A 833 8.82 -1.40 22.62
N LEU A 834 8.81 -2.55 23.27
CA LEU A 834 10.05 -3.32 23.45
C LEU A 834 10.70 -3.60 22.11
N HIS A 835 9.92 -4.07 21.14
CA HIS A 835 10.50 -4.47 19.87
C HIS A 835 10.83 -3.27 18.99
N LEU A 836 10.16 -2.13 19.18
CA LEU A 836 10.60 -0.92 18.50
C LEU A 836 11.94 -0.44 19.04
N GLU A 837 12.14 -0.54 20.36
CA GLU A 837 13.44 -0.21 20.94
C GLU A 837 14.51 -1.16 20.44
N GLU A 838 14.18 -2.44 20.30
CA GLU A 838 15.13 -3.40 19.74
C GLU A 838 15.48 -3.05 18.30
N ALA A 839 14.47 -2.63 17.52
CA ALA A 839 14.73 -2.24 16.14
C ALA A 839 15.66 -1.04 16.07
N ALA A 840 15.47 -0.07 16.97
CA ALA A 840 16.37 1.09 16.99
C ALA A 840 17.78 0.68 17.39
N SER A 841 17.89 -0.18 18.41
CA SER A 841 19.21 -0.67 18.82
C SER A 841 19.92 -1.36 17.67
N SER A 842 19.19 -2.15 16.89
CA SER A 842 19.79 -2.77 15.71
C SER A 842 20.09 -1.74 14.64
N LEU A 843 19.34 -0.64 14.61
CA LEU A 843 19.59 0.41 13.63
C LEU A 843 20.90 1.13 13.91
N LYS A 844 21.33 1.18 15.17
CA LYS A 844 22.59 1.84 15.48
C LYS A 844 23.75 1.23 14.70
N HIS A 845 23.72 -0.09 14.49
CA HIS A 845 24.83 -0.83 13.89
C HIS A 845 24.81 -0.84 12.37
N LEU A 846 24.24 0.16 11.72
CA LEU A 846 24.15 0.15 10.27
C LEU A 846 24.95 1.31 9.68
N ASP A 847 25.13 1.27 8.37
CA ASP A 847 26.05 2.18 7.71
C ASP A 847 25.53 3.61 7.69
N GLN A 848 24.21 3.79 7.69
CA GLN A 848 23.56 5.05 7.39
C GLN A 848 23.91 5.51 5.97
N THR A 849 23.25 6.57 5.50
CA THR A 849 23.38 7.01 4.11
C THR A 849 23.12 5.88 3.13
N THR A 850 22.32 4.90 3.55
CA THR A 850 22.03 3.72 2.75
C THR A 850 20.54 3.43 2.82
N ASP A 851 19.98 2.99 1.69
CA ASP A 851 18.53 2.84 1.57
C ASP A 851 17.97 1.94 2.66
N THR A 852 18.73 0.92 3.07
CA THR A 852 18.26 0.07 4.16
C THR A 852 18.08 0.87 5.44
N TYR A 853 19.08 1.71 5.78
CA TYR A 853 18.97 2.49 7.00
C TYR A 853 17.86 3.52 6.90
N LEU A 854 17.79 4.23 5.78
CA LEU A 854 16.73 5.22 5.60
C LEU A 854 15.36 4.58 5.76
N LEU A 855 15.17 3.42 5.14
CA LEU A 855 13.87 2.76 5.18
C LEU A 855 13.54 2.29 6.58
N LEU A 856 14.49 1.66 7.26
CA LEU A 856 14.20 1.15 8.60
C LEU A 856 14.03 2.29 9.59
N SER A 857 14.70 3.41 9.37
CA SER A 857 14.51 4.58 10.25
C SER A 857 13.13 5.18 10.06
N LEU A 858 12.70 5.34 8.81
CA LEU A 858 11.34 5.81 8.57
C LEU A 858 10.31 4.84 9.12
N THR A 859 10.58 3.54 9.02
CA THR A 859 9.66 2.55 9.56
C THR A 859 9.56 2.64 11.07
N CYS A 860 10.70 2.80 11.75
CA CYS A 860 10.67 2.94 13.20
C CYS A 860 9.98 4.24 13.62
N ASP A 861 10.19 5.31 12.84
CA ASP A 861 9.48 6.55 13.13
C ASP A 861 7.98 6.39 12.97
N LEU A 862 7.55 5.69 11.93
CA LEU A 862 6.13 5.41 11.72
C LEU A 862 5.57 4.58 12.88
N LEU A 863 6.32 3.56 13.30
CA LEU A 863 5.86 2.73 14.41
C LEU A 863 5.76 3.53 15.70
N ARG A 864 6.66 4.51 15.90
CA ARG A 864 6.58 5.34 17.09
C ARG A 864 5.42 6.31 17.00
N SER A 865 5.14 6.82 15.80
CA SER A 865 3.94 7.63 15.60
C SER A 865 2.69 6.85 15.94
N GLN A 866 2.64 5.57 15.54
CA GLN A 866 1.48 4.76 15.83
C GLN A 866 1.40 4.41 17.31
N LEU A 867 2.55 4.22 17.97
CA LEU A 867 2.55 3.99 19.41
C LEU A 867 2.05 5.20 20.16
N TYR A 868 2.40 6.40 19.69
CA TYR A 868 1.84 7.62 20.27
C TYR A 868 0.35 7.71 20.02
N TRP A 869 -0.09 7.39 18.81
CA TRP A 869 -1.51 7.39 18.48
C TRP A 869 -2.30 6.51 19.45
N THR A 870 -1.81 5.31 19.69
CA THR A 870 -2.53 4.40 20.58
C THR A 870 -2.34 4.75 22.04
N HIS A 871 -1.25 5.43 22.40
CA HIS A 871 -1.01 5.86 23.77
C HIS A 871 -1.63 7.21 24.10
N GLN A 872 -2.44 7.75 23.19
CA GLN A 872 -3.19 8.99 23.35
C GLN A 872 -2.31 10.23 23.41
N LYS A 873 -1.02 10.11 23.09
CA LYS A 873 -0.16 11.28 22.94
C LYS A 873 -0.12 11.66 21.46
N VAL A 874 -1.23 12.24 21.02
CA VAL A 874 -1.49 12.36 19.60
C VAL A 874 -0.68 13.47 18.95
N THR A 875 -0.33 14.53 19.68
CA THR A 875 0.33 15.66 19.03
C THR A 875 1.78 15.35 18.69
N LYS A 876 2.49 14.65 19.57
CA LYS A 876 3.83 14.18 19.22
C LYS A 876 3.78 13.17 18.09
N GLY A 877 2.74 12.32 18.08
CA GLY A 877 2.58 11.39 16.98
C GLY A 877 2.35 12.08 15.66
N VAL A 878 1.57 13.15 15.65
CA VAL A 878 1.31 13.87 14.42
C VAL A 878 2.58 14.60 13.96
N SER A 879 3.36 15.11 14.92
CA SER A 879 4.63 15.70 14.56
C SER A 879 5.53 14.68 13.88
N LEU A 880 5.65 13.49 14.47
CA LEU A 880 6.45 12.42 13.87
C LEU A 880 5.93 12.07 12.48
N LEU A 881 4.61 11.91 12.35
CA LEU A 881 4.02 11.47 11.09
C LEU A 881 4.21 12.51 10.01
N LEU A 882 4.14 13.79 10.36
CA LEU A 882 4.37 14.85 9.38
C LEU A 882 5.85 14.93 9.02
N SER A 883 6.73 14.58 9.95
CA SER A 883 8.14 14.47 9.59
C SER A 883 8.36 13.34 8.60
N VAL A 884 7.67 12.22 8.80
CA VAL A 884 7.78 11.09 7.87
C VAL A 884 7.21 11.46 6.50
N LEU A 885 6.07 12.15 6.50
CA LEU A 885 5.37 12.47 5.26
C LEU A 885 6.10 13.47 4.40
N ARG A 886 6.99 14.27 4.98
CA ARG A 886 7.69 15.32 4.24
C ARG A 886 9.13 14.93 3.90
N ASP A 887 9.45 13.63 3.91
CA ASP A 887 10.80 13.18 3.58
C ASP A 887 10.89 12.82 2.11
N PRO A 888 11.87 13.36 1.38
CA PRO A 888 12.01 12.98 -0.04
C PRO A 888 12.42 11.53 -0.25
N ALA A 889 12.75 10.80 0.81
CA ALA A 889 13.08 9.39 0.67
C ALA A 889 11.86 8.50 0.66
N LEU A 890 10.71 9.00 1.10
CA LEU A 890 9.47 8.24 1.05
C LEU A 890 8.86 8.18 -0.34
N GLN A 891 9.42 8.90 -1.31
CA GLN A 891 8.86 8.95 -2.65
C GLN A 891 9.75 8.33 -3.72
N LYS A 892 10.89 7.77 -3.36
CA LYS A 892 11.74 7.14 -4.36
C LYS A 892 11.14 5.81 -4.81
N SER A 893 11.39 5.47 -6.08
CA SER A 893 10.70 4.36 -6.74
C SER A 893 11.33 3.03 -6.33
N SER A 894 10.65 2.32 -5.44
CA SER A 894 11.02 0.97 -5.03
C SER A 894 9.85 0.39 -4.25
N LYS A 895 9.75 -0.94 -4.27
CA LYS A 895 8.55 -1.58 -3.74
C LYS A 895 8.48 -1.49 -2.22
N ALA A 896 9.61 -1.60 -1.53
CA ALA A 896 9.59 -1.44 -0.08
C ALA A 896 9.12 -0.04 0.31
N TRP A 897 9.49 0.97 -0.48
CA TRP A 897 9.00 2.33 -0.25
C TRP A 897 7.50 2.43 -0.49
N TYR A 898 6.97 1.67 -1.43
CA TYR A 898 5.53 1.68 -1.66
C TYR A 898 4.79 1.02 -0.50
N LEU A 899 5.34 -0.07 0.03
CA LEU A 899 4.75 -0.67 1.23
C LEU A 899 4.78 0.32 2.38
N LEU A 900 5.86 1.08 2.49
CA LEU A 900 5.94 2.08 3.55
C LEU A 900 4.91 3.19 3.35
N ARG A 901 4.69 3.60 2.10
CA ARG A 901 3.64 4.60 1.85
C ARG A 901 2.26 4.04 2.16
N VAL A 902 2.06 2.74 1.95
CA VAL A 902 0.79 2.11 2.32
C VAL A 902 0.58 2.21 3.83
N GLN A 903 1.59 1.84 4.60
CA GLN A 903 1.45 1.94 6.05
C GLN A 903 1.30 3.38 6.51
N VAL A 904 2.00 4.30 5.83
CA VAL A 904 1.86 5.73 6.10
C VAL A 904 0.43 6.17 5.90
N LEU A 905 -0.20 5.74 4.80
CA LEU A 905 -1.56 6.17 4.49
C LEU A 905 -2.56 5.57 5.47
N GLN A 906 -2.35 4.32 5.88
CA GLN A 906 -3.22 3.75 6.90
C GLN A 906 -3.08 4.49 8.23
N LEU A 907 -1.87 4.93 8.57
CA LEU A 907 -1.69 5.72 9.79
C LEU A 907 -2.31 7.11 9.64
N VAL A 908 -2.21 7.70 8.45
CA VAL A 908 -2.83 9.00 8.21
C VAL A 908 -4.33 8.89 8.37
N ALA A 909 -4.91 7.79 7.91
CA ALA A 909 -6.34 7.57 8.11
C ALA A 909 -6.65 7.34 9.58
N ALA A 910 -5.75 6.68 10.31
CA ALA A 910 -5.96 6.49 11.73
C ALA A 910 -5.90 7.81 12.50
N TYR A 911 -5.18 8.80 11.96
CA TYR A 911 -5.14 10.12 12.58
C TYR A 911 -6.27 11.02 12.13
N LEU A 912 -6.79 10.83 10.91
CA LEU A 912 -7.90 11.64 10.45
C LEU A 912 -9.22 11.23 11.10
N SER A 913 -9.28 10.08 11.74
CA SER A 913 -10.48 9.63 12.42
C SER A 913 -10.55 10.09 13.87
N LEU A 914 -9.69 11.00 14.29
CA LEU A 914 -9.76 11.51 15.65
C LEU A 914 -10.56 12.80 15.69
N PRO A 915 -11.26 13.07 16.80
CA PRO A 915 -11.93 14.38 16.94
C PRO A 915 -10.93 15.52 16.92
N SER A 916 -11.45 16.71 16.64
CA SER A 916 -10.58 17.88 16.47
C SER A 916 -10.06 18.44 17.78
N ASN A 917 -10.69 18.12 18.91
CA ASN A 917 -10.16 18.56 20.19
C ASN A 917 -8.91 17.81 20.59
N ASN A 918 -8.65 16.65 19.98
CA ASN A 918 -7.44 15.91 20.32
C ASN A 918 -6.19 16.61 19.82
N LEU A 919 -6.30 17.34 18.72
CA LEU A 919 -5.16 17.96 18.08
C LEU A 919 -5.34 19.47 18.04
N SER A 920 -4.27 20.17 17.70
CA SER A 920 -4.32 21.60 17.50
C SER A 920 -4.96 21.90 16.15
N HIS A 921 -5.08 23.18 15.82
CA HIS A 921 -5.74 23.57 14.58
C HIS A 921 -4.76 23.58 13.41
N SER A 922 -3.60 24.21 13.59
CA SER A 922 -2.61 24.21 12.52
C SER A 922 -2.10 22.80 12.24
N LEU A 923 -2.11 21.94 13.27
CA LEU A 923 -1.77 20.54 13.05
C LEU A 923 -2.76 19.88 12.11
N TRP A 924 -4.06 20.12 12.33
CA TRP A 924 -5.06 19.57 11.42
C TRP A 924 -4.90 20.14 10.02
N GLU A 925 -4.60 21.42 9.91
CA GLU A 925 -4.43 22.03 8.59
C GLU A 925 -3.26 21.39 7.84
N GLN A 926 -2.11 21.27 8.50
CA GLN A 926 -0.94 20.69 7.84
C GLN A 926 -1.10 19.20 7.62
N LEU A 927 -1.92 18.52 8.42
CA LEU A 927 -2.18 17.11 8.20
C LEU A 927 -3.06 16.90 6.98
N CYS A 928 -4.11 17.71 6.84
CA CYS A 928 -5.00 17.59 5.69
C CYS A 928 -4.39 18.19 4.43
N ALA A 929 -3.35 19.02 4.56
CA ALA A 929 -2.71 19.61 3.40
C ALA A 929 -1.83 18.62 2.65
N GLN A 930 -1.62 17.42 3.19
CA GLN A 930 -0.80 16.44 2.51
C GLN A 930 -1.50 15.82 1.32
N GLY A 931 -2.83 15.95 1.22
CA GLY A 931 -3.58 15.45 0.09
C GLY A 931 -4.68 14.47 0.42
N TRP A 932 -4.90 14.12 1.67
CA TRP A 932 -5.94 13.15 2.05
C TRP A 932 -6.81 13.78 3.13
N GLN A 933 -8.08 14.03 2.80
CA GLN A 933 -8.96 14.83 3.65
C GLN A 933 -9.83 13.99 4.57
N THR A 934 -10.05 12.72 4.25
CA THR A 934 -10.85 11.84 5.09
C THR A 934 -10.17 10.48 5.15
N PRO A 935 -10.43 9.70 6.20
CA PRO A 935 -9.87 8.34 6.25
C PRO A 935 -10.29 7.47 5.08
N GLU A 936 -11.47 7.69 4.51
CA GLU A 936 -11.89 6.94 3.33
C GLU A 936 -10.98 7.21 2.15
N ILE A 937 -10.65 8.49 1.91
CA ILE A 937 -9.77 8.84 0.80
C ILE A 937 -8.39 8.21 1.02
N ALA A 938 -7.86 8.32 2.23
CA ALA A 938 -6.56 7.74 2.53
C ALA A 938 -6.55 6.24 2.31
N LEU A 939 -7.64 5.56 2.69
CA LEU A 939 -7.69 4.11 2.55
C LEU A 939 -7.89 3.69 1.09
N ILE A 940 -8.63 4.44 0.29
CA ILE A 940 -8.75 4.06 -1.11
C ILE A 940 -7.44 4.34 -1.84
N ASP A 941 -6.69 5.36 -1.43
CA ASP A 941 -5.37 5.57 -2.02
C ASP A 941 -4.42 4.47 -1.59
N SER A 942 -4.54 4.00 -0.35
CA SER A 942 -3.79 2.83 0.09
C SER A 942 -4.10 1.62 -0.79
N HIS A 943 -5.38 1.38 -1.05
CA HIS A 943 -5.79 0.26 -1.89
C HIS A 943 -5.24 0.40 -3.30
N LYS A 944 -5.34 1.59 -3.87
CA LYS A 944 -4.81 1.84 -5.21
C LYS A 944 -3.31 1.56 -5.27
N LEU A 945 -2.57 2.04 -4.28
CA LEU A 945 -1.14 1.82 -4.25
C LEU A 945 -0.81 0.34 -4.08
N LEU A 946 -1.60 -0.36 -3.28
CA LEU A 946 -1.41 -1.80 -3.13
C LEU A 946 -1.65 -2.53 -4.45
N ARG A 947 -2.58 -2.04 -5.27
CA ARG A 947 -2.75 -2.65 -6.58
C ARG A 947 -1.58 -2.34 -7.50
N SER A 948 -1.09 -1.10 -7.46
CA SER A 948 -0.01 -0.73 -8.36
C SER A 948 1.27 -1.50 -8.07
N ILE A 949 1.44 -1.98 -6.83
CA ILE A 949 2.59 -2.82 -6.50
C ILE A 949 2.50 -4.15 -7.23
N ILE A 950 1.32 -4.77 -7.21
CA ILE A 950 1.14 -6.08 -7.82
C ILE A 950 1.40 -6.03 -9.32
N LEU A 951 1.06 -4.91 -9.97
CA LEU A 951 1.41 -4.76 -11.37
C LEU A 951 2.92 -4.74 -11.59
N LEU A 952 3.70 -4.44 -10.55
CA LEU A 952 5.15 -4.49 -10.64
C LEU A 952 5.70 -5.88 -10.35
N LEU A 953 5.06 -6.61 -9.44
CA LEU A 953 5.48 -7.97 -9.15
C LEU A 953 5.04 -8.91 -10.27
N MET A 954 3.74 -9.16 -10.39
CA MET A 954 3.21 -10.04 -11.43
C MET A 954 3.27 -9.36 -12.80
N GLY A 955 4.48 -9.05 -13.22
CA GLY A 955 4.71 -8.39 -14.50
C GLY A 955 4.40 -9.27 -15.70
N THR A 968 11.62 -4.83 -15.67
CA THR A 968 12.61 -4.06 -14.94
C THR A 968 13.99 -4.70 -15.07
N SER A 969 15.02 -3.96 -14.67
CA SER A 969 16.40 -4.44 -14.70
C SER A 969 16.76 -5.25 -13.46
N PHE A 970 15.76 -5.70 -12.70
CA PHE A 970 15.93 -6.60 -11.56
C PHE A 970 16.72 -5.97 -10.42
N LEU A 971 16.77 -4.65 -10.34
CA LEU A 971 17.45 -4.01 -9.22
C LEU A 971 16.68 -4.24 -7.92
N ASP A 972 15.36 -4.11 -7.97
CA ASP A 972 14.50 -4.33 -6.82
C ASP A 972 14.02 -5.77 -6.71
N TYR A 973 14.63 -6.68 -7.45
CA TYR A 973 14.25 -8.09 -7.47
C TYR A 973 14.70 -8.83 -6.22
N GLY A 974 15.24 -8.13 -5.23
CA GLY A 974 15.80 -8.82 -4.07
C GLY A 974 14.74 -9.47 -3.20
N GLU A 975 13.67 -8.73 -2.89
CA GLU A 975 12.68 -9.18 -1.93
C GLU A 975 11.33 -9.47 -2.60
N ASN A 976 11.31 -9.79 -3.89
CA ASN A 976 10.06 -9.97 -4.60
C ASN A 976 9.25 -11.14 -4.03
N LEU A 977 9.93 -12.21 -3.64
CA LEU A 977 9.21 -13.41 -3.21
C LEU A 977 8.41 -13.13 -1.94
N VAL A 978 9.06 -12.61 -0.90
CA VAL A 978 8.35 -12.29 0.34
C VAL A 978 7.31 -11.21 0.09
N GLN A 979 7.65 -10.25 -0.78
CA GLN A 979 6.72 -9.16 -1.05
C GLN A 979 5.46 -9.66 -1.75
N LYS A 980 5.54 -10.78 -2.48
CA LYS A 980 4.36 -11.23 -3.21
C LYS A 980 3.29 -11.78 -2.26
N TRP A 981 3.69 -12.34 -1.14
CA TRP A 981 2.73 -12.76 -0.13
C TRP A 981 2.50 -11.71 0.94
N GLN A 982 3.33 -10.67 0.99
CA GLN A 982 3.01 -9.55 1.86
C GLN A 982 1.97 -8.62 1.23
N VAL A 983 2.04 -8.42 -0.08
CA VAL A 983 1.13 -7.50 -0.74
C VAL A 983 -0.29 -8.02 -0.71
N LEU A 984 -0.47 -9.34 -0.82
CA LEU A 984 -1.82 -9.89 -0.78
C LEU A 984 -2.42 -9.79 0.63
N SER A 985 -1.62 -10.09 1.65
CA SER A 985 -2.09 -9.92 3.02
C SER A 985 -2.43 -8.47 3.31
N GLU A 986 -1.61 -7.54 2.82
CA GLU A 986 -1.91 -6.13 3.01
C GLU A 986 -3.13 -5.69 2.22
N VAL A 987 -3.37 -6.28 1.05
CA VAL A 987 -4.57 -5.96 0.29
C VAL A 987 -5.81 -6.40 1.07
N LEU A 988 -5.78 -7.59 1.64
CA LEU A 988 -6.92 -8.05 2.42
C LEU A 988 -7.11 -7.22 3.68
N SER A 989 -6.02 -6.79 4.33
CA SER A 989 -6.16 -5.95 5.52
C SER A 989 -6.69 -4.57 5.17
N CYS A 990 -6.18 -3.97 4.09
CA CYS A 990 -6.68 -2.69 3.63
C CYS A 990 -8.14 -2.78 3.23
N SER A 991 -8.55 -3.92 2.67
CA SER A 991 -9.96 -4.08 2.33
C SER A 991 -10.81 -4.25 3.56
N GLU A 992 -10.31 -4.92 4.60
CA GLU A 992 -11.08 -5.00 5.83
C GLU A 992 -11.26 -3.62 6.46
N LYS A 993 -10.20 -2.80 6.44
CA LYS A 993 -10.32 -1.45 6.95
C LYS A 993 -11.27 -0.61 6.12
N LEU A 994 -11.17 -0.71 4.79
CA LEU A 994 -11.99 0.08 3.88
C LEU A 994 -13.42 -0.41 3.79
N VAL A 995 -13.72 -1.60 4.27
CA VAL A 995 -15.09 -2.10 4.31
C VAL A 995 -15.74 -1.84 5.67
N CYS A 996 -15.00 -2.03 6.77
CA CYS A 996 -15.56 -1.73 8.07
C CYS A 996 -15.76 -0.24 8.30
N HIS A 997 -15.07 0.60 7.53
CA HIS A 997 -15.18 2.06 7.67
C HIS A 997 -16.29 2.63 6.82
N LEU A 998 -16.38 2.20 5.56
CA LEU A 998 -17.41 2.71 4.66
C LEU A 998 -18.79 2.18 5.00
N GLY A 999 -18.87 1.05 5.70
CA GLY A 999 -20.16 0.56 6.14
C GLY A 999 -20.65 1.24 7.39
N ARG A 1000 -19.74 1.66 8.27
CA ARG A 1000 -20.15 2.42 9.44
C ARG A 1000 -20.56 3.83 9.05
N LEU A 1001 -20.07 4.34 7.93
CA LEU A 1001 -20.49 5.62 7.40
C LEU A 1001 -21.83 5.55 6.67
N GLY A 1002 -22.35 4.36 6.41
CA GLY A 1002 -23.60 4.20 5.69
C GLY A 1002 -23.46 4.07 4.19
N SER A 1003 -22.25 4.23 3.64
CA SER A 1003 -22.01 4.03 2.21
C SER A 1003 -21.83 2.54 1.95
N VAL A 1004 -22.96 1.85 1.78
CA VAL A 1004 -22.92 0.39 1.67
C VAL A 1004 -22.65 -0.08 0.25
N SER A 1005 -22.86 0.75 -0.76
CA SER A 1005 -22.57 0.32 -2.13
C SER A 1005 -21.07 0.14 -2.34
N GLU A 1006 -20.28 1.17 -2.01
CA GLU A 1006 -18.83 1.05 -2.15
C GLU A 1006 -18.26 0.00 -1.21
N ALA A 1007 -18.82 -0.09 -0.01
CA ALA A 1007 -18.37 -1.10 0.94
C ALA A 1007 -18.58 -2.50 0.40
N LYS A 1008 -19.76 -2.75 -0.18
CA LYS A 1008 -20.01 -4.06 -0.79
C LYS A 1008 -19.16 -4.27 -2.04
N ALA A 1009 -18.83 -3.21 -2.76
CA ALA A 1009 -17.94 -3.37 -3.92
C ALA A 1009 -16.57 -3.86 -3.48
N PHE A 1010 -15.99 -3.23 -2.46
CA PHE A 1010 -14.70 -3.69 -1.97
C PHE A 1010 -14.80 -5.06 -1.33
N CYS A 1011 -15.92 -5.35 -0.66
CA CYS A 1011 -16.11 -6.66 -0.05
C CYS A 1011 -16.18 -7.76 -1.09
N LEU A 1012 -16.86 -7.50 -2.22
CA LEU A 1012 -16.92 -8.47 -3.30
C LEU A 1012 -15.56 -8.64 -3.97
N GLU A 1013 -14.84 -7.54 -4.20
CA GLU A 1013 -13.50 -7.65 -4.75
C GLU A 1013 -12.62 -8.54 -3.88
N ALA A 1014 -12.69 -8.35 -2.56
CA ALA A 1014 -11.85 -9.14 -1.66
C ALA A 1014 -12.33 -10.59 -1.58
N LEU A 1015 -13.64 -10.81 -1.65
CA LEU A 1015 -14.13 -12.19 -1.67
C LEU A 1015 -13.68 -12.92 -2.93
N LYS A 1016 -13.69 -12.22 -4.07
CA LYS A 1016 -13.18 -12.81 -5.29
C LYS A 1016 -11.70 -13.16 -5.16
N LEU A 1017 -10.92 -12.26 -4.59
CA LEU A 1017 -9.50 -12.55 -4.38
C LEU A 1017 -9.30 -13.74 -3.47
N THR A 1018 -10.10 -13.83 -2.40
CA THR A 1018 -9.91 -14.89 -1.43
C THR A 1018 -10.38 -16.24 -1.94
N THR A 1019 -11.41 -16.27 -2.79
CA THR A 1019 -11.79 -17.52 -3.42
C THR A 1019 -10.81 -17.91 -4.52
N LYS A 1020 -10.16 -16.94 -5.14
CA LYS A 1020 -9.07 -17.25 -6.06
C LYS A 1020 -7.93 -17.94 -5.34
N LEU A 1021 -7.45 -17.34 -4.24
CA LEU A 1021 -6.39 -17.95 -3.45
C LEU A 1021 -6.87 -19.12 -2.60
N GLN A 1022 -8.18 -19.29 -2.46
CA GLN A 1022 -8.79 -20.35 -1.68
C GLN A 1022 -8.29 -20.33 -0.23
N ILE A 1023 -8.57 -19.22 0.45
CA ILE A 1023 -8.23 -19.01 1.85
C ILE A 1023 -9.52 -19.00 2.65
N PRO A 1024 -9.76 -19.97 3.54
CA PRO A 1024 -11.05 -20.00 4.24
C PRO A 1024 -11.23 -18.88 5.25
N ARG A 1025 -10.18 -18.51 5.99
CA ARG A 1025 -10.34 -17.54 7.07
C ARG A 1025 -10.65 -16.15 6.54
N GLN A 1026 -9.90 -15.71 5.53
CA GLN A 1026 -10.11 -14.38 4.99
C GLN A 1026 -11.48 -14.27 4.32
N CYS A 1027 -11.90 -15.31 3.60
CA CYS A 1027 -13.23 -15.26 2.99
C CYS A 1027 -14.31 -15.35 4.04
N ALA A 1028 -14.06 -16.02 5.17
CA ALA A 1028 -15.05 -16.00 6.24
C ALA A 1028 -15.21 -14.60 6.82
N LEU A 1029 -14.08 -13.93 7.05
CA LEU A 1029 -14.12 -12.53 7.48
C LEU A 1029 -14.94 -11.69 6.51
N PHE A 1030 -14.65 -11.79 5.22
CA PHE A 1030 -15.30 -10.92 4.26
C PHE A 1030 -16.76 -11.31 4.03
N LEU A 1031 -17.11 -12.58 4.20
CA LEU A 1031 -18.53 -12.95 4.13
C LEU A 1031 -19.30 -12.41 5.32
N VAL A 1032 -18.72 -12.42 6.52
CA VAL A 1032 -19.40 -11.82 7.66
C VAL A 1032 -19.56 -10.32 7.45
N LEU A 1033 -18.55 -9.68 6.84
CA LEU A 1033 -18.66 -8.26 6.54
C LEU A 1033 -19.77 -7.99 5.53
N LYS A 1034 -19.84 -8.79 4.47
CA LYS A 1034 -20.90 -8.63 3.48
C LYS A 1034 -22.28 -8.90 4.09
N GLY A 1035 -22.35 -9.85 5.01
CA GLY A 1035 -23.62 -10.09 5.70
C GLY A 1035 -24.08 -8.87 6.48
N GLU A 1036 -23.14 -8.22 7.18
CA GLU A 1036 -23.52 -7.01 7.89
C GLU A 1036 -23.91 -5.89 6.93
N LEU A 1037 -23.22 -5.78 5.79
CA LEU A 1037 -23.55 -4.77 4.81
C LEU A 1037 -24.92 -5.01 4.17
N GLU A 1038 -25.33 -6.27 4.06
CA GLU A 1038 -26.67 -6.57 3.53
C GLU A 1038 -27.74 -6.39 4.60
N LEU A 1039 -27.40 -6.63 5.86
CA LEU A 1039 -28.32 -6.30 6.94
C LEU A 1039 -28.53 -4.80 7.05
N ALA A 1040 -27.53 -4.01 6.67
CA ALA A 1040 -27.70 -2.56 6.66
C ALA A 1040 -28.77 -2.13 5.67
N ARG A 1041 -28.89 -2.83 4.54
CA ARG A 1041 -29.86 -2.52 3.51
C ARG A 1041 -31.16 -3.31 3.65
N ASN A 1042 -31.36 -3.98 4.77
CA ASN A 1042 -32.55 -4.79 5.04
C ASN A 1042 -32.79 -5.81 3.94
N ASP A 1043 -31.82 -6.70 3.77
CA ASP A 1043 -31.92 -7.88 2.91
C ASP A 1043 -31.65 -9.09 3.81
N ILE A 1044 -32.70 -9.57 4.46
CA ILE A 1044 -32.54 -10.67 5.41
C ILE A 1044 -32.16 -11.96 4.69
N ASP A 1045 -32.65 -12.15 3.46
CA ASP A 1045 -32.37 -13.39 2.74
C ASP A 1045 -30.89 -13.51 2.39
N LEU A 1046 -30.32 -12.48 1.77
CA LEU A 1046 -28.89 -12.50 1.42
C LEU A 1046 -28.03 -12.58 2.67
N CYS A 1047 -28.43 -11.89 3.73
CA CYS A 1047 -27.66 -11.95 4.97
C CYS A 1047 -27.66 -13.35 5.56
N GLN A 1048 -28.82 -14.02 5.54
CA GLN A 1048 -28.88 -15.39 6.05
C GLN A 1048 -28.10 -16.36 5.18
N SER A 1049 -28.08 -16.13 3.87
CA SER A 1049 -27.25 -16.94 2.99
C SER A 1049 -25.77 -16.80 3.35
N ASP A 1050 -25.30 -15.56 3.50
CA ASP A 1050 -23.91 -15.33 3.86
C ASP A 1050 -23.59 -15.91 5.24
N LEU A 1051 -24.54 -15.84 6.16
CA LEU A 1051 -24.33 -16.38 7.49
C LEU A 1051 -24.18 -17.89 7.46
N GLN A 1052 -25.00 -18.58 6.66
CA GLN A 1052 -24.83 -20.01 6.53
C GLN A 1052 -23.50 -20.36 5.85
N GLN A 1053 -23.08 -19.55 4.87
CA GLN A 1053 -21.79 -19.78 4.25
C GLN A 1053 -20.65 -19.68 5.26
N VAL A 1054 -20.68 -18.65 6.12
CA VAL A 1054 -19.60 -18.53 7.09
C VAL A 1054 -19.71 -19.61 8.15
N LEU A 1055 -20.91 -20.07 8.47
CA LEU A 1055 -21.01 -21.18 9.42
C LEU A 1055 -20.39 -22.45 8.83
N PHE A 1056 -20.61 -22.69 7.54
CA PHE A 1056 -19.96 -23.81 6.87
C PHE A 1056 -18.44 -23.65 6.89
N LEU A 1057 -17.94 -22.46 6.54
CA LEU A 1057 -16.51 -22.24 6.51
C LEU A 1057 -15.87 -22.37 7.89
N LEU A 1058 -16.58 -21.95 8.94
CA LEU A 1058 -16.03 -22.06 10.28
C LEU A 1058 -16.07 -23.49 10.79
N GLU A 1059 -17.11 -24.25 10.46
CA GLU A 1059 -17.07 -25.68 10.73
C GLU A 1059 -15.93 -26.36 10.00
N SER A 1060 -15.61 -25.86 8.81
CA SER A 1060 -14.46 -26.39 8.07
C SER A 1060 -13.14 -26.06 8.77
N CYS A 1061 -12.96 -24.81 9.19
CA CYS A 1061 -11.67 -24.38 9.72
C CYS A 1061 -11.34 -25.09 11.03
N THR A 1062 -12.31 -25.22 11.92
CA THR A 1062 -12.04 -25.85 13.21
C THR A 1062 -11.64 -27.30 13.03
N GLU A 1063 -10.61 -27.71 13.78
CA GLU A 1063 -10.12 -29.09 13.73
C GLU A 1063 -11.07 -29.97 14.54
N PHE A 1064 -12.05 -30.55 13.85
CA PHE A 1064 -13.05 -31.39 14.50
C PHE A 1064 -13.00 -32.81 13.96
N PRO A 1144 -14.83 -22.27 26.57
CA PRO A 1144 -14.41 -21.45 27.70
C PRO A 1144 -12.95 -21.00 27.59
N THR A 1145 -12.03 -21.85 28.03
CA THR A 1145 -10.61 -21.52 27.96
C THR A 1145 -9.99 -21.90 26.62
N CYS A 1146 -10.51 -22.93 25.94
CA CYS A 1146 -9.97 -23.33 24.65
C CYS A 1146 -11.08 -23.97 23.84
N ASP A 1147 -11.35 -23.42 22.66
CA ASP A 1147 -12.32 -23.95 21.72
C ASP A 1147 -11.60 -24.34 20.43
N CYS A 1148 -10.56 -25.17 20.57
CA CYS A 1148 -9.80 -25.68 19.44
C CYS A 1148 -9.10 -24.58 18.66
N SER A 1149 -9.17 -24.64 17.33
CA SER A 1149 -8.47 -23.66 16.51
C SER A 1149 -9.14 -22.31 16.55
N LEU A 1150 -10.45 -22.28 16.81
CA LEU A 1150 -11.16 -21.00 16.90
C LEU A 1150 -10.62 -20.14 18.02
N CYS A 1151 -10.53 -20.70 19.24
CA CYS A 1151 -10.11 -19.92 20.39
C CYS A 1151 -8.66 -19.49 20.27
N ALA A 1152 -7.79 -20.40 19.85
CA ALA A 1152 -6.36 -20.07 19.74
C ALA A 1152 -6.14 -18.90 18.79
N SER A 1153 -6.95 -18.80 17.75
CA SER A 1153 -6.72 -17.75 16.77
C SER A 1153 -7.52 -16.50 17.12
N PRO A 1154 -6.94 -15.31 17.02
CA PRO A 1154 -7.74 -14.10 17.26
C PRO A 1154 -8.67 -13.77 16.11
N VAL A 1155 -8.25 -14.00 14.87
CA VAL A 1155 -9.07 -13.66 13.71
C VAL A 1155 -10.34 -14.49 13.70
N LEU A 1156 -10.24 -15.77 14.08
CA LEU A 1156 -11.43 -16.62 14.06
C LEU A 1156 -12.41 -16.25 15.17
N THR A 1157 -11.89 -15.91 16.35
CA THR A 1157 -12.80 -15.41 17.40
C THR A 1157 -13.45 -14.11 16.97
N ALA A 1158 -12.74 -13.27 16.25
CA ALA A 1158 -13.32 -12.02 15.74
C ALA A 1158 -14.45 -12.31 14.76
N VAL A 1159 -14.20 -13.20 13.79
CA VAL A 1159 -15.23 -13.54 12.81
C VAL A 1159 -16.42 -14.22 13.49
N CYS A 1160 -16.15 -15.01 14.53
CA CYS A 1160 -17.24 -15.67 15.22
C CYS A 1160 -18.11 -14.66 15.97
N LEU A 1161 -17.50 -13.69 16.65
CA LEU A 1161 -18.29 -12.68 17.33
C LEU A 1161 -18.99 -11.75 16.35
N ARG A 1162 -18.42 -11.52 15.17
CA ARG A 1162 -19.16 -10.77 14.17
C ARG A 1162 -20.33 -11.57 13.63
N TRP A 1163 -20.20 -12.88 13.55
CA TRP A 1163 -21.35 -13.73 13.23
C TRP A 1163 -22.43 -13.58 14.27
N VAL A 1164 -22.06 -13.63 15.55
CA VAL A 1164 -23.03 -13.59 16.64
C VAL A 1164 -23.61 -12.19 16.78
N LEU A 1165 -23.00 -11.24 16.10
CA LEU A 1165 -23.52 -9.87 16.06
C LEU A 1165 -24.47 -9.65 14.88
N VAL A 1166 -24.09 -10.04 13.67
CA VAL A 1166 -24.97 -9.86 12.52
C VAL A 1166 -26.17 -10.79 12.59
N THR A 1167 -26.02 -11.96 13.22
CA THR A 1167 -27.16 -12.84 13.41
C THR A 1167 -28.16 -12.23 14.37
N ALA A 1168 -27.69 -11.57 15.43
CA ALA A 1168 -28.59 -10.87 16.33
C ALA A 1168 -29.25 -9.70 15.63
N GLY A 1169 -28.51 -9.00 14.77
CA GLY A 1169 -29.11 -7.92 14.00
C GLY A 1169 -30.23 -8.41 13.10
N VAL A 1170 -30.02 -9.54 12.42
CA VAL A 1170 -31.08 -10.11 11.59
C VAL A 1170 -32.24 -10.59 12.44
N ARG A 1171 -31.94 -11.26 13.57
CA ARG A 1171 -32.98 -11.76 14.45
C ARG A 1171 -33.82 -10.64 15.02
N LEU A 1172 -33.25 -9.45 15.16
CA LEU A 1172 -34.02 -8.29 15.59
C LEU A 1172 -34.74 -7.59 14.44
N ALA A 1173 -34.19 -7.68 13.23
CA ALA A 1173 -34.87 -7.08 12.08
C ALA A 1173 -36.18 -7.79 11.78
N MET A 1174 -36.18 -9.12 11.81
CA MET A 1174 -37.42 -9.87 11.59
C MET A 1174 -38.34 -9.81 12.79
N GLY A 1175 -37.82 -9.47 13.97
CA GLY A 1175 -38.64 -9.27 15.13
C GLY A 1175 -38.76 -10.47 16.04
N HIS A 1176 -37.67 -10.83 16.71
CA HIS A 1176 -37.70 -11.89 17.71
C HIS A 1176 -37.32 -11.42 19.11
N GLN A 1177 -36.54 -10.36 19.22
CA GLN A 1177 -36.27 -9.67 20.48
C GLN A 1177 -35.49 -10.52 21.46
N ALA A 1178 -36.14 -11.50 22.08
CA ALA A 1178 -35.48 -12.28 23.12
C ALA A 1178 -34.24 -12.98 22.58
N GLN A 1179 -34.33 -13.55 21.38
CA GLN A 1179 -33.18 -14.23 20.80
C GLN A 1179 -32.10 -13.25 20.41
N GLY A 1180 -32.48 -12.10 19.85
CA GLY A 1180 -31.49 -11.08 19.55
C GLY A 1180 -30.78 -10.57 20.78
N LEU A 1181 -31.53 -10.35 21.87
CA LEU A 1181 -30.91 -9.88 23.10
C LEU A 1181 -29.99 -10.93 23.69
N ASP A 1182 -30.38 -12.20 23.62
CA ASP A 1182 -29.51 -13.26 24.13
C ASP A 1182 -28.22 -13.34 23.31
N LEU A 1183 -28.32 -13.19 22.00
CA LEU A 1183 -27.12 -13.20 21.17
C LEU A 1183 -26.21 -12.01 21.50
N LEU A 1184 -26.80 -10.84 21.71
CA LEU A 1184 -25.99 -9.68 22.06
C LEU A 1184 -25.32 -9.85 23.42
N GLN A 1185 -26.03 -10.43 24.37
CA GLN A 1185 -25.43 -10.68 25.68
C GLN A 1185 -24.35 -11.75 25.60
N VAL A 1186 -24.44 -12.65 24.61
CA VAL A 1186 -23.33 -13.57 24.35
C VAL A 1186 -22.12 -12.82 23.82
N VAL A 1187 -22.33 -11.90 22.89
CA VAL A 1187 -21.21 -11.08 22.41
C VAL A 1187 -20.65 -10.22 23.54
N LEU A 1188 -21.46 -9.91 24.55
CA LEU A 1188 -20.98 -9.09 25.67
C LEU A 1188 -20.04 -9.87 26.57
N LYS A 1189 -20.28 -11.16 26.75
CA LYS A 1189 -19.38 -12.01 27.52
C LYS A 1189 -18.26 -12.60 26.66
N GLY A 1190 -18.29 -12.38 25.36
CA GLY A 1190 -17.32 -13.00 24.47
C GLY A 1190 -16.06 -12.19 24.27
N CYS A 1191 -16.20 -10.89 24.06
CA CYS A 1191 -15.01 -10.06 23.82
C CYS A 1191 -14.05 -10.01 25.00
N PRO A 1192 -14.49 -9.85 26.26
CA PRO A 1192 -13.52 -9.89 27.37
C PRO A 1192 -12.68 -11.16 27.42
N GLU A 1193 -13.32 -12.32 27.36
CA GLU A 1193 -12.58 -13.58 27.45
C GLU A 1193 -11.67 -13.76 26.24
N ALA A 1194 -12.12 -13.32 25.07
CA ALA A 1194 -11.29 -13.41 23.88
C ALA A 1194 -10.03 -12.56 24.03
N ALA A 1195 -10.19 -11.34 24.53
CA ALA A 1195 -9.03 -10.48 24.75
C ALA A 1195 -8.09 -11.07 25.79
N GLU A 1196 -8.64 -11.68 26.84
CA GLU A 1196 -7.80 -12.25 27.88
C GLU A 1196 -6.99 -13.44 27.36
N ARG A 1197 -7.63 -14.30 26.56
CA ARG A 1197 -6.91 -15.43 26.00
C ARG A 1197 -5.88 -14.98 24.97
N LEU A 1198 -6.17 -13.93 24.20
CA LEU A 1198 -5.15 -13.38 23.31
C LEU A 1198 -3.99 -12.80 24.10
N THR A 1199 -4.28 -12.19 25.26
CA THR A 1199 -3.22 -11.67 26.12
C THR A 1199 -2.29 -12.78 26.57
N GLN A 1200 -2.87 -13.86 27.10
CA GLN A 1200 -2.05 -14.98 27.57
C GLN A 1200 -1.27 -15.62 26.43
N ALA A 1201 -1.90 -15.76 25.26
CA ALA A 1201 -1.21 -16.34 24.12
C ALA A 1201 -0.04 -15.49 23.67
N LEU A 1202 -0.24 -14.17 23.61
CA LEU A 1202 0.85 -13.28 23.19
C LEU A 1202 1.97 -13.29 24.21
N GLN A 1203 1.64 -13.32 25.50
CA GLN A 1203 2.68 -13.37 26.52
C GLN A 1203 3.49 -14.65 26.41
N ALA A 1204 2.81 -15.79 26.23
CA ALA A 1204 3.54 -17.05 26.10
C ALA A 1204 4.36 -17.10 24.81
N SER A 1205 3.87 -16.47 23.74
CA SER A 1205 4.59 -16.52 22.48
C SER A 1205 5.85 -15.65 22.51
N LEU A 1206 5.73 -14.44 23.04
CA LEU A 1206 6.90 -13.57 23.13
C LEU A 1206 7.74 -13.82 24.38
N ASN A 1207 7.17 -14.51 25.37
CA ASN A 1207 7.88 -14.89 26.61
C ASN A 1207 8.33 -13.65 27.38
N HIS A 1208 7.34 -12.91 27.86
CA HIS A 1208 7.57 -11.77 28.75
C HIS A 1208 6.91 -12.03 30.09
N LYS A 1209 6.63 -10.96 30.84
CA LYS A 1209 5.93 -11.07 32.12
C LYS A 1209 5.01 -9.86 32.30
N THR A 1210 3.73 -10.14 32.55
CA THR A 1210 2.71 -9.15 32.92
C THR A 1210 2.55 -8.08 31.86
N PRO A 1211 1.67 -8.28 30.87
CA PRO A 1211 1.38 -7.22 29.89
C PRO A 1211 0.41 -6.21 30.47
N PRO A 1212 0.80 -4.93 30.53
CA PRO A 1212 -0.09 -3.91 31.10
C PRO A 1212 -1.36 -3.75 30.27
N SER A 1213 -2.50 -4.00 30.91
CA SER A 1213 -3.83 -3.86 30.33
C SER A 1213 -4.09 -4.90 29.25
N LEU A 1214 -5.35 -5.26 29.06
CA LEU A 1214 -5.72 -6.26 28.06
C LEU A 1214 -5.54 -5.70 26.66
N VAL A 1215 -5.77 -6.55 25.66
CA VAL A 1215 -5.55 -6.19 24.26
C VAL A 1215 -6.81 -5.52 23.73
N PRO A 1216 -6.77 -4.22 23.40
CA PRO A 1216 -7.93 -3.58 22.79
C PRO A 1216 -7.87 -3.56 21.28
N SER A 1217 -8.21 -4.67 20.63
CA SER A 1217 -8.18 -4.73 19.17
C SER A 1217 -9.55 -4.40 18.60
N LEU A 1218 -9.97 -5.15 17.58
CA LEU A 1218 -11.32 -4.98 17.05
C LEU A 1218 -12.37 -5.52 18.00
N LEU A 1219 -11.96 -6.29 19.01
CA LEU A 1219 -12.92 -6.73 20.02
C LEU A 1219 -13.55 -5.55 20.74
N ASP A 1220 -12.80 -4.47 20.92
CA ASP A 1220 -13.36 -3.27 21.53
C ASP A 1220 -14.45 -2.67 20.65
N GLU A 1221 -14.22 -2.61 19.33
CA GLU A 1221 -15.23 -2.06 18.44
C GLU A 1221 -16.47 -2.94 18.38
N ILE A 1222 -16.29 -4.26 18.36
CA ILE A 1222 -17.49 -5.11 18.28
C ILE A 1222 -18.22 -5.11 19.61
N LEU A 1223 -17.52 -5.00 20.74
CA LEU A 1223 -18.22 -4.86 22.01
C LEU A 1223 -18.92 -3.53 22.11
N ALA A 1224 -18.36 -2.48 21.52
CA ALA A 1224 -19.02 -1.19 21.50
C ALA A 1224 -20.28 -1.23 20.64
N GLN A 1225 -20.23 -1.93 19.52
CA GLN A 1225 -21.44 -2.07 18.70
C GLN A 1225 -22.48 -2.92 19.39
N ALA A 1226 -22.05 -3.92 20.17
CA ALA A 1226 -23.00 -4.67 20.97
C ALA A 1226 -23.65 -3.80 22.03
N TYR A 1227 -22.88 -2.93 22.67
CA TYR A 1227 -23.43 -1.97 23.62
C TYR A 1227 -24.43 -1.04 22.96
N THR A 1228 -24.10 -0.55 21.76
CA THR A 1228 -25.01 0.31 21.02
C THR A 1228 -26.33 -0.39 20.73
N LEU A 1229 -26.26 -1.57 20.12
CA LEU A 1229 -27.47 -2.29 19.75
C LEU A 1229 -28.24 -2.77 20.97
N LEU A 1230 -27.59 -2.95 22.10
CA LEU A 1230 -28.29 -3.34 23.31
C LEU A 1230 -28.88 -2.14 24.04
N ALA A 1231 -28.38 -0.95 23.76
CA ALA A 1231 -28.98 0.26 24.31
C ALA A 1231 -30.14 0.75 23.45
N LEU A 1232 -30.11 0.50 22.14
CA LEU A 1232 -31.23 0.86 21.29
C LEU A 1232 -32.49 0.04 21.56
N GLU A 1233 -32.37 -1.11 22.22
CA GLU A 1233 -33.53 -1.94 22.50
C GLU A 1233 -34.12 -1.72 23.88
N GLY A 1234 -33.42 -0.98 24.75
CA GLY A 1234 -34.03 -0.54 25.99
C GLY A 1234 -35.02 0.59 25.82
N LEU A 1235 -34.97 1.29 24.69
CA LEU A 1235 -35.98 2.30 24.40
C LEU A 1235 -37.32 1.67 24.11
N ASN A 1236 -37.34 0.60 23.31
CA ASN A 1236 -38.59 -0.05 22.94
C ASN A 1236 -39.17 -0.87 24.08
N GLN A 1237 -38.36 -1.22 25.07
CA GLN A 1237 -38.83 -1.94 26.26
C GLN A 1237 -38.43 -1.15 27.50
N PRO A 1238 -39.03 0.02 27.70
CA PRO A 1238 -38.60 0.88 28.83
C PRO A 1238 -39.19 0.40 30.15
N SER A 1239 -38.71 -0.75 30.61
CA SER A 1239 -39.20 -1.34 31.85
C SER A 1239 -38.51 -0.78 33.09
N ASN A 1240 -37.69 0.25 32.92
CA ASN A 1240 -36.97 0.88 34.03
C ASN A 1240 -36.17 -0.15 34.81
N GLU A 1241 -35.36 -0.93 34.09
CA GLU A 1241 -34.53 -1.95 34.70
C GLU A 1241 -33.13 -1.95 34.07
N SER A 1242 -32.80 -2.99 33.32
CA SER A 1242 -31.50 -3.10 32.68
C SER A 1242 -31.38 -2.17 31.48
N LEU A 1243 -31.88 -0.94 31.62
CA LEU A 1243 -31.65 0.12 30.65
C LEU A 1243 -30.70 1.17 31.18
N GLN A 1244 -30.89 1.62 32.42
CA GLN A 1244 -29.92 2.49 33.07
C GLN A 1244 -28.68 1.74 33.53
N LYS A 1245 -28.70 0.41 33.50
CA LYS A 1245 -27.56 -0.41 33.88
C LYS A 1245 -26.82 -0.98 32.67
N VAL A 1246 -27.39 -0.84 31.45
CA VAL A 1246 -26.68 -1.29 30.22
C VAL A 1246 -26.15 -0.06 29.47
N LEU A 1247 -26.73 1.11 29.71
CA LEU A 1247 -26.25 2.33 29.08
C LEU A 1247 -25.17 3.01 29.90
N GLN A 1248 -25.24 2.91 31.23
CA GLN A 1248 -24.18 3.43 32.08
C GLN A 1248 -22.89 2.64 31.88
N SER A 1249 -23.00 1.31 31.82
CA SER A 1249 -21.82 0.48 31.58
C SER A 1249 -21.24 0.75 30.20
N GLY A 1250 -22.09 0.90 29.19
CA GLY A 1250 -21.60 1.22 27.87
C GLY A 1250 -20.93 2.56 27.81
N LEU A 1251 -21.51 3.57 28.48
CA LEU A 1251 -20.90 4.88 28.52
C LEU A 1251 -19.54 4.85 29.21
N LYS A 1252 -19.44 4.12 30.33
CA LYS A 1252 -18.16 4.02 31.03
C LYS A 1252 -17.13 3.33 30.16
N PHE A 1253 -17.49 2.16 29.62
CA PHE A 1253 -16.60 1.42 28.72
C PHE A 1253 -16.06 2.33 27.61
N VAL A 1254 -16.97 2.94 26.85
CA VAL A 1254 -16.55 3.76 25.72
C VAL A 1254 -15.84 5.03 26.17
N ALA A 1255 -15.94 5.40 27.46
CA ALA A 1255 -15.32 6.64 28.00
C ALA A 1255 -13.92 6.36 28.55
N ALA A 1256 -13.54 5.10 28.71
CA ALA A 1256 -12.16 4.79 29.09
C ALA A 1256 -11.28 4.93 27.85
N ARG A 1257 -11.68 4.37 26.71
CA ARG A 1257 -10.89 4.57 25.46
C ARG A 1257 -11.49 5.79 24.77
N ILE A 1258 -11.05 6.99 25.16
CA ILE A 1258 -11.69 8.24 24.63
C ILE A 1258 -11.43 8.53 23.15
N PRO A 1259 -10.19 8.61 22.60
CA PRO A 1259 -9.99 9.08 21.23
C PRO A 1259 -10.39 8.06 20.16
N HIS A 1260 -10.66 6.82 20.53
CA HIS A 1260 -10.85 5.75 19.55
C HIS A 1260 -12.33 5.44 19.32
N LEU A 1261 -12.99 4.84 20.31
CA LEU A 1261 -14.41 4.52 20.21
C LEU A 1261 -15.20 5.80 20.38
N GLU A 1262 -15.39 6.52 19.28
CA GLU A 1262 -16.09 7.81 19.34
C GLU A 1262 -17.47 7.75 18.72
N PRO A 1263 -17.67 7.13 17.55
CA PRO A 1263 -19.05 6.95 17.07
C PRO A 1263 -19.93 6.20 18.04
N TRP A 1264 -19.38 5.23 18.78
CA TRP A 1264 -20.19 4.50 19.72
C TRP A 1264 -20.51 5.33 20.97
N ARG A 1265 -19.59 6.19 21.39
CA ARG A 1265 -19.94 7.11 22.47
C ARG A 1265 -20.97 8.12 22.04
N ALA A 1266 -20.93 8.56 20.77
CA ALA A 1266 -21.95 9.45 20.27
C ALA A 1266 -23.32 8.77 20.23
N SER A 1267 -23.35 7.52 19.77
CA SER A 1267 -24.60 6.77 19.78
C SER A 1267 -25.13 6.60 21.21
N LEU A 1268 -24.25 6.26 22.14
CA LEU A 1268 -24.68 6.07 23.52
C LEU A 1268 -25.14 7.38 24.16
N LEU A 1269 -24.50 8.50 23.82
CA LEU A 1269 -24.95 9.79 24.33
C LEU A 1269 -26.30 10.17 23.77
N LEU A 1270 -26.52 9.92 22.48
CA LEU A 1270 -27.84 10.18 21.89
C LEU A 1270 -28.91 9.34 22.55
N ILE A 1271 -28.61 8.07 22.82
CA ILE A 1271 -29.58 7.21 23.50
C ILE A 1271 -29.84 7.71 24.91
N TRP A 1272 -28.80 8.18 25.60
CA TRP A 1272 -28.98 8.75 26.93
C TRP A 1272 -29.86 9.98 26.89
N ALA A 1273 -29.67 10.83 25.89
CA ALA A 1273 -30.51 12.02 25.73
C ALA A 1273 -31.96 11.63 25.47
N LEU A 1274 -32.17 10.66 24.59
CA LEU A 1274 -33.53 10.19 24.31
C LEU A 1274 -34.17 9.50 25.50
N THR A 1275 -33.36 8.96 26.42
CA THR A 1275 -33.92 8.39 27.63
C THR A 1275 -34.29 9.49 28.63
N LYS A 1276 -33.47 10.53 28.72
CA LYS A 1276 -33.77 11.65 29.60
C LYS A 1276 -34.87 12.56 29.06
N LEU A 1277 -35.19 12.46 27.77
CA LEU A 1277 -36.24 13.30 27.20
C LEU A 1277 -37.62 12.88 27.70
N GLY A 1278 -37.81 11.60 27.96
CA GLY A 1278 -39.08 11.12 28.49
C GLY A 1278 -39.59 9.87 27.79
N SER A 1572 -31.96 21.91 35.43
CA SER A 1572 -32.74 21.76 34.22
C SER A 1572 -32.27 20.56 33.41
N THR A 1573 -33.18 19.99 32.63
CA THR A 1573 -32.87 18.82 31.82
C THR A 1573 -32.58 19.15 30.36
N LEU A 1574 -33.14 20.25 29.85
CA LEU A 1574 -32.86 20.65 28.48
C LEU A 1574 -31.39 21.00 28.32
N ASP A 1575 -30.82 21.70 29.29
CA ASP A 1575 -29.41 22.05 29.19
C ASP A 1575 -28.52 20.83 29.30
N SER A 1576 -28.92 19.85 30.11
CA SER A 1576 -28.16 18.61 30.23
C SER A 1576 -28.17 17.85 28.91
N ILE A 1577 -29.35 17.71 28.30
CA ILE A 1577 -29.44 17.09 26.99
C ILE A 1577 -28.57 17.83 25.98
N CYS A 1578 -28.64 19.17 26.01
CA CYS A 1578 -27.90 19.95 25.02
C CYS A 1578 -26.39 19.76 25.16
N ASP A 1579 -25.88 19.76 26.40
CA ASP A 1579 -24.44 19.60 26.57
C ASP A 1579 -23.99 18.19 26.23
N SER A 1580 -24.77 17.18 26.63
CA SER A 1580 -24.44 15.80 26.26
C SER A 1580 -24.39 15.64 24.75
N LEU A 1581 -25.42 16.13 24.06
CA LEU A 1581 -25.46 15.99 22.61
C LEU A 1581 -24.39 16.83 21.94
N SER A 1582 -23.98 17.95 22.54
CA SER A 1582 -22.90 18.72 21.95
C SER A 1582 -21.58 17.98 22.05
N VAL A 1583 -21.33 17.34 23.20
CA VAL A 1583 -20.21 16.42 23.32
C VAL A 1583 -20.22 15.40 22.19
N ALA A 1584 -21.37 14.73 22.01
CA ALA A 1584 -21.47 13.71 20.96
C ALA A 1584 -21.23 14.29 19.57
N PHE A 1585 -21.85 15.43 19.28
CA PHE A 1585 -21.74 16.05 17.97
C PHE A 1585 -20.29 16.39 17.65
N ARG A 1586 -19.59 17.02 18.60
CA ARG A 1586 -18.16 17.23 18.39
C ARG A 1586 -17.40 15.92 18.34
N GLY A 1587 -17.98 14.85 18.87
CA GLY A 1587 -17.36 13.54 18.76
C GLY A 1587 -17.41 12.95 17.36
N ILE A 1588 -18.43 13.28 16.58
CA ILE A 1588 -18.57 12.70 15.25
C ILE A 1588 -18.57 13.72 14.12
N SER A 1589 -18.33 15.00 14.40
CA SER A 1589 -18.46 16.02 13.36
C SER A 1589 -17.39 15.86 12.27
N HIS A 1590 -16.22 15.34 12.62
CA HIS A 1590 -15.11 15.27 11.68
C HIS A 1590 -15.37 14.25 10.58
N CYS A 1591 -16.02 13.13 10.91
CA CYS A 1591 -16.39 12.12 9.93
C CYS A 1591 -17.65 11.45 10.47
N PRO A 1592 -18.83 11.84 9.98
CA PRO A 1592 -20.08 11.44 10.64
C PRO A 1592 -20.54 10.08 10.14
N PRO A 1593 -21.36 9.38 10.94
CA PRO A 1593 -21.92 8.11 10.51
C PRO A 1593 -23.19 8.21 9.67
N SER A 1594 -23.55 9.41 9.20
CA SER A 1594 -24.68 9.61 8.29
C SER A 1594 -26.03 9.29 8.93
N GLY A 1595 -26.14 8.16 9.61
CA GLY A 1595 -27.38 7.81 10.27
C GLY A 1595 -27.46 8.38 11.66
N LEU A 1596 -26.32 8.47 12.33
CA LEU A 1596 -26.27 9.08 13.66
C LEU A 1596 -26.19 10.59 13.58
N TYR A 1597 -25.55 11.11 12.54
CA TYR A 1597 -25.38 12.55 12.42
C TYR A 1597 -26.72 13.25 12.24
N ALA A 1598 -27.63 12.65 11.49
CA ALA A 1598 -28.95 13.24 11.32
C ALA A 1598 -29.71 13.29 12.63
N HIS A 1599 -29.80 12.14 13.32
CA HIS A 1599 -30.50 12.10 14.60
C HIS A 1599 -29.88 13.06 15.61
N LEU A 1600 -28.56 13.27 15.53
CA LEU A 1600 -27.89 14.12 16.50
C LEU A 1600 -28.06 15.59 16.17
N CYS A 1601 -28.04 15.94 14.89
CA CYS A 1601 -28.25 17.32 14.49
C CYS A 1601 -29.68 17.76 14.75
N ARG A 1602 -30.65 16.89 14.44
CA ARG A 1602 -32.04 17.30 14.56
C ARG A 1602 -32.54 17.29 15.99
N PHE A 1603 -32.03 16.39 16.83
CA PHE A 1603 -32.35 16.46 18.25
C PHE A 1603 -31.73 17.70 18.88
N LEU A 1604 -30.55 18.09 18.42
CA LEU A 1604 -29.88 19.26 18.96
C LEU A 1604 -30.46 20.56 18.42
N ALA A 1605 -31.09 20.53 17.24
CA ALA A 1605 -31.78 21.69 16.70
C ALA A 1605 -33.22 21.78 17.18
N LEU A 1606 -33.73 20.74 17.83
CA LEU A 1606 -35.05 20.76 18.42
C LEU A 1606 -35.00 21.25 19.86
N CYS A 1607 -34.00 20.82 20.62
CA CYS A 1607 -33.79 21.35 21.96
C CYS A 1607 -33.34 22.80 21.90
N LEU A 1608 -32.39 23.10 21.04
CA LEU A 1608 -31.81 24.43 20.89
C LEU A 1608 -32.47 25.09 19.68
N GLY A 1609 -33.49 25.89 19.94
CA GLY A 1609 -34.24 26.51 18.86
C GLY A 1609 -34.82 27.85 19.24
N HIS A 1610 -34.60 28.86 18.40
CA HIS A 1610 -34.99 30.24 18.65
C HIS A 1610 -34.21 30.84 19.82
N ARG A 1611 -33.83 30.02 20.80
CA ARG A 1611 -32.81 30.41 21.75
C ARG A 1611 -31.46 30.58 21.09
N ASP A 1612 -31.29 30.08 19.87
CA ASP A 1612 -30.08 30.22 19.08
C ASP A 1612 -30.42 29.97 17.62
N PRO A 1613 -30.95 30.98 16.88
CA PRO A 1613 -31.40 30.76 15.49
C PRO A 1613 -30.37 30.18 14.51
N TYR A 1614 -29.20 30.80 14.40
CA TYR A 1614 -28.20 30.35 13.39
C TYR A 1614 -27.77 28.90 13.68
N ALA A 1615 -27.52 28.58 14.95
CA ALA A 1615 -27.05 27.22 15.31
C ALA A 1615 -28.12 26.20 14.92
N THR A 1616 -29.40 26.50 15.20
CA THR A 1616 -30.50 25.54 14.91
C THR A 1616 -30.55 25.29 13.39
N ALA A 1617 -30.42 26.35 12.58
CA ALA A 1617 -30.46 26.20 11.11
C ALA A 1617 -29.27 25.38 10.62
N PHE A 1618 -28.09 25.60 11.21
CA PHE A 1618 -26.87 24.88 10.78
C PHE A 1618 -27.04 23.38 10.98
N LEU A 1619 -27.60 22.98 12.13
CA LEU A 1619 -27.79 21.54 12.44
C LEU A 1619 -28.77 20.92 11.44
N VAL A 1620 -29.86 21.62 11.14
CA VAL A 1620 -30.87 21.11 10.16
C VAL A 1620 -30.19 21.00 8.78
N THR A 1621 -29.34 21.98 8.43
CA THR A 1621 -28.65 21.99 7.12
C THR A 1621 -27.73 20.77 6.98
N GLU A 1622 -27.07 20.36 8.07
CA GLU A 1622 -26.08 19.25 7.97
C GLU A 1622 -26.74 17.88 8.14
N SER A 1623 -28.05 17.83 8.44
CA SER A 1623 -28.72 16.54 8.71
C SER A 1623 -29.27 15.92 7.41
N VAL A 1624 -28.99 16.53 6.26
CA VAL A 1624 -29.51 16.06 4.98
C VAL A 1624 -28.34 15.73 4.06
N SER A 1625 -28.42 14.58 3.39
CA SER A 1625 -27.50 14.20 2.32
C SER A 1625 -26.06 14.13 2.82
N ILE A 1626 -25.87 13.46 3.95
CA ILE A 1626 -24.53 13.27 4.49
C ILE A 1626 -23.75 12.29 3.62
N THR A 1627 -24.39 11.19 3.21
CA THR A 1627 -23.70 10.20 2.39
C THR A 1627 -23.32 10.77 1.04
N CYS A 1628 -24.20 11.58 0.45
CA CYS A 1628 -23.85 12.26 -0.79
C CYS A 1628 -22.67 13.20 -0.57
N ARG A 1629 -22.53 13.75 0.62
CA ARG A 1629 -21.40 14.62 0.93
C ARG A 1629 -20.09 13.82 0.98
N HIS A 1630 -20.10 12.68 1.68
CA HIS A 1630 -18.95 11.80 1.67
C HIS A 1630 -18.57 11.41 0.25
N GLN A 1631 -19.56 11.00 -0.54
CA GLN A 1631 -19.30 10.54 -1.89
C GLN A 1631 -18.78 11.67 -2.76
N LEU A 1632 -19.25 12.89 -2.55
CA LEU A 1632 -18.74 14.01 -3.34
C LEU A 1632 -17.31 14.34 -2.97
N LEU A 1633 -16.96 14.25 -1.68
CA LEU A 1633 -15.57 14.47 -1.30
C LEU A 1633 -14.66 13.43 -1.96
N THR A 1634 -15.06 12.16 -1.91
CA THR A 1634 -14.27 11.11 -2.54
C THR A 1634 -14.16 11.34 -4.04
N HIS A 1635 -15.24 11.74 -4.68
CA HIS A 1635 -15.24 11.96 -6.12
C HIS A 1635 -14.34 13.12 -6.49
N LEU A 1636 -14.34 14.19 -5.68
CA LEU A 1636 -13.48 15.33 -5.95
C LEU A 1636 -12.01 14.96 -5.80
N HIS A 1637 -11.69 14.12 -4.81
CA HIS A 1637 -10.30 13.68 -4.69
C HIS A 1637 -9.88 12.87 -5.90
N ARG A 1638 -10.75 11.96 -6.37
CA ARG A 1638 -10.42 11.20 -7.57
C ARG A 1638 -10.25 12.12 -8.77
N GLN A 1639 -11.07 13.18 -8.84
CA GLN A 1639 -10.95 14.14 -9.93
C GLN A 1639 -9.60 14.84 -9.89
N LEU A 1640 -9.19 15.29 -8.70
CA LEU A 1640 -7.87 15.91 -8.56
C LEU A 1640 -6.77 14.94 -8.99
N SER A 1641 -6.86 13.69 -8.55
CA SER A 1641 -5.85 12.69 -8.89
C SER A 1641 -5.74 12.53 -10.40
N LYS A 1642 -6.87 12.29 -11.07
CA LYS A 1642 -6.82 12.06 -12.51
C LYS A 1642 -6.42 13.31 -13.29
N ALA A 1643 -6.81 14.49 -12.81
CA ALA A 1643 -6.45 15.72 -13.50
C ALA A 1643 -4.95 15.99 -13.39
N GLN A 1644 -4.37 15.70 -12.22
CA GLN A 1644 -2.92 15.82 -12.09
C GLN A 1644 -2.20 14.78 -12.95
N LYS A 1645 -2.68 13.54 -12.93
CA LYS A 1645 -2.03 12.48 -13.71
C LYS A 1645 -2.13 12.72 -15.21
N HIS A 1646 -3.18 13.41 -15.65
CA HIS A 1646 -3.38 13.61 -17.08
C HIS A 1646 -2.41 14.64 -17.65
N ARG A 1647 -2.29 15.79 -16.99
CA ARG A 1647 -1.42 16.86 -17.46
C ARG A 1647 0.05 16.56 -17.15
N ASP A 1667 -6.60 22.18 -9.63
CA ASP A 1667 -7.79 22.90 -10.08
C ASP A 1667 -8.39 23.71 -8.93
N VAL A 1668 -8.59 25.00 -9.16
CA VAL A 1668 -9.05 25.92 -8.12
C VAL A 1668 -10.49 25.62 -7.71
N PRO A 1669 -11.45 25.51 -8.63
CA PRO A 1669 -12.83 25.22 -8.19
C PRO A 1669 -12.96 23.90 -7.48
N LEU A 1670 -12.15 22.90 -7.85
CA LEU A 1670 -12.20 21.62 -7.17
C LEU A 1670 -11.80 21.77 -5.70
N ALA A 1671 -10.71 22.47 -5.43
CA ALA A 1671 -10.28 22.67 -4.06
C ALA A 1671 -11.27 23.53 -3.29
N ARG A 1672 -11.88 24.50 -3.96
CA ARG A 1672 -12.87 25.32 -3.28
C ARG A 1672 -14.10 24.51 -2.88
N ILE A 1673 -14.58 23.67 -3.79
CA ILE A 1673 -15.72 22.80 -3.46
C ILE A 1673 -15.34 21.84 -2.35
N GLN A 1674 -14.10 21.36 -2.36
CA GLN A 1674 -13.64 20.47 -1.30
C GLN A 1674 -13.67 21.17 0.04
N ARG A 1675 -13.19 22.41 0.09
CA ARG A 1675 -13.28 23.20 1.32
C ARG A 1675 -14.73 23.41 1.73
N LEU A 1676 -15.61 23.58 0.75
CA LEU A 1676 -17.02 23.81 1.04
C LEU A 1676 -17.68 22.59 1.67
N PHE A 1677 -17.33 21.39 1.20
CA PHE A 1677 -17.92 20.16 1.71
C PHE A 1677 -17.13 19.54 2.85
N SER A 1678 -15.95 20.07 3.16
CA SER A 1678 -15.10 19.49 4.18
C SER A 1678 -15.81 19.43 5.53
N PHE A 1679 -15.47 18.43 6.31
CA PHE A 1679 -16.05 18.26 7.63
C PHE A 1679 -15.22 18.90 8.74
N ARG A 1680 -13.98 19.28 8.48
CA ARG A 1680 -13.12 19.86 9.51
C ARG A 1680 -12.38 21.08 8.96
N ALA A 1681 -13.08 21.92 8.21
CA ALA A 1681 -12.59 23.24 7.83
C ALA A 1681 -13.05 24.32 8.79
N LEU A 1682 -13.02 24.03 10.09
CA LEU A 1682 -13.52 24.91 11.13
C LEU A 1682 -12.36 25.52 11.91
N GLU A 1683 -12.68 26.58 12.65
CA GLU A 1683 -11.72 27.21 13.55
C GLU A 1683 -11.89 26.66 14.96
N SER A 1684 -10.96 27.03 15.84
CA SER A 1684 -11.02 26.58 17.21
C SER A 1684 -12.13 27.32 17.95
N GLY A 1685 -12.89 26.58 18.76
CA GLY A 1685 -14.00 27.20 19.45
C GLY A 1685 -14.54 26.29 20.52
N HIS A 1686 -15.68 26.69 21.08
CA HIS A 1686 -16.29 25.92 22.14
C HIS A 1686 -17.23 24.87 21.57
N PHE A 1687 -18.53 25.04 21.78
CA PHE A 1687 -19.47 24.06 21.28
C PHE A 1687 -20.18 24.54 20.00
N PRO A 1688 -20.87 25.70 20.00
CA PRO A 1688 -21.64 26.06 18.82
C PRO A 1688 -21.07 27.19 17.99
N GLN A 1689 -19.88 27.68 18.31
CA GLN A 1689 -19.46 28.97 17.74
C GLN A 1689 -18.74 28.85 16.40
N PRO A 1690 -17.67 28.06 16.26
CA PRO A 1690 -17.02 27.99 14.95
C PRO A 1690 -17.90 27.40 13.87
N GLU A 1691 -18.71 26.40 14.24
CA GLU A 1691 -19.72 25.87 13.32
C GLU A 1691 -20.65 26.98 12.85
N LYS A 1692 -21.11 27.81 13.79
CA LYS A 1692 -22.01 28.91 13.44
C LYS A 1692 -21.33 29.92 12.53
N GLU A 1693 -20.04 30.16 12.72
CA GLU A 1693 -19.35 31.11 11.86
C GLU A 1693 -19.19 30.58 10.44
N SER A 1694 -18.82 29.31 10.31
CA SER A 1694 -18.75 28.69 8.99
C SER A 1694 -20.13 28.70 8.33
N PHE A 1695 -21.18 28.45 9.12
CA PHE A 1695 -22.53 28.47 8.56
C PHE A 1695 -22.93 29.87 8.12
N GLN A 1696 -22.49 30.90 8.84
CA GLN A 1696 -22.79 32.25 8.43
C GLN A 1696 -22.07 32.60 7.14
N GLU A 1697 -20.86 32.10 6.95
CA GLU A 1697 -20.19 32.29 5.67
C GLU A 1697 -20.97 31.62 4.55
N ARG A 1698 -21.39 30.37 4.77
CA ARG A 1698 -22.18 29.67 3.76
C ARG A 1698 -23.47 30.42 3.43
N LEU A 1699 -24.17 30.92 4.45
CA LEU A 1699 -25.35 31.74 4.22
C LEU A 1699 -25.02 32.97 3.42
N ALA A 1700 -23.88 33.59 3.69
CA ALA A 1700 -23.46 34.74 2.91
C ALA A 1700 -23.19 34.37 1.46
N LEU A 1701 -22.97 33.10 1.18
CA LEU A 1701 -22.64 32.67 -0.18
C LEU A 1701 -23.87 32.41 -1.07
N ILE A 1702 -25.08 32.52 -0.53
CA ILE A 1702 -26.29 32.19 -1.30
C ILE A 1702 -26.44 33.17 -2.46
N PRO A 1703 -26.86 32.73 -3.64
CA PRO A 1703 -27.13 33.67 -4.74
C PRO A 1703 -28.47 34.36 -4.56
N SER A 1704 -28.68 35.39 -5.38
CA SER A 1704 -29.86 36.24 -5.26
C SER A 1704 -31.06 35.64 -5.99
N GLY A 1705 -32.23 35.78 -5.39
CA GLY A 1705 -33.45 35.31 -6.01
C GLY A 1705 -33.77 33.85 -5.76
N VAL A 1706 -33.21 33.24 -4.73
CA VAL A 1706 -33.38 31.82 -4.45
C VAL A 1706 -33.75 31.65 -3.00
N THR A 1707 -34.82 30.90 -2.75
CA THR A 1707 -35.24 30.53 -1.40
C THR A 1707 -34.98 29.06 -1.19
N VAL A 1708 -34.41 28.72 -0.04
CA VAL A 1708 -34.01 27.35 0.26
C VAL A 1708 -34.80 26.90 1.49
N CYS A 1709 -35.73 25.99 1.28
CA CYS A 1709 -36.51 25.42 2.36
C CYS A 1709 -36.02 24.00 2.61
N VAL A 1710 -35.51 23.76 3.82
CA VAL A 1710 -35.00 22.46 4.22
C VAL A 1710 -36.05 21.81 5.11
N LEU A 1711 -36.86 20.94 4.54
CA LEU A 1711 -37.81 20.15 5.31
C LEU A 1711 -37.10 18.91 5.84
N ALA A 1712 -37.25 18.65 7.13
CA ALA A 1712 -36.58 17.54 7.77
C ALA A 1712 -37.48 16.95 8.85
N LEU A 1713 -37.48 15.63 8.95
CA LEU A 1713 -38.28 14.94 9.96
C LEU A 1713 -37.43 14.70 11.19
N ALA A 1714 -37.85 15.26 12.31
CA ALA A 1714 -37.15 15.08 13.58
C ALA A 1714 -37.54 13.73 14.16
N THR A 1715 -36.60 12.79 14.17
CA THR A 1715 -36.84 11.42 14.61
C THR A 1715 -36.37 11.25 16.04
N LEU A 1716 -37.28 10.86 16.93
CA LEU A 1716 -36.97 10.66 18.33
C LEU A 1716 -36.48 9.25 18.64
N GLN A 1717 -36.52 8.34 17.68
CA GLN A 1717 -35.94 7.01 17.82
C GLN A 1717 -35.11 6.68 16.60
N PRO A 1718 -33.99 5.98 16.77
CA PRO A 1718 -33.25 5.49 15.61
C PRO A 1718 -33.98 4.30 15.00
N GLY A 1719 -34.41 4.46 13.75
CA GLY A 1719 -35.15 3.43 13.06
C GLY A 1719 -36.63 3.69 12.89
N THR A 1720 -37.13 4.84 13.35
CA THR A 1720 -38.52 5.22 13.18
C THR A 1720 -38.62 6.31 12.13
N VAL A 1721 -39.84 6.80 11.92
CA VAL A 1721 -40.11 7.81 10.90
C VAL A 1721 -40.17 9.21 11.50
N GLY A 1722 -40.96 9.39 12.55
CA GLY A 1722 -41.11 10.70 13.16
C GLY A 1722 -42.29 11.47 12.61
N ASN A 1723 -42.66 12.52 13.34
CA ASN A 1723 -43.86 13.29 12.99
C ASN A 1723 -43.60 14.78 12.90
N THR A 1724 -42.67 15.31 13.71
CA THR A 1724 -42.45 16.75 13.75
C THR A 1724 -41.60 17.18 12.57
N LEU A 1725 -42.13 18.09 11.77
CA LEU A 1725 -41.46 18.56 10.57
C LEU A 1725 -40.64 19.80 10.89
N LEU A 1726 -39.34 19.72 10.70
CA LEU A 1726 -38.45 20.87 10.86
C LEU A 1726 -38.33 21.58 9.53
N LEU A 1727 -38.88 22.79 9.47
CA LEU A 1727 -38.85 23.62 8.27
C LEU A 1727 -37.92 24.79 8.53
N THR A 1728 -36.90 24.94 7.69
CA THR A 1728 -35.90 25.99 7.84
C THR A 1728 -35.74 26.71 6.52
N ARG A 1729 -36.06 27.99 6.50
CA ARG A 1729 -36.01 28.79 5.29
C ARG A 1729 -34.73 29.61 5.27
N LEU A 1730 -34.08 29.66 4.11
CA LEU A 1730 -32.78 30.30 3.94
C LEU A 1730 -32.85 31.28 2.78
N GLU A 1731 -32.53 32.54 3.04
CA GLU A 1731 -32.51 33.57 2.03
C GLU A 1731 -31.14 34.23 2.03
N LYS A 1732 -30.96 35.22 1.15
CA LYS A 1732 -29.66 35.84 1.01
C LYS A 1732 -29.34 36.73 2.21
N ASP A 1733 -29.89 37.93 2.23
CA ASP A 1733 -29.62 38.89 3.31
C ASP A 1733 -30.76 38.87 4.32
N SER A 1734 -31.01 37.70 4.88
CA SER A 1734 -32.04 37.53 5.87
C SER A 1734 -31.58 36.50 6.88
N PRO A 1735 -31.94 36.66 8.16
CA PRO A 1735 -31.64 35.63 9.13
C PRO A 1735 -32.33 34.32 8.78
N PRO A 1736 -31.76 33.19 9.18
CA PRO A 1736 -32.43 31.90 8.95
C PRO A 1736 -33.70 31.80 9.78
N VAL A 1737 -34.82 31.66 9.10
CA VAL A 1737 -36.12 31.50 9.75
C VAL A 1737 -36.45 30.02 9.79
N SER A 1738 -36.58 29.47 10.98
CA SER A 1738 -36.89 28.07 11.19
C SER A 1738 -38.20 27.94 11.93
N VAL A 1739 -38.88 26.82 11.75
CA VAL A 1739 -40.14 26.57 12.42
C VAL A 1739 -40.26 25.07 12.67
N GLN A 1740 -41.03 24.73 13.71
CA GLN A 1740 -41.29 23.35 14.09
C GLN A 1740 -42.78 23.10 13.96
N ILE A 1741 -43.16 22.09 13.18
CA ILE A 1741 -44.56 21.79 12.92
C ILE A 1741 -44.88 20.43 13.52
N PRO A 1742 -45.24 20.35 14.79
CA PRO A 1742 -45.53 19.04 15.40
C PRO A 1742 -46.82 18.43 14.88
N THR A 1743 -46.72 17.61 13.84
CA THR A 1743 -47.89 16.93 13.29
C THR A 1743 -48.01 15.54 13.92
N GLY A 1744 -48.29 15.55 15.21
CA GLY A 1744 -48.39 14.31 15.96
C GLY A 1744 -49.74 14.14 16.60
N GLN A 1745 -50.59 15.15 16.48
CA GLN A 1745 -51.95 15.12 16.99
C GLN A 1745 -52.95 15.61 15.96
N ASN A 1746 -52.50 15.94 14.76
CA ASN A 1746 -53.33 16.59 13.73
C ASN A 1746 -54.14 15.57 12.94
N LYS A 1747 -54.54 14.45 13.54
CA LYS A 1747 -55.39 13.47 12.88
C LYS A 1747 -54.77 12.90 11.63
N LEU A 1748 -54.36 13.76 10.69
CA LEU A 1748 -53.80 13.28 9.43
C LEU A 1748 -52.38 12.76 9.61
N HIS A 1749 -51.63 13.29 10.58
CA HIS A 1749 -50.23 12.91 10.78
C HIS A 1749 -49.40 13.18 9.55
N LEU A 1750 -48.14 12.76 9.59
CA LEU A 1750 -47.27 12.68 8.42
C LEU A 1750 -46.80 11.26 8.17
N ARG A 1751 -46.60 10.48 9.24
CA ARG A 1751 -46.45 9.04 9.11
C ARG A 1751 -47.60 8.44 8.32
N SER A 1752 -48.82 8.90 8.58
CA SER A 1752 -49.97 8.39 7.85
C SER A 1752 -49.91 8.80 6.38
N VAL A 1753 -49.39 9.99 6.09
CA VAL A 1753 -49.23 10.42 4.70
C VAL A 1753 -48.25 9.51 3.96
N LEU A 1754 -47.12 9.21 4.60
CA LEU A 1754 -46.15 8.33 3.96
C LEU A 1754 -46.71 6.93 3.79
N ASN A 1755 -47.44 6.44 4.79
CA ASN A 1755 -48.10 5.14 4.67
C ASN A 1755 -49.08 5.12 3.51
N GLU A 1756 -49.85 6.20 3.35
CA GLU A 1756 -50.83 6.25 2.26
C GLU A 1756 -50.14 6.31 0.91
N PHE A 1757 -49.02 7.02 0.81
CA PHE A 1757 -48.28 7.05 -0.45
C PHE A 1757 -47.76 5.66 -0.79
N ASP A 1758 -47.18 4.96 0.20
CA ASP A 1758 -46.71 3.60 -0.03
C ASP A 1758 -47.87 2.68 -0.42
N ALA A 1759 -49.03 2.86 0.20
CA ALA A 1759 -50.20 2.06 -0.15
C ALA A 1759 -50.63 2.32 -1.59
N ILE A 1760 -50.61 3.58 -2.01
CA ILE A 1760 -50.97 3.92 -3.38
C ILE A 1760 -50.02 3.25 -4.36
N GLN A 1761 -48.72 3.31 -4.07
CA GLN A 1761 -47.75 2.73 -4.99
C GLN A 1761 -47.82 1.21 -5.01
N LYS A 1762 -48.21 0.58 -3.90
CA LYS A 1762 -48.40 -0.86 -3.89
C LYS A 1762 -49.66 -1.26 -4.65
N ALA A 1763 -50.74 -0.51 -4.45
CA ALA A 1763 -51.99 -0.79 -5.16
C ALA A 1763 -51.86 -0.59 -6.65
N GLN A 1764 -51.02 0.35 -7.09
CA GLN A 1764 -50.84 0.56 -8.52
C GLN A 1764 -50.29 -0.69 -9.18
N LYS A 1765 -49.23 -1.26 -8.63
CA LYS A 1765 -48.64 -2.46 -9.23
C LYS A 1765 -49.53 -3.68 -9.04
N GLU A 1766 -50.26 -3.76 -7.93
CA GLU A 1766 -51.15 -4.89 -7.76
C GLU A 1766 -52.37 -4.80 -8.66
N ASN A 1767 -52.72 -3.60 -9.12
CA ASN A 1767 -53.84 -3.43 -10.04
C ASN A 1767 -53.43 -3.59 -11.49
N SER A 1768 -52.19 -3.23 -11.84
CA SER A 1768 -51.79 -3.29 -13.23
C SER A 1768 -51.66 -4.70 -13.78
N SER A 1769 -51.97 -5.73 -12.98
CA SER A 1769 -51.98 -7.10 -13.47
C SER A 1769 -53.34 -7.52 -14.03
N CYS A 1770 -54.41 -6.84 -13.66
CA CYS A 1770 -55.73 -7.17 -14.16
C CYS A 1770 -55.82 -6.89 -15.66
N THR A 1771 -56.63 -7.68 -16.36
CA THR A 1771 -56.81 -7.54 -17.80
C THR A 1771 -58.16 -6.97 -18.19
N ASP A 1772 -59.12 -6.91 -17.26
CA ASP A 1772 -60.40 -6.28 -17.55
C ASP A 1772 -60.20 -4.78 -17.65
N LYS A 1773 -60.42 -4.22 -18.85
CA LYS A 1773 -60.11 -2.81 -19.05
C LYS A 1773 -60.95 -1.92 -18.16
N ARG A 1774 -62.20 -2.31 -17.91
CA ARG A 1774 -63.09 -1.47 -17.11
C ARG A 1774 -62.60 -1.41 -15.65
N GLU A 1775 -62.31 -2.56 -15.06
CA GLU A 1775 -61.79 -2.57 -13.70
C GLU A 1775 -60.41 -1.90 -13.64
N TRP A 1776 -59.61 -2.07 -14.70
CA TRP A 1776 -58.32 -1.39 -14.76
C TRP A 1776 -58.47 0.12 -14.67
N TRP A 1777 -59.36 0.68 -15.49
CA TRP A 1777 -59.53 2.12 -15.50
C TRP A 1777 -60.19 2.59 -14.21
N THR A 1778 -61.07 1.78 -13.63
CA THR A 1778 -61.66 2.13 -12.34
C THR A 1778 -60.61 2.23 -11.25
N GLY A 1779 -59.70 1.24 -11.20
CA GLY A 1779 -58.63 1.30 -10.21
C GLY A 1779 -57.71 2.48 -10.43
N ARG A 1780 -57.39 2.77 -11.69
CA ARG A 1780 -56.58 3.95 -11.99
C ARG A 1780 -57.24 5.23 -11.50
N LEU A 1781 -58.55 5.37 -11.73
CA LEU A 1781 -59.24 6.57 -11.28
C LEU A 1781 -59.26 6.65 -9.76
N ALA A 1782 -59.49 5.53 -9.09
CA ALA A 1782 -59.51 5.55 -7.63
C ALA A 1782 -58.15 5.94 -7.07
N LEU A 1783 -57.08 5.42 -7.67
CA LEU A 1783 -55.74 5.79 -7.22
C LEU A 1783 -55.45 7.25 -7.49
N ASP A 1784 -55.92 7.79 -8.62
CA ASP A 1784 -55.68 9.20 -8.89
C ASP A 1784 -56.42 10.10 -7.90
N HIS A 1785 -57.66 9.72 -7.56
CA HIS A 1785 -58.40 10.47 -6.54
C HIS A 1785 -57.70 10.41 -5.19
N ARG A 1786 -57.24 9.21 -4.80
CA ARG A 1786 -56.46 9.09 -3.57
C ARG A 1786 -55.22 9.97 -3.61
N MET A 1787 -54.56 10.03 -4.77
CA MET A 1787 -53.34 10.81 -4.89
C MET A 1787 -53.61 12.31 -4.75
N GLU A 1788 -54.66 12.80 -5.39
CA GLU A 1788 -54.98 14.22 -5.27
C GLU A 1788 -55.41 14.57 -3.86
N VAL A 1789 -56.13 13.66 -3.19
CA VAL A 1789 -56.44 13.87 -1.78
C VAL A 1789 -55.16 13.98 -0.97
N LEU A 1790 -54.18 13.13 -1.26
CA LEU A 1790 -52.91 13.18 -0.53
C LEU A 1790 -52.19 14.51 -0.76
N ILE A 1791 -52.15 14.97 -2.00
CA ILE A 1791 -51.48 16.24 -2.32
C ILE A 1791 -52.16 17.39 -1.60
N ALA A 1792 -53.50 17.43 -1.63
CA ALA A 1792 -54.21 18.47 -0.89
C ALA A 1792 -53.92 18.41 0.60
N SER A 1793 -53.85 17.21 1.15
CA SER A 1793 -53.62 17.05 2.58
C SER A 1793 -52.25 17.55 2.98
N LEU A 1794 -51.25 17.33 2.12
CA LEU A 1794 -49.92 17.86 2.41
C LEU A 1794 -49.99 19.35 2.74
N GLU A 1795 -50.56 20.13 1.82
CA GLU A 1795 -50.62 21.57 2.00
C GLU A 1795 -51.51 21.96 3.17
N LYS A 1796 -52.67 21.33 3.32
CA LYS A 1796 -53.60 21.75 4.38
C LYS A 1796 -53.10 21.33 5.77
N SER A 1797 -52.93 20.03 5.99
CA SER A 1797 -52.63 19.57 7.35
C SER A 1797 -51.13 19.50 7.62
N VAL A 1798 -50.32 19.10 6.63
CA VAL A 1798 -48.91 18.88 6.89
C VAL A 1798 -48.20 20.20 7.16
N LEU A 1799 -48.41 21.19 6.30
CA LEU A 1799 -47.82 22.50 6.51
C LEU A 1799 -48.75 23.40 7.31
N GLY A 1800 -50.02 23.47 6.91
CA GLY A 1800 -50.95 24.32 7.62
C GLY A 1800 -50.64 25.78 7.38
N CYS A 1801 -50.69 26.56 8.45
CA CYS A 1801 -50.42 27.99 8.33
C CYS A 1801 -48.99 28.24 7.87
N TRP A 1802 -48.04 27.45 8.37
CA TRP A 1802 -46.63 27.64 8.07
C TRP A 1802 -46.31 27.09 6.67
N LYS A 1803 -47.02 27.64 5.69
CA LYS A 1803 -46.78 27.24 4.31
C LYS A 1803 -46.38 28.39 3.41
N GLY A 1804 -46.40 29.62 3.90
CA GLY A 1804 -45.82 30.72 3.17
C GLY A 1804 -44.31 30.77 3.24
N LEU A 1805 -43.72 29.94 4.08
CA LEU A 1805 -42.27 29.83 4.15
C LEU A 1805 -41.67 29.35 2.83
N LEU A 1806 -42.47 28.69 2.00
CA LEU A 1806 -42.02 28.23 0.69
C LEU A 1806 -42.29 29.23 -0.41
N LEU A 1807 -43.12 30.24 -0.15
CA LEU A 1807 -43.45 31.22 -1.16
C LEU A 1807 -42.38 32.30 -1.23
N PRO A 1808 -42.29 33.02 -2.34
CA PRO A 1808 -41.30 34.10 -2.45
C PRO A 1808 -41.55 35.24 -1.47
N SER A 1809 -40.62 36.20 -1.44
CA SER A 1809 -40.69 37.33 -0.53
C SER A 1809 -41.03 38.60 -1.31
N SER A 1810 -41.84 39.46 -0.70
CA SER A 1810 -42.28 40.68 -1.37
C SER A 1810 -41.15 41.70 -1.37
N GLU A 1811 -40.64 42.02 -2.57
CA GLU A 1811 -39.62 43.06 -2.68
C GLU A 1811 -40.18 44.42 -2.25
N GLU A 1812 -41.45 44.68 -2.55
CA GLU A 1812 -42.05 45.96 -2.23
C GLU A 1812 -42.12 46.15 -0.72
N PRO A 1813 -41.95 47.37 -0.23
CA PRO A 1813 -42.14 47.61 1.21
C PRO A 1813 -43.61 47.52 1.57
N GLY A 1814 -43.85 47.19 2.83
CA GLY A 1814 -45.19 46.92 3.29
C GLY A 1814 -45.19 45.80 4.30
N PRO A 1815 -44.78 44.61 3.87
CA PRO A 1815 -44.59 43.53 4.85
C PRO A 1815 -43.58 43.89 5.94
N ALA A 1816 -42.56 44.68 5.62
CA ALA A 1816 -41.53 45.02 6.60
C ALA A 1816 -42.06 45.95 7.68
N GLN A 1817 -42.78 47.00 7.29
CA GLN A 1817 -43.30 47.96 8.26
C GLN A 1817 -44.32 47.30 9.17
N GLU A 1818 -45.28 46.61 8.57
CA GLU A 1818 -46.23 45.85 9.37
C GLU A 1818 -45.51 44.83 10.24
N ALA A 1819 -44.41 44.26 9.74
CA ALA A 1819 -43.65 43.30 10.53
C ALA A 1819 -43.11 43.94 11.80
N SER A 1820 -42.56 45.14 11.67
CA SER A 1820 -42.06 45.86 12.84
C SER A 1820 -43.17 46.12 13.84
N ARG A 1821 -44.28 46.68 13.36
CA ARG A 1821 -45.38 47.03 14.26
C ARG A 1821 -45.94 45.79 14.94
N LEU A 1822 -46.16 44.73 14.18
CA LEU A 1822 -46.71 43.50 14.75
C LEU A 1822 -45.73 42.87 15.70
N GLN A 1823 -44.43 42.96 15.40
CA GLN A 1823 -43.43 42.43 16.31
C GLN A 1823 -43.58 43.04 17.68
N GLU A 1824 -43.58 44.38 17.74
CA GLU A 1824 -43.73 45.04 19.03
C GLU A 1824 -45.07 44.66 19.69
N LEU A 1825 -46.17 44.78 18.94
CA LEU A 1825 -47.47 44.65 19.58
C LEU A 1825 -47.75 43.22 20.03
N LEU A 1826 -47.30 42.23 19.24
CA LEU A 1826 -47.47 40.83 19.64
C LEU A 1826 -46.53 40.48 20.78
N GLN A 1827 -45.33 41.08 20.78
CA GLN A 1827 -44.43 40.90 21.91
C GLN A 1827 -45.10 41.36 23.19
N ASP A 1828 -45.90 42.42 23.10
CA ASP A 1828 -46.75 42.79 24.23
C ASP A 1828 -47.76 41.71 24.54
N CYS A 1829 -48.29 41.04 23.51
CA CYS A 1829 -49.31 40.03 23.71
C CYS A 1829 -48.77 38.72 24.28
N GLY A 1830 -47.46 38.53 24.31
CA GLY A 1830 -46.88 37.34 24.90
C GLY A 1830 -46.13 36.48 23.92
N TRP A 1831 -45.64 37.08 22.84
CA TRP A 1831 -44.87 36.36 21.84
C TRP A 1831 -43.42 36.30 22.28
N LYS A 1832 -42.97 35.12 22.71
CA LYS A 1832 -41.56 34.95 23.00
C LYS A 1832 -40.78 34.82 21.71
N TYR A 1833 -39.49 35.15 21.77
CA TYR A 1833 -38.60 35.13 20.61
C TYR A 1833 -39.16 35.97 19.47
N PRO A 1834 -39.50 37.25 19.70
CA PRO A 1834 -40.07 38.05 18.62
C PRO A 1834 -39.06 38.26 17.49
N ASP A 1835 -39.54 38.08 16.26
CA ASP A 1835 -38.69 38.17 15.08
C ASP A 1835 -39.43 38.92 13.96
N ARG A 1836 -38.66 39.57 13.10
CA ARG A 1836 -39.21 40.39 12.04
C ARG A 1836 -39.28 39.68 10.69
N THR A 1837 -38.24 38.91 10.34
CA THR A 1837 -38.22 38.29 9.01
C THR A 1837 -39.29 37.22 8.86
N LEU A 1838 -39.64 36.52 9.95
CA LEU A 1838 -40.73 35.56 9.88
C LEU A 1838 -42.03 36.25 9.48
N LEU A 1839 -42.36 37.36 10.12
CA LEU A 1839 -43.56 38.08 9.74
C LEU A 1839 -43.43 38.74 8.38
N LYS A 1840 -42.20 39.08 7.97
CA LYS A 1840 -42.01 39.69 6.67
C LYS A 1840 -42.27 38.70 5.54
N ILE A 1841 -41.93 37.43 5.75
CA ILE A 1841 -42.25 36.42 4.74
C ILE A 1841 -43.65 35.83 4.92
N MET A 1842 -44.21 35.89 6.12
CA MET A 1842 -45.58 35.42 6.33
C MET A 1842 -46.63 36.44 5.92
N LEU A 1843 -46.25 37.71 5.79
CA LEU A 1843 -47.15 38.74 5.30
C LEU A 1843 -46.93 39.06 3.83
N SER A 1844 -45.83 38.59 3.24
CA SER A 1844 -45.63 38.74 1.81
C SER A 1844 -46.65 37.96 0.99
N GLY A 1845 -47.32 37.00 1.60
CA GLY A 1845 -48.37 36.25 0.93
C GLY A 1845 -49.73 36.48 1.56
N ALA A 1846 -49.94 37.67 2.14
CA ALA A 1846 -51.20 37.98 2.78
C ALA A 1846 -52.37 37.97 1.81
N GLY A 1847 -52.10 38.17 0.51
CA GLY A 1847 -53.17 38.14 -0.46
C GLY A 1847 -53.90 36.80 -0.50
N ALA A 1848 -53.16 35.71 -0.36
CA ALA A 1848 -53.74 34.38 -0.35
C ALA A 1848 -53.96 33.83 1.05
N LEU A 1849 -53.66 34.62 2.09
CA LEU A 1849 -53.79 34.12 3.45
C LEU A 1849 -55.26 34.03 3.84
N THR A 1850 -55.67 32.87 4.31
CA THR A 1850 -57.05 32.62 4.70
C THR A 1850 -57.25 32.95 6.16
N PRO A 1851 -58.50 33.15 6.59
CA PRO A 1851 -58.74 33.46 8.01
C PRO A 1851 -58.36 32.34 8.96
N GLN A 1852 -58.37 31.09 8.52
CA GLN A 1852 -57.97 30.00 9.41
C GLN A 1852 -56.46 29.91 9.55
N ASP A 1853 -55.73 30.26 8.50
CA ASP A 1853 -54.27 30.36 8.62
C ASP A 1853 -53.89 31.45 9.60
N ILE A 1854 -54.55 32.61 9.51
CA ILE A 1854 -54.30 33.70 10.45
C ILE A 1854 -54.72 33.29 11.86
N GLN A 1855 -55.81 32.53 11.98
CA GLN A 1855 -56.25 32.08 13.29
C GLN A 1855 -55.22 31.17 13.94
N ALA A 1856 -54.78 30.13 13.22
CA ALA A 1856 -53.78 29.22 13.77
C ALA A 1856 -52.48 29.94 14.06
N LEU A 1857 -52.04 30.81 13.14
CA LEU A 1857 -50.80 31.55 13.32
C LEU A 1857 -50.86 32.43 14.57
N ALA A 1858 -51.96 33.15 14.77
CA ALA A 1858 -52.08 34.01 15.94
C ALA A 1858 -52.16 33.18 17.22
N TYR A 1859 -53.05 32.18 17.26
CA TYR A 1859 -53.17 31.35 18.45
C TYR A 1859 -51.90 30.57 18.75
N GLY A 1860 -50.98 30.47 17.81
CA GLY A 1860 -49.71 29.83 18.09
C GLY A 1860 -48.63 30.80 18.55
N LEU A 1861 -48.53 31.96 17.90
CA LEU A 1861 -47.50 32.92 18.25
C LEU A 1861 -47.72 33.51 19.63
N CYS A 1862 -48.96 33.89 19.95
CA CYS A 1862 -49.30 34.59 21.18
C CYS A 1862 -50.37 33.79 21.91
N PRO A 1863 -49.99 32.85 22.75
CA PRO A 1863 -50.99 32.00 23.42
C PRO A 1863 -51.70 32.67 24.57
N THR A 1864 -51.01 33.57 25.29
CA THR A 1864 -51.60 34.16 26.49
C THR A 1864 -52.76 35.09 26.16
N GLN A 1865 -52.56 35.99 25.20
CA GLN A 1865 -53.59 36.93 24.76
C GLN A 1865 -53.74 36.75 23.25
N PRO A 1866 -54.49 35.73 22.83
CA PRO A 1866 -54.53 35.40 21.40
C PRO A 1866 -55.55 36.19 20.60
N GLU A 1867 -56.66 36.55 21.24
CA GLU A 1867 -57.77 37.17 20.50
C GLU A 1867 -57.35 38.47 19.84
N ARG A 1868 -56.77 39.40 20.62
CA ARG A 1868 -56.33 40.65 20.04
C ARG A 1868 -55.11 40.47 19.15
N ALA A 1869 -54.39 39.35 19.29
CA ALA A 1869 -53.35 39.04 18.32
C ALA A 1869 -53.96 38.73 16.96
N GLN A 1870 -55.08 37.99 16.95
CA GLN A 1870 -55.79 37.73 15.71
C GLN A 1870 -56.32 39.03 15.10
N GLU A 1871 -57.00 39.84 15.92
CA GLU A 1871 -57.58 41.08 15.42
C GLU A 1871 -56.52 41.97 14.81
N LEU A 1872 -55.37 42.08 15.48
CA LEU A 1872 -54.27 42.87 14.94
C LEU A 1872 -53.74 42.28 13.65
N LEU A 1873 -53.60 40.94 13.61
CA LEU A 1873 -53.15 40.30 12.39
C LEU A 1873 -54.17 40.48 11.25
N ASN A 1874 -55.46 40.42 11.58
CA ASN A 1874 -56.48 40.67 10.57
C ASN A 1874 -56.38 42.08 10.04
N GLU A 1875 -56.18 43.07 10.92
CA GLU A 1875 -55.99 44.43 10.46
C GLU A 1875 -54.76 44.56 9.58
N ALA A 1876 -53.67 43.88 9.95
CA ALA A 1876 -52.45 43.97 9.16
C ALA A 1876 -52.62 43.38 7.78
N VAL A 1877 -53.25 42.20 7.68
CA VAL A 1877 -53.43 41.58 6.37
C VAL A 1877 -54.44 42.36 5.54
N GLY A 1878 -55.47 42.91 6.18
CA GLY A 1878 -56.41 43.74 5.44
C GLY A 1878 -55.76 45.00 4.90
N ARG A 1879 -54.82 45.55 5.66
CA ARG A 1879 -54.08 46.71 5.17
C ARG A 1879 -53.09 46.32 4.08
N LEU A 1880 -52.65 45.07 4.08
CA LEU A 1880 -51.65 44.56 3.10
C LEU A 1880 -52.37 43.68 2.06
N GLN A 1881 -53.65 43.96 1.74
CA GLN A 1881 -54.45 43.10 0.84
C GLN A 1881 -53.90 43.02 -0.58
N GLY A 1882 -53.43 44.13 -1.16
CA GLY A 1882 -52.99 44.09 -2.57
C GLY A 1882 -51.48 44.05 -2.71
N LEU A 1883 -50.93 43.02 -3.37
CA LEU A 1883 -49.45 42.86 -3.44
C LEU A 1883 -49.06 41.99 -4.64
N THR A 1884 -47.76 41.87 -4.92
CA THR A 1884 -47.27 41.00 -6.03
C THR A 1884 -46.02 40.22 -5.59
N VAL A 1885 -45.99 38.88 -5.79
CA VAL A 1885 -44.76 38.08 -5.49
C VAL A 1885 -43.74 38.36 -6.58
N PRO A 1886 -42.41 38.27 -6.32
CA PRO A 1886 -41.42 38.65 -7.32
C PRO A 1886 -41.47 37.83 -8.60
N SER A 1887 -41.35 38.50 -9.74
CA SER A 1887 -41.35 37.80 -11.04
C SER A 1887 -40.18 36.84 -11.09
N ASN A 1888 -38.96 37.36 -10.97
CA ASN A 1888 -37.79 36.46 -11.09
C ASN A 1888 -37.49 35.90 -9.71
N SER A 1889 -37.76 34.62 -9.50
CA SER A 1889 -37.55 34.00 -8.18
C SER A 1889 -37.47 32.50 -8.34
N HIS A 1890 -37.06 31.80 -7.30
CA HIS A 1890 -36.87 30.35 -7.42
C HIS A 1890 -36.80 29.73 -6.05
N LEU A 1891 -37.35 28.56 -5.92
CA LEU A 1891 -37.38 27.83 -4.66
C LEU A 1891 -36.69 26.48 -4.85
N VAL A 1892 -35.70 26.20 -4.01
CA VAL A 1892 -35.02 24.91 -3.99
C VAL A 1892 -35.43 24.19 -2.72
N LEU A 1893 -36.00 23.00 -2.86
CA LEU A 1893 -36.47 22.23 -1.73
C LEU A 1893 -35.43 21.17 -1.38
N VAL A 1894 -34.92 21.23 -0.16
CA VAL A 1894 -34.02 20.22 0.36
C VAL A 1894 -34.82 19.37 1.32
N LEU A 1895 -35.14 18.15 0.91
CA LEU A 1895 -35.99 17.25 1.66
C LEU A 1895 -35.16 16.16 2.32
N ASP A 1896 -35.73 15.53 3.33
CA ASP A 1896 -35.10 14.40 3.97
C ASP A 1896 -35.21 13.16 3.10
N LYS A 1897 -34.68 12.04 3.59
CA LYS A 1897 -34.77 10.79 2.84
C LYS A 1897 -36.18 10.23 2.83
N ASP A 1898 -37.02 10.61 3.78
CA ASP A 1898 -38.38 10.09 3.86
C ASP A 1898 -39.41 11.00 3.20
N LEU A 1899 -39.16 12.30 3.16
CA LEU A 1899 -40.12 13.24 2.56
C LEU A 1899 -39.82 13.52 1.10
N GLN A 1900 -38.76 12.96 0.53
CA GLN A 1900 -38.45 13.24 -0.86
C GLN A 1900 -39.39 12.49 -1.80
N LYS A 1901 -40.01 11.42 -1.33
CA LYS A 1901 -40.89 10.64 -2.19
C LYS A 1901 -42.27 11.28 -2.34
N LEU A 1902 -42.67 12.11 -1.39
CA LEU A 1902 -43.94 12.81 -1.53
C LEU A 1902 -43.83 13.86 -2.63
N PRO A 1903 -44.91 14.10 -3.37
CA PRO A 1903 -44.84 15.07 -4.48
C PRO A 1903 -45.16 16.49 -4.05
N TRP A 1904 -44.19 17.17 -3.43
CA TRP A 1904 -44.43 18.52 -2.94
C TRP A 1904 -44.58 19.53 -4.07
N GLU A 1905 -43.90 19.29 -5.19
CA GLU A 1905 -43.94 20.24 -6.31
C GLU A 1905 -45.32 20.39 -6.91
N SER A 1906 -46.27 19.50 -6.59
CA SER A 1906 -47.60 19.53 -7.16
C SER A 1906 -48.66 20.00 -6.18
N MET A 1907 -48.26 20.43 -4.99
CA MET A 1907 -49.22 21.06 -4.08
C MET A 1907 -49.83 22.29 -4.75
N PRO A 1908 -51.05 22.66 -4.39
CA PRO A 1908 -51.69 23.81 -5.05
C PRO A 1908 -50.89 25.10 -4.97
N SER A 1909 -50.26 25.37 -3.83
CA SER A 1909 -49.55 26.63 -3.66
C SER A 1909 -48.37 26.74 -4.62
N LEU A 1910 -47.63 25.66 -4.82
CA LEU A 1910 -46.38 25.69 -5.58
C LEU A 1910 -46.58 25.39 -7.05
N GLN A 1911 -47.81 25.43 -7.55
CA GLN A 1911 -48.05 25.05 -8.95
C GLN A 1911 -47.60 26.14 -9.91
N ALA A 1912 -47.86 27.40 -9.58
CA ALA A 1912 -47.44 28.49 -10.46
C ALA A 1912 -45.98 28.86 -10.28
N LEU A 1913 -45.36 28.48 -9.17
CA LEU A 1913 -44.02 28.79 -8.68
C LEU A 1913 -43.01 27.82 -9.26
N PRO A 1914 -41.86 28.30 -9.74
CA PRO A 1914 -40.77 27.37 -10.07
C PRO A 1914 -40.23 26.72 -8.82
N VAL A 1915 -40.07 25.40 -8.86
CA VAL A 1915 -39.62 24.67 -7.69
C VAL A 1915 -38.80 23.45 -8.11
N THR A 1916 -37.55 23.38 -7.65
CA THR A 1916 -36.67 22.25 -7.90
C THR A 1916 -36.18 21.68 -6.57
N ARG A 1917 -35.45 20.58 -6.65
CA ARG A 1917 -34.90 19.91 -5.50
C ARG A 1917 -33.39 19.83 -5.62
N LEU A 1918 -32.73 19.71 -4.46
CA LEU A 1918 -31.31 19.46 -4.39
C LEU A 1918 -31.06 18.59 -3.18
N PRO A 1919 -29.94 17.85 -3.15
CA PRO A 1919 -29.69 16.95 -2.01
C PRO A 1919 -29.41 17.70 -0.72
N SER A 1920 -28.47 18.64 -0.75
CA SER A 1920 -28.12 19.44 0.40
C SER A 1920 -27.99 20.90 -0.02
N PHE A 1921 -28.02 21.78 0.97
CA PHE A 1921 -27.89 23.21 0.70
C PHE A 1921 -26.52 23.54 0.10
N ARG A 1922 -25.48 22.79 0.48
CA ARG A 1922 -24.15 23.03 -0.07
C ARG A 1922 -24.10 22.85 -1.59
N PHE A 1923 -25.05 22.11 -2.17
CA PHE A 1923 -25.02 21.90 -3.61
C PHE A 1923 -25.41 23.15 -4.38
N LEU A 1924 -26.31 23.97 -3.82
CA LEU A 1924 -26.61 25.26 -4.43
C LEU A 1924 -25.35 26.12 -4.51
N LEU A 1925 -24.60 26.18 -3.40
CA LEU A 1925 -23.35 26.93 -3.38
C LEU A 1925 -22.35 26.33 -4.36
N SER A 1926 -22.33 25.01 -4.49
CA SER A 1926 -21.42 24.37 -5.44
C SER A 1926 -21.76 24.75 -6.87
N TYR A 1927 -23.05 24.76 -7.20
CA TYR A 1927 -23.48 25.21 -8.53
C TYR A 1927 -23.05 26.65 -8.77
N SER A 1928 -23.18 27.49 -7.75
CA SER A 1928 -22.73 28.88 -7.89
C SER A 1928 -21.23 28.96 -8.14
N ILE A 1929 -20.45 28.19 -7.39
CA ILE A 1929 -19.00 28.21 -7.52
C ILE A 1929 -18.59 27.75 -8.92
N ILE A 1930 -19.27 26.73 -9.43
CA ILE A 1930 -18.96 26.25 -10.78
C ILE A 1930 -19.37 27.28 -11.82
N LYS A 1931 -20.51 27.95 -11.61
CA LYS A 1931 -20.91 29.01 -12.53
C LYS A 1931 -19.89 30.13 -12.56
N GLU A 1932 -19.23 30.40 -11.43
CA GLU A 1932 -18.21 31.44 -11.40
C GLU A 1932 -17.09 31.15 -12.39
N TYR A 1933 -16.72 29.88 -12.54
CA TYR A 1933 -15.55 29.51 -13.32
C TYR A 1933 -15.87 28.97 -14.71
N GLY A 1934 -17.10 28.51 -14.94
CA GLY A 1934 -17.45 27.88 -16.20
C GLY A 1934 -17.81 26.42 -16.02
N ALA A 1935 -17.48 25.59 -17.02
CA ALA A 1935 -17.73 24.15 -16.99
C ALA A 1935 -19.21 23.81 -16.83
N SER A 1936 -20.07 24.81 -16.73
CA SER A 1936 -21.52 24.62 -16.66
C SER A 1936 -22.17 25.61 -17.61
N PRO A 1937 -22.11 25.34 -18.93
CA PRO A 1937 -22.65 26.24 -19.92
C PRO A 1937 -24.16 26.44 -19.85
N VAL A 1938 -24.93 25.38 -19.67
CA VAL A 1938 -26.42 25.46 -19.61
C VAL A 1938 -26.89 26.28 -18.42
N LEU A 1939 -26.31 26.11 -17.23
CA LEU A 1939 -26.83 26.81 -16.02
C LEU A 1939 -26.47 28.27 -16.13
N SER A 1940 -25.63 28.61 -17.10
CA SER A 1940 -25.27 30.02 -17.34
C SER A 1940 -25.80 30.56 -18.68
N GLN A 1941 -25.49 29.95 -19.84
CA GLN A 1941 -25.87 30.47 -21.15
C GLN A 1941 -27.32 30.11 -21.51
N GLY A 1942 -27.60 28.83 -21.67
CA GLY A 1942 -28.93 28.36 -21.99
C GLY A 1942 -28.91 27.13 -22.88
N VAL A 1943 -29.95 26.31 -22.75
CA VAL A 1943 -30.04 25.08 -23.54
C VAL A 1943 -30.27 25.43 -24.99
N ASP A 1944 -29.60 24.71 -25.88
CA ASP A 1944 -29.83 24.99 -27.29
C ASP A 1944 -30.95 24.09 -27.81
N PRO A 1945 -31.82 24.60 -28.69
CA PRO A 1945 -32.89 23.74 -29.22
C PRO A 1945 -32.37 22.57 -30.03
N ARG A 1946 -31.33 22.78 -30.82
CA ARG A 1946 -30.64 21.68 -31.49
C ARG A 1946 -29.73 21.01 -30.46
N SER A 1947 -28.79 20.20 -30.93
CA SER A 1947 -27.80 19.55 -30.07
C SER A 1947 -28.50 18.75 -28.96
N THR A 1948 -29.10 17.65 -29.37
CA THR A 1948 -29.83 16.80 -28.45
C THR A 1948 -29.71 15.35 -28.90
N PHE A 1949 -29.42 14.46 -27.95
CA PHE A 1949 -29.33 13.03 -28.18
C PHE A 1949 -30.52 12.36 -27.52
N TYR A 1950 -31.19 11.48 -28.24
CA TYR A 1950 -32.36 10.80 -27.69
C TYR A 1950 -32.19 9.30 -27.76
N VAL A 1951 -32.81 8.61 -26.82
CA VAL A 1951 -32.86 7.16 -26.77
C VAL A 1951 -34.33 6.79 -26.76
N LEU A 1952 -34.90 6.51 -27.93
CA LEU A 1952 -36.31 6.17 -28.04
C LEU A 1952 -36.47 4.66 -28.06
N ASN A 1953 -37.05 4.11 -26.99
CA ASN A 1953 -37.43 2.72 -26.90
C ASN A 1953 -36.25 1.79 -27.19
N PRO A 1954 -35.25 1.72 -26.30
CA PRO A 1954 -34.08 0.89 -26.60
C PRO A 1954 -34.32 -0.61 -26.44
N HIS A 1955 -35.31 -0.99 -25.63
CA HIS A 1955 -35.62 -2.39 -25.40
C HIS A 1955 -36.72 -2.93 -26.32
N ASN A 1956 -37.29 -2.09 -27.17
CA ASN A 1956 -38.27 -2.48 -28.18
C ASN A 1956 -39.57 -3.00 -27.56
N ASN A 1957 -39.83 -2.68 -26.29
CA ASN A 1957 -41.10 -3.08 -25.68
C ASN A 1957 -42.23 -2.14 -26.08
N LEU A 1958 -42.03 -0.84 -25.90
CA LEU A 1958 -43.08 0.16 -26.06
C LEU A 1958 -43.06 0.71 -27.47
N SER A 1959 -43.94 0.20 -28.34
CA SER A 1959 -44.02 0.71 -29.70
C SER A 1959 -45.06 1.79 -29.86
N SER A 1960 -46.06 1.83 -28.99
CA SER A 1960 -47.05 2.91 -29.02
C SER A 1960 -46.36 4.26 -28.92
N THR A 1961 -45.54 4.44 -27.89
CA THR A 1961 -44.66 5.59 -27.85
C THR A 1961 -43.78 5.62 -29.09
N GLU A 1962 -43.12 4.51 -29.40
CA GLU A 1962 -42.05 4.50 -30.40
C GLU A 1962 -42.49 5.16 -31.70
N GLU A 1963 -43.70 4.86 -32.17
CA GLU A 1963 -44.13 5.39 -33.47
C GLU A 1963 -44.29 6.91 -33.45
N GLN A 1964 -45.15 7.41 -32.55
CA GLN A 1964 -45.41 8.85 -32.48
C GLN A 1964 -44.16 9.64 -32.12
N PHE A 1965 -43.43 9.18 -31.11
CA PHE A 1965 -42.21 9.86 -30.72
C PHE A 1965 -41.17 9.78 -31.81
N ARG A 1966 -41.14 8.69 -32.59
CA ARG A 1966 -40.20 8.62 -33.70
C ARG A 1966 -40.52 9.70 -34.71
N ALA A 1967 -41.79 9.86 -35.05
CA ALA A 1967 -42.18 10.89 -36.00
C ALA A 1967 -41.75 12.27 -35.52
N ASN A 1968 -42.13 12.63 -34.30
CA ASN A 1968 -41.85 13.99 -33.83
C ASN A 1968 -40.36 14.23 -33.60
N PHE A 1969 -39.63 13.21 -33.13
CA PHE A 1969 -38.21 13.38 -32.90
C PHE A 1969 -37.45 13.53 -34.21
N SER A 1970 -37.72 12.66 -35.19
CA SER A 1970 -37.10 12.81 -36.50
C SER A 1970 -37.47 14.13 -37.14
N SER A 1971 -38.66 14.66 -36.84
CA SER A 1971 -39.03 15.95 -37.38
C SER A 1971 -38.15 17.09 -36.86
N GLU A 1972 -37.45 16.88 -35.75
CA GLU A 1972 -36.69 17.95 -35.12
C GLU A 1972 -35.26 18.01 -35.67
N ALA A 1973 -34.75 19.23 -35.82
CA ALA A 1973 -33.48 19.45 -36.48
C ALA A 1973 -32.31 19.36 -35.51
N GLY A 1974 -31.24 18.71 -35.96
CA GLY A 1974 -30.03 18.59 -35.17
C GLY A 1974 -30.06 17.51 -34.11
N TRP A 1975 -31.10 16.68 -34.06
CA TRP A 1975 -31.24 15.67 -33.04
C TRP A 1975 -30.68 14.35 -33.55
N ARG A 1976 -29.56 13.93 -32.99
CA ARG A 1976 -28.89 12.69 -33.36
C ARG A 1976 -29.11 11.70 -32.24
N GLY A 1977 -29.87 10.65 -32.50
CA GLY A 1977 -30.19 9.69 -31.46
C GLY A 1977 -30.38 8.30 -32.01
N VAL A 1978 -30.73 7.39 -31.12
CA VAL A 1978 -31.03 6.02 -31.47
C VAL A 1978 -32.52 5.79 -31.31
N VAL A 1979 -33.01 4.74 -31.95
CA VAL A 1979 -34.40 4.31 -31.78
C VAL A 1979 -34.47 2.80 -31.98
N GLY A 1980 -35.05 2.11 -31.00
CA GLY A 1980 -35.24 0.68 -31.06
C GLY A 1980 -34.08 -0.13 -30.53
N GLU A 1981 -32.86 0.36 -30.67
CA GLU A 1981 -31.66 -0.37 -30.29
C GLU A 1981 -31.07 0.20 -29.01
N VAL A 1982 -30.37 -0.65 -28.27
CA VAL A 1982 -29.67 -0.19 -27.07
C VAL A 1982 -28.44 0.60 -27.49
N PRO A 1983 -28.23 1.81 -27.00
CA PRO A 1983 -27.08 2.60 -27.44
C PRO A 1983 -25.79 2.08 -26.85
N ARG A 1984 -24.72 2.22 -27.61
CA ARG A 1984 -23.41 1.87 -27.09
C ARG A 1984 -23.06 2.81 -25.94
N PRO A 1985 -22.36 2.32 -24.92
CA PRO A 1985 -21.95 3.21 -23.82
C PRO A 1985 -21.16 4.43 -24.29
N GLU A 1986 -20.42 4.31 -25.40
CA GLU A 1986 -19.62 5.45 -25.86
C GLU A 1986 -20.49 6.59 -26.36
N GLN A 1987 -21.53 6.27 -27.14
CA GLN A 1987 -22.37 7.35 -27.66
C GLN A 1987 -23.27 7.93 -26.58
N VAL A 1988 -23.63 7.16 -25.57
CA VAL A 1988 -24.40 7.76 -24.47
C VAL A 1988 -23.49 8.60 -23.57
N GLN A 1989 -22.22 8.21 -23.42
CA GLN A 1989 -21.24 9.07 -22.78
C GLN A 1989 -21.14 10.40 -23.51
N GLU A 1990 -20.97 10.35 -24.84
CA GLU A 1990 -20.94 11.57 -25.62
C GLU A 1990 -22.26 12.32 -25.56
N ALA A 1991 -23.36 11.61 -25.31
CA ALA A 1991 -24.66 12.27 -25.19
C ALA A 1991 -24.73 13.13 -23.94
N LEU A 1992 -24.27 12.60 -22.82
CA LEU A 1992 -24.24 13.39 -21.60
C LEU A 1992 -23.19 14.49 -21.68
N THR A 1993 -22.06 14.23 -22.34
CA THR A 1993 -20.94 15.16 -22.31
C THR A 1993 -21.11 16.30 -23.31
N LYS A 1994 -21.31 15.98 -24.59
CA LYS A 1994 -21.17 16.93 -25.68
C LYS A 1994 -22.48 17.58 -26.09
N HIS A 1995 -23.59 17.23 -25.45
CA HIS A 1995 -24.90 17.74 -25.83
C HIS A 1995 -25.48 18.59 -24.72
N ASP A 1996 -26.53 19.34 -25.06
CA ASP A 1996 -27.25 20.17 -24.10
C ASP A 1996 -28.49 19.50 -23.55
N LEU A 1997 -29.05 18.55 -24.29
CA LEU A 1997 -30.28 17.88 -23.89
C LEU A 1997 -30.13 16.39 -24.13
N TYR A 1998 -30.66 15.60 -23.22
CA TYR A 1998 -30.62 14.14 -23.31
C TYR A 1998 -32.04 13.65 -23.02
N ILE A 1999 -32.84 13.54 -24.08
CA ILE A 1999 -34.22 13.10 -23.95
C ILE A 1999 -34.23 11.58 -24.03
N TYR A 2000 -34.48 10.94 -22.91
CA TYR A 2000 -34.51 9.48 -22.82
C TYR A 2000 -35.96 9.05 -22.66
N ALA A 2001 -36.51 8.41 -23.68
CA ALA A 2001 -37.88 7.91 -23.67
C ALA A 2001 -37.80 6.38 -23.66
N GLY A 2002 -37.87 5.81 -22.46
CA GLY A 2002 -37.72 4.37 -22.35
C GLY A 2002 -38.11 3.77 -21.01
N HIS A 2003 -37.34 2.79 -20.56
CA HIS A 2003 -37.71 2.00 -19.38
C HIS A 2003 -37.58 2.79 -18.09
N GLY A 2004 -36.36 2.91 -17.58
CA GLY A 2004 -36.14 3.59 -16.31
C GLY A 2004 -35.32 4.86 -16.46
N ALA A 2005 -34.07 4.82 -16.03
CA ALA A 2005 -33.18 5.98 -16.06
C ALA A 2005 -31.89 5.63 -16.78
N GLY A 2006 -32.02 4.99 -17.93
CA GLY A 2006 -30.86 4.48 -18.64
C GLY A 2006 -30.36 3.22 -17.95
N ALA A 2007 -29.63 3.40 -16.85
CA ALA A 2007 -29.26 2.33 -15.95
C ALA A 2007 -28.40 1.28 -16.63
N ARG A 2008 -28.95 0.59 -17.63
CA ARG A 2008 -28.25 -0.52 -18.25
C ARG A 2008 -27.05 -0.02 -19.06
N PHE A 2009 -27.29 0.86 -20.02
CA PHE A 2009 -26.18 1.36 -20.82
C PHE A 2009 -25.45 2.50 -20.13
N LEU A 2010 -26.11 3.21 -19.21
CA LEU A 2010 -25.49 4.30 -18.46
C LEU A 2010 -25.90 4.18 -17.00
N ASP A 2011 -24.98 3.75 -16.15
CA ASP A 2011 -25.24 3.57 -14.74
C ASP A 2011 -24.59 4.70 -13.94
N GLY A 2012 -24.79 4.67 -12.62
CA GLY A 2012 -24.34 5.77 -11.79
C GLY A 2012 -22.84 5.96 -11.84
N GLN A 2013 -22.09 4.86 -11.90
CA GLN A 2013 -20.64 4.97 -11.93
C GLN A 2013 -20.15 5.56 -13.24
N ALA A 2014 -20.80 5.22 -14.35
CA ALA A 2014 -20.37 5.71 -15.65
C ALA A 2014 -20.60 7.21 -15.79
N VAL A 2015 -21.67 7.73 -15.19
CA VAL A 2015 -21.92 9.17 -15.25
C VAL A 2015 -21.07 9.90 -14.21
N LEU A 2016 -20.88 9.31 -13.04
CA LEU A 2016 -19.99 9.91 -12.05
C LEU A 2016 -18.57 10.01 -12.58
N ARG A 2017 -18.16 9.05 -13.41
CA ARG A 2017 -16.90 9.09 -14.13
C ARG A 2017 -16.88 10.15 -15.21
N LEU A 2018 -17.96 10.90 -15.39
CA LEU A 2018 -18.14 11.76 -16.54
C LEU A 2018 -18.54 13.16 -16.11
N SER A 2019 -18.26 14.13 -16.97
CA SER A 2019 -18.85 15.44 -16.86
C SER A 2019 -20.23 15.44 -17.49
N CYS A 2020 -21.14 16.22 -16.92
CA CYS A 2020 -22.53 16.24 -17.35
C CYS A 2020 -22.90 17.64 -17.78
N ARG A 2021 -22.84 17.89 -19.09
CA ARG A 2021 -23.24 19.17 -19.65
C ARG A 2021 -24.72 19.24 -19.97
N ALA A 2022 -25.37 18.11 -20.23
CA ALA A 2022 -26.70 18.12 -20.81
C ALA A 2022 -27.78 18.07 -19.74
N VAL A 2023 -28.93 18.66 -20.06
CA VAL A 2023 -30.14 18.47 -19.28
C VAL A 2023 -30.67 17.06 -19.53
N ALA A 2024 -31.06 16.39 -18.46
CA ALA A 2024 -31.45 14.98 -18.53
C ALA A 2024 -32.95 14.86 -18.35
N LEU A 2025 -33.67 14.70 -19.47
CA LEU A 2025 -35.12 14.54 -19.45
C LEU A 2025 -35.46 13.06 -19.53
N LEU A 2026 -35.19 12.35 -18.43
CA LEU A 2026 -35.34 10.90 -18.38
C LEU A 2026 -36.79 10.56 -18.06
N PHE A 2027 -37.54 10.15 -19.08
CA PHE A 2027 -38.97 9.85 -18.94
C PHE A 2027 -39.16 8.34 -18.80
N GLY A 2028 -38.91 7.83 -17.61
CA GLY A 2028 -39.14 6.44 -17.30
C GLY A 2028 -39.82 6.29 -15.95
N CYS A 2029 -40.13 5.04 -15.62
CA CYS A 2029 -40.75 4.75 -14.35
C CYS A 2029 -39.73 4.87 -13.23
N SER A 2030 -40.08 5.66 -12.20
CA SER A 2030 -39.21 5.91 -11.05
C SER A 2030 -37.85 6.43 -11.51
N SER A 2031 -37.87 7.34 -12.47
CA SER A 2031 -36.62 7.86 -13.03
C SER A 2031 -35.86 8.70 -12.02
N ALA A 2032 -36.55 9.56 -11.28
CA ALA A 2032 -35.94 10.42 -10.29
C ALA A 2032 -36.29 10.02 -8.86
N ALA A 2033 -36.67 8.76 -8.66
CA ALA A 2033 -36.96 8.27 -7.33
C ALA A 2033 -35.67 7.85 -6.63
N LEU A 2034 -35.66 7.98 -5.31
CA LEU A 2034 -34.55 7.54 -4.48
C LEU A 2034 -35.02 6.37 -3.62
N ALA A 2035 -34.30 5.26 -3.70
CA ALA A 2035 -34.66 4.06 -2.95
C ALA A 2035 -34.14 4.17 -1.52
N VAL A 2036 -35.05 4.08 -0.56
CA VAL A 2036 -34.71 4.19 0.85
C VAL A 2036 -34.86 2.81 1.46
N HIS A 2037 -33.73 2.20 1.85
CA HIS A 2037 -33.71 0.85 2.39
C HIS A 2037 -33.15 0.89 3.80
N GLY A 2038 -33.99 0.57 4.78
CA GLY A 2038 -33.53 0.53 6.15
C GLY A 2038 -33.33 1.93 6.70
N ASN A 2039 -32.32 2.05 7.58
CA ASN A 2039 -31.98 3.33 8.17
C ASN A 2039 -30.92 4.03 7.32
N LEU A 2040 -30.91 3.74 6.03
CA LEU A 2040 -29.95 4.30 5.10
C LEU A 2040 -30.62 5.39 4.27
N GLU A 2041 -29.81 6.33 3.80
CA GLU A 2041 -30.39 7.44 3.07
C GLU A 2041 -30.57 7.08 1.61
N GLY A 2042 -31.37 7.90 0.93
CA GLY A 2042 -31.83 7.54 -0.40
C GLY A 2042 -30.68 7.42 -1.39
N ALA A 2043 -30.79 6.43 -2.28
CA ALA A 2043 -29.82 6.19 -3.32
C ALA A 2043 -30.53 6.16 -4.67
N GLY A 2044 -29.90 6.74 -5.67
CA GLY A 2044 -30.50 6.78 -7.00
C GLY A 2044 -29.56 7.43 -7.97
N ILE A 2045 -29.88 7.26 -9.26
CA ILE A 2045 -28.99 7.75 -10.30
C ILE A 2045 -29.06 9.27 -10.43
N VAL A 2046 -30.12 9.91 -9.94
CA VAL A 2046 -30.20 11.36 -9.97
C VAL A 2046 -29.09 11.97 -9.13
N LEU A 2047 -28.74 11.31 -8.03
CA LEU A 2047 -27.65 11.79 -7.19
C LEU A 2047 -26.34 11.76 -7.95
N LYS A 2048 -26.10 10.70 -8.72
CA LYS A 2048 -24.90 10.63 -9.54
C LYS A 2048 -24.96 11.59 -10.72
N TYR A 2049 -26.15 11.98 -11.14
CA TYR A 2049 -26.26 12.96 -12.22
C TYR A 2049 -25.93 14.36 -11.72
N ILE A 2050 -26.47 14.75 -10.56
CA ILE A 2050 -26.22 16.10 -10.03
C ILE A 2050 -24.91 16.20 -9.28
N MET A 2051 -24.31 15.07 -8.89
CA MET A 2051 -22.93 15.07 -8.42
C MET A 2051 -21.93 15.21 -9.54
N ALA A 2052 -22.36 14.99 -10.78
CA ALA A 2052 -21.50 15.12 -11.95
C ALA A 2052 -21.68 16.45 -12.66
N GLY A 2053 -22.60 17.30 -12.19
CA GLY A 2053 -22.77 18.62 -12.76
C GLY A 2053 -23.96 18.78 -13.69
N CYS A 2054 -24.98 17.95 -13.56
CA CYS A 2054 -26.18 18.09 -14.36
C CYS A 2054 -26.95 19.33 -13.94
N PRO A 2055 -27.12 20.31 -14.82
CA PRO A 2055 -27.88 21.52 -14.42
C PRO A 2055 -29.31 21.21 -14.04
N LEU A 2056 -30.00 20.40 -14.84
CA LEU A 2056 -31.37 20.03 -14.52
C LEU A 2056 -31.61 18.57 -14.90
N PHE A 2057 -32.29 17.85 -14.02
CA PHE A 2057 -32.58 16.44 -14.21
C PHE A 2057 -34.07 16.25 -13.97
N LEU A 2058 -34.83 16.07 -15.05
CA LEU A 2058 -36.26 15.82 -14.94
C LEU A 2058 -36.52 14.31 -14.98
N GLY A 2059 -37.40 13.86 -14.11
CA GLY A 2059 -37.69 12.45 -14.05
C GLY A 2059 -38.89 12.17 -13.17
N ASN A 2060 -39.45 10.98 -13.33
CA ASN A 2060 -40.62 10.59 -12.58
C ASN A 2060 -40.22 10.21 -11.15
N LEU A 2061 -41.21 10.14 -10.29
CA LEU A 2061 -41.01 9.89 -8.89
C LEU A 2061 -41.55 8.54 -8.44
N TRP A 2062 -42.60 8.04 -9.10
CA TRP A 2062 -43.11 6.70 -8.89
C TRP A 2062 -43.36 6.08 -10.24
N ASP A 2063 -43.86 4.86 -10.24
CA ASP A 2063 -44.12 4.16 -11.49
C ASP A 2063 -45.28 4.80 -12.24
N VAL A 2064 -45.11 4.97 -13.54
CA VAL A 2064 -46.12 5.58 -14.39
C VAL A 2064 -46.49 4.58 -15.48
N THR A 2065 -47.48 4.96 -16.28
CA THR A 2065 -47.95 4.10 -17.36
C THR A 2065 -47.36 4.58 -18.69
N ASP A 2066 -47.90 4.08 -19.80
CA ASP A 2066 -47.25 4.26 -21.11
C ASP A 2066 -47.80 5.49 -21.83
N ARG A 2067 -49.03 5.41 -22.33
CA ARG A 2067 -49.56 6.46 -23.19
C ARG A 2067 -49.80 7.75 -22.42
N ASP A 2068 -50.11 7.68 -21.12
CA ASP A 2068 -50.30 8.89 -20.35
C ASP A 2068 -48.99 9.64 -20.17
N ILE A 2069 -47.92 8.92 -19.84
CA ILE A 2069 -46.62 9.58 -19.72
C ILE A 2069 -46.15 10.06 -21.09
N ASP A 2070 -46.58 9.37 -22.16
CA ASP A 2070 -46.26 9.86 -23.50
C ASP A 2070 -46.97 11.18 -23.78
N ARG A 2071 -48.23 11.29 -23.35
CA ARG A 2071 -48.94 12.55 -23.50
C ARG A 2071 -48.26 13.67 -22.74
N TYR A 2072 -47.85 13.38 -21.50
CA TYR A 2072 -47.13 14.38 -20.72
C TYR A 2072 -45.85 14.82 -21.41
N THR A 2073 -45.05 13.86 -21.86
CA THR A 2073 -43.80 14.18 -22.53
C THR A 2073 -44.04 14.99 -23.79
N GLU A 2074 -45.07 14.62 -24.56
CA GLU A 2074 -45.36 15.35 -25.78
C GLU A 2074 -45.76 16.79 -25.48
N ALA A 2075 -46.56 16.99 -24.44
CA ALA A 2075 -46.94 18.34 -24.06
C ALA A 2075 -45.72 19.15 -23.63
N LEU A 2076 -44.87 18.55 -22.79
CA LEU A 2076 -43.69 19.27 -22.30
C LEU A 2076 -42.77 19.65 -23.45
N LEU A 2077 -42.54 18.73 -24.38
CA LEU A 2077 -41.63 19.00 -25.48
C LEU A 2077 -42.25 19.93 -26.51
N GLN A 2078 -43.57 19.94 -26.64
CA GLN A 2078 -44.18 20.87 -27.59
C GLN A 2078 -44.32 22.27 -27.00
N GLY A 2079 -44.48 22.37 -25.68
CA GLY A 2079 -44.55 23.65 -25.03
C GLY A 2079 -43.20 24.30 -24.88
N TRP A 2080 -42.28 23.64 -24.18
CA TRP A 2080 -40.95 24.21 -23.99
C TRP A 2080 -40.29 24.41 -25.35
N LEU A 2081 -39.90 23.32 -26.00
CA LEU A 2081 -39.35 23.42 -27.33
C LEU A 2081 -40.40 23.97 -28.29
N GLY A 2082 -40.09 25.10 -28.91
CA GLY A 2082 -41.02 25.79 -29.77
C GLY A 2082 -41.59 27.06 -29.18
N ALA A 2083 -41.55 27.21 -27.86
CA ALA A 2083 -41.99 28.46 -27.25
C ALA A 2083 -41.13 29.62 -27.73
N GLY A 2084 -39.82 29.42 -27.74
CA GLY A 2084 -38.90 30.44 -28.20
C GLY A 2084 -37.71 30.55 -27.29
N PRO A 2085 -36.81 31.49 -27.59
CA PRO A 2085 -35.64 31.67 -26.74
C PRO A 2085 -36.02 32.20 -25.37
N GLY A 2086 -35.28 31.75 -24.37
CA GLY A 2086 -35.54 32.15 -23.00
C GLY A 2086 -36.90 31.67 -22.49
N ALA A 2087 -37.17 30.38 -22.60
CA ALA A 2087 -38.40 29.80 -22.10
C ALA A 2087 -38.09 29.00 -20.84
N PRO A 2088 -38.64 29.38 -19.69
CA PRO A 2088 -38.39 28.60 -18.47
C PRO A 2088 -38.94 27.20 -18.60
N LEU A 2089 -38.10 26.22 -18.27
CA LEU A 2089 -38.52 24.82 -18.35
C LEU A 2089 -39.47 24.46 -17.22
N LEU A 2090 -39.17 24.92 -16.01
CA LEU A 2090 -40.04 24.64 -14.87
C LEU A 2090 -41.43 25.24 -15.04
N TYR A 2091 -41.59 26.25 -15.91
CA TYR A 2091 -42.92 26.72 -16.20
C TYR A 2091 -43.69 25.69 -17.02
N TYR A 2092 -43.00 25.00 -17.92
CA TYR A 2092 -43.63 24.05 -18.82
C TYR A 2092 -43.71 22.65 -18.25
N VAL A 2093 -43.06 22.37 -17.12
CA VAL A 2093 -43.33 21.09 -16.47
C VAL A 2093 -44.67 21.13 -15.75
N ASN A 2094 -45.10 22.30 -15.28
CA ASN A 2094 -46.42 22.43 -14.69
C ASN A 2094 -47.49 22.73 -15.72
N GLN A 2095 -47.12 23.34 -16.84
CA GLN A 2095 -48.09 23.56 -17.91
C GLN A 2095 -48.38 22.25 -18.65
N ALA A 2096 -47.39 21.38 -18.74
CA ALA A 2096 -47.59 20.05 -19.31
C ALA A 2096 -48.13 19.05 -18.31
N ARG A 2097 -48.24 19.43 -17.04
CA ARG A 2097 -48.80 18.56 -16.02
C ARG A 2097 -50.32 18.45 -16.11
N GLN A 2098 -50.96 19.28 -16.94
CA GLN A 2098 -52.39 19.26 -17.14
C GLN A 2098 -52.80 18.60 -18.45
N ALA A 2099 -51.85 18.05 -19.19
CA ALA A 2099 -52.14 17.37 -20.45
C ALA A 2099 -52.49 15.90 -20.24
N PRO A 2100 -51.75 15.13 -19.45
CA PRO A 2100 -52.11 13.72 -19.27
C PRO A 2100 -53.43 13.58 -18.53
N ARG A 2101 -54.11 12.46 -18.80
CA ARG A 2101 -55.47 12.24 -18.32
C ARG A 2101 -55.52 12.13 -16.80
N LEU A 2102 -54.76 11.21 -16.23
CA LEU A 2102 -54.71 11.06 -14.77
C LEU A 2102 -53.81 12.15 -14.22
N LYS A 2103 -54.38 13.31 -13.93
CA LYS A 2103 -53.59 14.50 -13.66
C LYS A 2103 -52.87 14.47 -12.32
N TYR A 2104 -53.19 13.52 -11.46
CA TYR A 2104 -52.52 13.44 -10.16
C TYR A 2104 -51.76 12.15 -9.94
N LEU A 2105 -52.05 11.08 -10.69
CA LEU A 2105 -51.34 9.82 -10.50
C LEU A 2105 -50.15 9.66 -11.44
N ILE A 2106 -50.22 10.20 -12.64
CA ILE A 2106 -49.09 10.24 -13.54
C ILE A 2106 -48.75 11.66 -13.98
N GLY A 2107 -49.30 12.66 -13.32
CA GLY A 2107 -48.95 14.05 -13.56
C GLY A 2107 -48.11 14.62 -12.44
N ALA A 2108 -48.41 14.22 -11.21
CA ALA A 2108 -47.61 14.62 -10.06
C ALA A 2108 -46.30 13.85 -9.96
N ALA A 2109 -46.07 12.88 -10.84
CA ALA A 2109 -44.83 12.09 -10.75
C ALA A 2109 -43.60 12.84 -11.26
N PRO A 2110 -43.64 13.54 -12.39
CA PRO A 2110 -42.41 14.23 -12.85
C PRO A 2110 -41.89 15.24 -11.84
N ILE A 2111 -40.59 15.19 -11.60
CA ILE A 2111 -39.90 15.98 -10.57
C ILE A 2111 -38.59 16.46 -11.16
N ALA A 2112 -38.16 17.66 -10.79
CA ALA A 2112 -36.91 18.23 -11.29
C ALA A 2112 -35.88 18.37 -10.19
N TYR A 2113 -34.62 18.10 -10.52
CA TYR A 2113 -33.48 18.27 -9.63
C TYR A 2113 -32.49 19.23 -10.28
N GLY A 2114 -32.08 20.25 -9.54
CA GLY A 2114 -31.08 21.16 -10.03
C GLY A 2114 -31.48 22.61 -9.98
N LEU A 2115 -30.97 23.39 -10.90
CA LEU A 2115 -31.29 24.80 -10.97
C LEU A 2115 -32.11 25.09 -12.23
N PRO A 2116 -33.00 26.09 -12.18
CA PRO A 2116 -33.83 26.39 -13.34
C PRO A 2116 -32.98 26.63 -14.57
N VAL A 2117 -33.43 26.07 -15.70
CA VAL A 2117 -32.75 26.25 -16.97
C VAL A 2117 -33.71 26.95 -17.92
N SER A 2118 -33.16 27.39 -19.05
CA SER A 2118 -33.96 28.07 -20.06
C SER A 2118 -33.36 27.80 -21.42
N LEU A 2119 -34.22 27.78 -22.43
CA LEU A 2119 -33.77 27.60 -23.79
C LEU A 2119 -33.02 28.85 -24.24
N ARG A 2120 -31.94 28.64 -24.99
CA ARG A 2120 -31.13 29.76 -25.46
C ARG A 2120 -31.69 30.31 -26.75
N TYR B 111 -64.42 3.08 -23.70
CA TYR B 111 -63.65 2.09 -22.96
C TYR B 111 -62.21 2.04 -23.45
N PRO B 112 -61.33 2.83 -22.84
CA PRO B 112 -59.94 2.87 -23.30
C PRO B 112 -59.21 1.59 -22.97
N GLU B 113 -58.39 1.14 -23.92
CA GLU B 113 -57.62 -0.08 -23.72
C GLU B 113 -56.60 0.10 -22.60
N ILE B 114 -56.09 -1.01 -22.10
CA ILE B 114 -55.13 -0.98 -21.00
C ILE B 114 -53.76 -0.57 -21.54
N GLU B 115 -53.12 0.37 -20.87
CA GLU B 115 -51.77 0.77 -21.23
C GLU B 115 -50.76 -0.14 -20.55
N LYS B 116 -49.50 -0.01 -20.98
CA LYS B 116 -48.44 -0.81 -20.40
C LYS B 116 -48.04 -0.26 -19.03
N PHE B 117 -47.27 -1.06 -18.29
CA PHE B 117 -46.82 -0.68 -16.96
C PHE B 117 -45.54 -1.47 -16.67
N PHE B 118 -44.40 -0.79 -16.70
CA PHE B 118 -43.08 -1.42 -16.54
C PHE B 118 -42.38 -0.87 -15.30
N PRO B 119 -42.64 -1.44 -14.12
CA PRO B 119 -42.05 -0.91 -12.91
C PRO B 119 -40.53 -1.08 -12.91
N PHE B 120 -39.86 -0.15 -12.22
CA PHE B 120 -38.41 -0.12 -12.18
C PHE B 120 -37.97 0.34 -10.81
N ASN B 121 -37.18 -0.47 -10.13
CA ASN B 121 -36.61 -0.04 -8.85
C ASN B 121 -35.39 0.84 -9.11
N PRO B 122 -35.32 2.02 -8.49
CA PRO B 122 -34.18 2.90 -8.76
C PRO B 122 -32.87 2.37 -8.25
N LEU B 123 -32.88 1.33 -7.42
CA LEU B 123 -31.64 0.75 -6.88
C LEU B 123 -31.06 -0.33 -7.77
N ASP B 124 -31.81 -0.83 -8.75
CA ASP B 124 -31.28 -1.86 -9.65
C ASP B 124 -30.29 -1.30 -10.65
N PHE B 125 -29.89 -0.04 -10.50
CA PHE B 125 -28.92 0.58 -11.38
C PHE B 125 -27.49 0.35 -10.94
N GLU B 126 -27.27 0.02 -9.68
CA GLU B 126 -25.91 -0.09 -9.15
C GLU B 126 -25.28 -1.42 -9.56
N SER B 127 -24.09 -1.33 -10.15
CA SER B 127 -23.26 -2.50 -10.42
C SER B 127 -22.03 -2.37 -9.53
N PHE B 128 -21.88 -3.29 -8.59
CA PHE B 128 -20.80 -3.21 -7.61
C PHE B 128 -19.44 -3.43 -8.26
N ASP B 129 -19.05 -2.54 -9.16
CA ASP B 129 -17.78 -2.62 -9.87
C ASP B 129 -16.88 -1.49 -9.41
N LEU B 130 -15.62 -1.82 -9.21
CA LEU B 130 -14.67 -0.82 -8.71
C LEU B 130 -14.07 -0.14 -9.92
N PRO B 131 -13.24 0.90 -9.79
CA PRO B 131 -12.80 1.69 -10.93
C PRO B 131 -11.63 1.23 -11.78
N GLU B 132 -11.13 0.02 -11.62
CA GLU B 132 -10.06 -0.54 -12.47
C GLU B 132 -8.71 -0.18 -11.88
N GLU B 133 -8.68 0.70 -10.89
CA GLU B 133 -7.41 1.00 -10.19
C GLU B 133 -7.59 0.32 -8.85
N HIS B 134 -8.79 -0.18 -8.61
CA HIS B 134 -9.06 -0.93 -7.36
C HIS B 134 -9.38 -2.39 -7.64
N GLN B 135 -9.05 -2.90 -8.83
CA GLN B 135 -9.40 -4.30 -9.22
C GLN B 135 -8.20 -5.23 -9.01
N ILE B 136 -8.34 -6.23 -8.14
CA ILE B 136 -7.21 -7.08 -7.80
C ILE B 136 -7.46 -8.52 -8.24
N ALA B 137 -8.66 -9.05 -8.02
CA ALA B 137 -8.91 -10.47 -8.17
C ALA B 137 -8.95 -10.93 -9.62
N HIS B 138 -9.08 -10.01 -10.59
CA HIS B 138 -9.11 -10.41 -11.98
C HIS B 138 -7.73 -10.49 -12.61
N LEU B 139 -6.68 -10.18 -11.84
CA LEU B 139 -5.32 -10.25 -12.34
C LEU B 139 -4.78 -11.67 -12.22
N PRO B 140 -3.86 -12.06 -13.10
CA PRO B 140 -3.27 -13.40 -13.00
C PRO B 140 -2.16 -13.43 -11.96
N LEU B 141 -2.52 -13.74 -10.72
CA LEU B 141 -1.54 -13.81 -9.63
C LEU B 141 -0.73 -15.11 -9.72
N SER B 142 0.02 -15.24 -10.81
CA SER B 142 0.77 -16.45 -11.11
C SER B 142 2.26 -16.13 -11.16
N GLY B 143 3.05 -16.90 -10.43
CA GLY B 143 4.48 -16.71 -10.42
C GLY B 143 5.05 -16.57 -9.02
N VAL B 144 6.24 -17.13 -8.79
CA VAL B 144 6.97 -16.96 -7.54
C VAL B 144 8.38 -16.50 -7.91
N PRO B 145 8.70 -15.22 -7.74
CA PRO B 145 9.85 -14.63 -8.46
C PRO B 145 11.20 -14.83 -7.78
N LEU B 146 11.64 -16.10 -7.74
CA LEU B 146 12.99 -16.47 -7.34
C LEU B 146 13.35 -16.08 -5.92
N MET B 147 14.51 -16.52 -5.46
CA MET B 147 14.99 -16.25 -4.10
C MET B 147 16.43 -15.74 -4.20
N ILE B 148 16.62 -14.46 -3.96
CA ILE B 148 17.93 -13.82 -4.08
C ILE B 148 18.53 -13.71 -2.70
N LEU B 149 19.63 -14.42 -2.46
CA LEU B 149 20.36 -14.40 -1.20
C LEU B 149 21.63 -13.59 -1.42
N ASP B 150 21.55 -12.27 -1.14
CA ASP B 150 22.66 -11.33 -1.41
C ASP B 150 24.02 -11.79 -0.89
N GLU B 151 25.09 -11.38 -1.56
CA GLU B 151 26.46 -11.82 -1.19
C GLU B 151 26.69 -11.63 0.31
N GLU B 152 26.89 -12.73 1.04
CA GLU B 152 27.22 -12.61 2.48
C GLU B 152 28.59 -11.93 2.59
N ARG B 153 29.52 -12.28 1.70
CA ARG B 153 30.87 -11.66 1.71
C ARG B 153 30.99 -10.69 0.51
N GLU B 154 31.34 -9.43 0.78
CA GLU B 154 31.56 -8.47 -0.32
C GLU B 154 33.04 -8.55 -0.73
N LEU B 155 33.34 -9.31 -1.79
CA LEU B 155 34.74 -9.49 -2.23
C LEU B 155 35.31 -8.14 -2.69
N GLU B 156 34.44 -7.15 -2.92
CA GLU B 156 34.89 -5.83 -3.42
C GLU B 156 36.13 -5.37 -2.63
N LYS B 157 36.19 -5.63 -1.33
CA LYS B 157 37.33 -5.16 -0.50
C LYS B 157 38.29 -6.33 -0.23
N LEU B 158 38.56 -7.15 -1.25
CA LEU B 158 39.46 -8.33 -1.06
C LEU B 158 40.66 -8.21 -2.02
N PHE B 159 40.94 -7.01 -2.51
CA PHE B 159 42.04 -6.86 -3.51
C PHE B 159 42.98 -5.74 -3.07
N GLN B 160 43.74 -5.97 -2.00
CA GLN B 160 44.70 -4.96 -1.48
C GLN B 160 45.74 -5.70 -0.62
N LEU B 161 47.03 -5.46 -0.87
CA LEU B 161 48.09 -6.07 -0.03
C LEU B 161 49.14 -5.02 0.33
N GLY B 162 49.15 -3.89 -0.39
CA GLY B 162 50.08 -2.79 -0.05
C GLY B 162 51.53 -3.22 -0.05
N PRO B 163 52.30 -2.93 1.03
CA PRO B 163 53.73 -3.23 1.05
C PRO B 163 54.06 -4.70 1.11
N PRO B 164 55.22 -5.13 0.55
CA PRO B 164 55.64 -6.52 0.64
C PRO B 164 56.11 -6.80 2.06
N SER B 165 55.16 -6.93 2.99
CA SER B 165 55.50 -7.21 4.40
C SER B 165 56.20 -8.57 4.50
N PRO B 166 57.30 -8.69 5.28
CA PRO B 166 57.96 -9.98 5.46
C PRO B 166 57.06 -10.94 6.21
#